data_6GKG
#
_entry.id   6GKG
#
_cell.length_a   121.987
_cell.length_b   121.987
_cell.length_c   311.004
_cell.angle_alpha   90.00
_cell.angle_beta   90.00
_cell.angle_gamma   90.00
#
_symmetry.space_group_name_H-M   'P 41 21 2'
#
loop_
_entity.id
_entity.type
_entity.pdbx_description
1 polymer '14-3-3 protein gamma'
2 polymer Caspase-2
#
loop_
_entity_poly.entity_id
_entity_poly.type
_entity_poly.pdbx_seq_one_letter_code
_entity_poly.pdbx_strand_id
1 'polypeptide(L)'
;MVDREQLVQKARLAEQAERYDDMAAAMKNVTELNEPLSNEERNLLSVAYKNVVGARRSSWRVISSIEQKTSADGNEKKIE
MVRAYREKIEKELEAVCQDVLSLLDNYLIKNCSETQYESKVFYLKMKGDYYRYLAEVATGEKRATVVESSEKAYSEAHEI
SKEHMQPTHPIRLGLALNYSVFYYEIQNAPEQACHLAKTAFDDAIAELDTLNEDSYKDSTLIMQLLRDNLTLWT
;
A,B,C,D,E,F,G,H
2 'polypeptide(L)' VEH(SEP)LDNK I,J,K,L,M,N
#
# COMPACT_ATOMS: atom_id res chain seq x y z
N VAL A 2 13.45 7.93 3.53
CA VAL A 2 13.60 8.92 2.47
C VAL A 2 12.24 9.33 1.91
N ASP A 3 11.98 10.63 1.89
CA ASP A 3 10.70 11.14 1.44
C ASP A 3 10.48 10.87 -0.05
N ARG A 4 9.21 10.90 -0.46
CA ARG A 4 8.89 10.70 -1.87
C ARG A 4 9.45 11.81 -2.73
N GLU A 5 9.36 13.05 -2.26
CA GLU A 5 9.93 14.18 -3.01
C GLU A 5 11.43 14.06 -3.16
N GLN A 6 12.10 13.44 -2.18
CA GLN A 6 13.54 13.23 -2.30
C GLN A 6 13.87 12.19 -3.36
N LEU A 7 13.03 11.16 -3.48
CA LEU A 7 13.24 10.15 -4.51
C LEU A 7 13.10 10.75 -5.90
N VAL A 8 12.11 11.62 -6.08
CA VAL A 8 11.94 12.29 -7.37
C VAL A 8 13.08 13.26 -7.62
N GLN A 9 13.56 13.94 -6.58
CA GLN A 9 14.70 14.83 -6.74
C GLN A 9 15.96 14.05 -7.12
N LYS A 10 16.15 12.87 -6.52
CA LYS A 10 17.29 12.04 -6.90
C LYS A 10 17.18 11.57 -8.34
N ALA A 11 15.96 11.33 -8.82
CA ALA A 11 15.78 10.92 -10.21
C ALA A 11 16.12 12.05 -11.17
N ARG A 12 15.67 13.28 -10.87
CA ARG A 12 16.05 14.42 -11.68
C ARG A 12 17.56 14.67 -11.61
N LEU A 13 18.14 14.47 -10.43
CA LEU A 13 19.58 14.61 -10.29
C LEU A 13 20.32 13.53 -11.06
N ALA A 14 19.83 12.29 -11.00
CA ALA A 14 20.45 11.20 -11.74
C ALA A 14 20.34 11.42 -13.25
N GLU A 15 19.27 12.09 -13.70
CA GLU A 15 19.11 12.33 -15.12
C GLU A 15 20.15 13.30 -15.65
N GLN A 16 20.37 14.41 -14.93
CA GLN A 16 21.37 15.37 -15.36
C GLN A 16 22.77 14.80 -15.29
N ALA A 17 23.05 13.95 -14.31
CA ALA A 17 24.34 13.27 -14.21
C ALA A 17 24.45 12.08 -15.16
N GLU A 18 23.45 11.85 -16.00
CA GLU A 18 23.45 10.77 -17.00
C GLU A 18 23.62 9.40 -16.34
N ARG A 19 23.19 9.27 -15.08
CA ARG A 19 23.22 7.98 -14.38
C ARG A 19 21.81 7.41 -14.43
N TYR A 20 21.50 6.78 -15.56
CA TYR A 20 20.14 6.32 -15.82
C TYR A 20 19.78 5.05 -15.07
N ASP A 21 20.77 4.29 -14.60
CA ASP A 21 20.46 3.13 -13.77
C ASP A 21 19.92 3.55 -12.42
N ASP A 22 20.55 4.54 -11.79
CA ASP A 22 20.05 5.06 -10.51
C ASP A 22 18.72 5.77 -10.70
N MET A 23 18.54 6.45 -11.83
CA MET A 23 17.27 7.13 -12.11
C MET A 23 16.12 6.15 -12.15
N ALA A 24 16.36 4.95 -12.72
CA ALA A 24 15.30 3.95 -12.78
C ALA A 24 15.01 3.37 -11.40
N ALA A 25 16.06 3.16 -10.60
CA ALA A 25 15.85 2.65 -9.25
C ALA A 25 15.09 3.65 -8.39
N ALA A 26 15.36 4.95 -8.58
CA ALA A 26 14.65 5.96 -7.83
C ALA A 26 13.18 6.00 -8.22
N MET A 27 12.88 6.06 -9.52
CA MET A 27 11.49 6.08 -9.97
C MET A 27 10.79 4.76 -9.71
N LYS A 28 11.53 3.65 -9.62
CA LYS A 28 10.93 2.39 -9.19
C LYS A 28 10.50 2.47 -7.73
N ASN A 29 11.31 3.13 -6.89
CA ASN A 29 10.92 3.33 -5.50
C ASN A 29 9.69 4.21 -5.39
N VAL A 30 9.57 5.22 -6.27
CA VAL A 30 8.37 6.05 -6.29
C VAL A 30 7.17 5.21 -6.72
N THR A 31 7.36 4.36 -7.73
CA THR A 31 6.27 3.51 -8.19
C THR A 31 5.81 2.55 -7.09
N GLU A 32 6.75 1.98 -6.34
CA GLU A 32 6.44 1.01 -5.30
C GLU A 32 5.71 1.63 -4.10
N LEU A 33 5.50 2.94 -4.09
CA LEU A 33 4.73 3.58 -3.02
C LEU A 33 3.23 3.41 -3.19
N ASN A 34 2.79 2.70 -4.23
CA ASN A 34 1.38 2.41 -4.49
C ASN A 34 0.55 3.67 -4.70
N GLU A 35 1.20 4.79 -5.00
CA GLU A 35 0.49 6.02 -5.31
C GLU A 35 0.63 6.35 -6.80
N PRO A 36 -0.41 6.93 -7.41
CA PRO A 36 -0.33 7.26 -8.83
C PRO A 36 0.79 8.24 -9.12
N LEU A 37 1.26 8.23 -10.37
CA LEU A 37 2.34 9.09 -10.81
C LEU A 37 1.79 10.29 -11.57
N SER A 38 2.35 11.46 -11.29
CA SER A 38 2.00 12.65 -12.03
C SER A 38 2.52 12.56 -13.46
N ASN A 39 2.11 13.52 -14.29
CA ASN A 39 2.56 13.52 -15.68
C ASN A 39 4.07 13.68 -15.78
N GLU A 40 4.68 14.41 -14.84
CA GLU A 40 6.13 14.54 -14.84
C GLU A 40 6.79 13.25 -14.37
N GLU A 41 6.36 12.71 -13.23
CA GLU A 41 6.94 11.48 -12.72
C GLU A 41 6.69 10.31 -13.67
N ARG A 42 5.61 10.37 -14.45
CA ARG A 42 5.36 9.33 -15.45
C ARG A 42 6.44 9.35 -16.52
N ASN A 43 6.84 10.53 -16.99
CA ASN A 43 7.88 10.61 -18.00
C ASN A 43 9.26 10.33 -17.42
N LEU A 44 9.49 10.65 -16.15
CA LEU A 44 10.77 10.36 -15.52
C LEU A 44 11.01 8.86 -15.45
N LEU A 45 9.99 8.09 -15.09
CA LEU A 45 10.12 6.63 -15.08
C LEU A 45 10.32 6.09 -16.48
N SER A 46 9.57 6.61 -17.46
CA SER A 46 9.69 6.13 -18.82
C SER A 46 11.07 6.44 -19.40
N VAL A 47 11.54 7.67 -19.22
CA VAL A 47 12.85 8.06 -19.74
C VAL A 47 13.94 7.22 -19.12
N ALA A 48 13.83 6.91 -17.83
CA ALA A 48 14.87 6.16 -17.14
C ALA A 48 15.02 4.76 -17.73
N TYR A 49 13.94 4.00 -17.77
CA TYR A 49 14.02 2.62 -18.26
C TYR A 49 14.24 2.56 -19.76
N LYS A 50 13.80 3.60 -20.50
CA LYS A 50 14.09 3.63 -21.93
C LYS A 50 15.58 3.76 -22.19
N ASN A 51 16.31 4.46 -21.32
CA ASN A 51 17.75 4.58 -21.47
C ASN A 51 18.47 3.32 -20.98
N VAL A 52 17.96 2.70 -19.92
CA VAL A 52 18.59 1.50 -19.38
C VAL A 52 18.46 0.35 -20.38
N VAL A 53 17.24 0.08 -20.84
CA VAL A 53 17.05 -1.00 -21.82
C VAL A 53 17.60 -0.59 -23.17
N GLY A 54 17.59 0.72 -23.48
CA GLY A 54 18.15 1.17 -24.74
C GLY A 54 19.65 0.95 -24.84
N ALA A 55 20.36 1.04 -23.72
CA ALA A 55 21.79 0.78 -23.72
C ALA A 55 22.08 -0.69 -24.01
N ARG A 56 21.24 -1.59 -23.50
CA ARG A 56 21.42 -3.01 -23.78
C ARG A 56 20.83 -3.43 -25.12
N ARG A 57 19.86 -2.66 -25.66
CA ARG A 57 19.41 -2.90 -27.02
C ARG A 57 20.51 -2.59 -28.02
N SER A 58 21.21 -1.47 -27.83
CA SER A 58 22.29 -1.11 -28.75
C SER A 58 23.45 -2.09 -28.65
N SER A 59 23.75 -2.57 -27.45
CA SER A 59 24.84 -3.52 -27.28
C SER A 59 24.50 -4.86 -27.92
N TRP A 60 23.26 -5.31 -27.77
CA TRP A 60 22.86 -6.59 -28.34
C TRP A 60 22.95 -6.57 -29.86
N ARG A 61 22.46 -5.51 -30.49
CA ARG A 61 22.51 -5.42 -31.94
C ARG A 61 23.93 -5.39 -32.46
N VAL A 62 24.86 -4.80 -31.72
CA VAL A 62 26.26 -4.78 -32.13
C VAL A 62 26.87 -6.16 -32.02
N ILE A 63 26.62 -6.85 -30.91
CA ILE A 63 27.18 -8.19 -30.71
C ILE A 63 26.51 -9.20 -31.64
N SER A 64 25.19 -9.10 -31.80
CA SER A 64 24.48 -10.06 -32.65
C SER A 64 24.91 -9.93 -34.11
N SER A 65 25.20 -8.70 -34.55
CA SER A 65 25.70 -8.52 -35.91
C SER A 65 27.05 -9.18 -36.09
N ILE A 66 27.93 -9.05 -35.09
CA ILE A 66 29.22 -9.73 -35.13
C ILE A 66 29.04 -11.24 -35.06
N GLU A 67 28.04 -11.70 -34.31
CA GLU A 67 27.76 -13.14 -34.24
C GLU A 67 27.40 -13.70 -35.61
N GLN A 68 26.57 -12.98 -36.36
CA GLN A 68 26.27 -13.39 -37.73
C GLN A 68 27.46 -13.18 -38.66
N LYS A 69 28.38 -12.28 -38.30
CA LYS A 69 29.59 -12.06 -39.09
C LYS A 69 30.70 -13.04 -38.75
N THR A 70 30.77 -13.50 -37.50
CA THR A 70 31.79 -14.46 -37.09
C THR A 70 31.42 -15.89 -37.43
N SER A 71 30.16 -16.16 -37.81
CA SER A 71 29.76 -17.53 -38.12
C SER A 71 30.51 -18.09 -39.31
N ALA A 72 31.01 -17.23 -40.19
CA ALA A 72 31.83 -17.66 -41.32
C ALA A 72 33.27 -17.95 -40.92
N ASP A 73 33.69 -17.60 -39.71
CA ASP A 73 35.06 -17.87 -39.29
C ASP A 73 35.27 -19.35 -39.02
N GLY A 74 34.36 -19.97 -38.26
CA GLY A 74 34.45 -21.37 -37.93
C GLY A 74 35.22 -21.69 -36.67
N ASN A 75 35.86 -20.70 -36.04
CA ASN A 75 36.61 -20.92 -34.81
C ASN A 75 35.63 -21.18 -33.68
N GLU A 76 35.50 -22.44 -33.28
CA GLU A 76 34.55 -22.81 -32.23
C GLU A 76 34.88 -22.12 -30.91
N LYS A 77 36.16 -21.89 -30.63
CA LYS A 77 36.53 -21.20 -29.40
C LYS A 77 36.10 -19.74 -29.43
N LYS A 78 36.16 -19.11 -30.62
CA LYS A 78 35.74 -17.72 -30.76
C LYS A 78 34.24 -17.58 -30.98
N ILE A 79 33.60 -18.57 -31.60
CA ILE A 79 32.16 -18.50 -31.82
C ILE A 79 31.41 -18.67 -30.51
N GLU A 80 31.84 -19.62 -29.68
CA GLU A 80 31.18 -19.83 -28.40
C GLU A 80 31.38 -18.65 -27.46
N MET A 81 32.48 -17.90 -27.62
CA MET A 81 32.71 -16.74 -26.78
C MET A 81 31.79 -15.58 -27.17
N VAL A 82 31.56 -15.39 -28.46
CA VAL A 82 30.63 -14.36 -28.90
C VAL A 82 29.20 -14.77 -28.56
N ARG A 83 28.87 -16.05 -28.71
CA ARG A 83 27.53 -16.53 -28.37
C ARG A 83 27.25 -16.36 -26.89
N ALA A 84 28.22 -16.65 -26.04
CA ALA A 84 28.03 -16.49 -24.60
C ALA A 84 27.88 -15.02 -24.22
N TYR A 85 28.63 -14.13 -24.87
CA TYR A 85 28.51 -12.71 -24.58
C TYR A 85 27.17 -12.17 -25.06
N ARG A 86 26.76 -12.53 -26.28
CA ARG A 86 25.44 -12.14 -26.77
C ARG A 86 24.34 -12.63 -25.84
N GLU A 87 24.55 -13.78 -25.20
CA GLU A 87 23.55 -14.31 -24.28
C GLU A 87 23.53 -13.52 -22.97
N LYS A 88 24.70 -13.08 -22.50
CA LYS A 88 24.76 -12.33 -21.24
C LYS A 88 24.04 -10.99 -21.38
N ILE A 89 24.28 -10.27 -22.48
CA ILE A 89 23.55 -9.03 -22.71
C ILE A 89 22.07 -9.30 -22.91
N GLU A 90 21.72 -10.45 -23.49
CA GLU A 90 20.32 -10.82 -23.66
C GLU A 90 19.63 -10.95 -22.31
N LYS A 91 20.27 -11.64 -21.37
CA LYS A 91 19.69 -11.81 -20.04
C LYS A 91 19.49 -10.48 -19.35
N GLU A 92 20.47 -9.56 -19.48
CA GLU A 92 20.32 -8.24 -18.87
C GLU A 92 19.17 -7.47 -19.51
N LEU A 93 19.03 -7.57 -20.83
CA LEU A 93 17.93 -6.90 -21.51
C LEU A 93 16.58 -7.47 -21.08
N GLU A 94 16.51 -8.78 -20.86
CA GLU A 94 15.25 -9.40 -20.46
C GLU A 94 14.90 -9.08 -19.02
N ALA A 95 15.90 -9.04 -18.13
CA ALA A 95 15.65 -8.72 -16.73
C ALA A 95 15.10 -7.31 -16.58
N VAL A 96 15.61 -6.36 -17.36
CA VAL A 96 15.10 -4.99 -17.32
C VAL A 96 13.65 -4.96 -17.78
N CYS A 97 13.34 -5.69 -18.86
CA CYS A 97 11.98 -5.66 -19.41
C CYS A 97 10.98 -6.26 -18.43
N GLN A 98 11.26 -7.45 -17.91
CA GLN A 98 10.35 -8.05 -16.94
C GLN A 98 10.31 -7.27 -15.63
N ASP A 99 11.28 -6.38 -15.40
CA ASP A 99 11.21 -5.48 -14.26
C ASP A 99 10.21 -4.35 -14.51
N VAL A 100 10.23 -3.77 -15.71
CA VAL A 100 9.25 -2.72 -16.05
C VAL A 100 7.85 -3.31 -16.12
N LEU A 101 7.70 -4.47 -16.74
CA LEU A 101 6.39 -5.11 -16.85
C LEU A 101 5.83 -5.45 -15.47
N SER A 102 6.70 -5.73 -14.51
CA SER A 102 6.24 -5.99 -13.14
C SER A 102 5.65 -4.72 -12.53
N LEU A 103 6.35 -3.58 -12.70
CA LEU A 103 5.83 -2.33 -12.17
C LEU A 103 4.54 -1.93 -12.88
N LEU A 104 4.44 -2.20 -14.18
CA LEU A 104 3.25 -1.81 -14.93
C LEU A 104 2.04 -2.63 -14.52
N ASP A 105 2.19 -3.95 -14.44
CA ASP A 105 1.05 -4.81 -14.13
C ASP A 105 0.65 -4.73 -12.66
N ASN A 106 1.63 -4.68 -11.75
CA ASN A 106 1.34 -4.76 -10.33
C ASN A 106 1.00 -3.41 -9.70
N TYR A 107 1.56 -2.32 -10.21
CA TYR A 107 1.38 -1.01 -9.59
C TYR A 107 0.71 0.01 -10.50
N LEU A 108 1.21 0.17 -11.73
CA LEU A 108 0.82 1.33 -12.53
C LEU A 108 -0.54 1.14 -13.18
N ILE A 109 -0.71 0.09 -14.00
CA ILE A 109 -1.99 -0.14 -14.65
C ILE A 109 -3.05 -0.52 -13.63
N LYS A 110 -2.65 -1.16 -12.53
CA LYS A 110 -3.62 -1.57 -11.51
C LYS A 110 -4.21 -0.37 -10.79
N ASN A 111 -3.35 0.54 -10.31
CA ASN A 111 -3.79 1.72 -9.57
C ASN A 111 -4.33 2.82 -10.48
N CYS A 112 -4.53 2.54 -11.77
CA CYS A 112 -5.07 3.52 -12.69
C CYS A 112 -6.59 3.56 -12.55
N SER A 113 -7.12 4.72 -12.19
CA SER A 113 -8.57 4.89 -12.14
C SER A 113 -9.16 4.70 -13.53
N GLU A 114 -10.29 4.00 -13.60
CA GLU A 114 -10.92 3.73 -14.88
C GLU A 114 -11.38 5.00 -15.60
N THR A 115 -11.40 6.14 -14.92
CA THR A 115 -11.74 7.40 -15.55
C THR A 115 -10.53 8.13 -16.13
N GLN A 116 -9.32 7.77 -15.71
CA GLN A 116 -8.09 8.39 -16.22
C GLN A 116 -7.61 7.54 -17.40
N TYR A 117 -7.97 7.97 -18.61
CA TYR A 117 -7.61 7.25 -19.82
C TYR A 117 -6.24 7.64 -20.36
N GLU A 118 -5.77 8.85 -20.05
CA GLU A 118 -4.46 9.27 -20.56
C GLU A 118 -3.34 8.44 -19.95
N SER A 119 -3.43 8.13 -18.66
CA SER A 119 -2.42 7.29 -18.02
C SER A 119 -2.58 5.82 -18.39
N LYS A 120 -3.81 5.36 -18.59
CA LYS A 120 -4.01 3.96 -18.96
C LYS A 120 -3.47 3.68 -20.35
N VAL A 121 -3.64 4.61 -21.29
CA VAL A 121 -3.08 4.44 -22.62
C VAL A 121 -1.56 4.56 -22.57
N PHE A 122 -1.05 5.46 -21.72
CA PHE A 122 0.39 5.63 -21.57
C PHE A 122 1.03 4.32 -21.09
N TYR A 123 0.46 3.70 -20.08
CA TYR A 123 1.06 2.51 -19.49
C TYR A 123 0.87 1.30 -20.39
N LEU A 124 -0.29 1.18 -21.04
CA LEU A 124 -0.51 0.05 -21.93
C LEU A 124 0.39 0.11 -23.14
N LYS A 125 0.62 1.33 -23.67
CA LYS A 125 1.62 1.48 -24.74
C LYS A 125 3.01 1.14 -24.23
N MET A 126 3.34 1.60 -23.02
CA MET A 126 4.63 1.26 -22.42
C MET A 126 4.76 -0.24 -22.22
N LYS A 127 3.66 -0.91 -21.89
CA LYS A 127 3.68 -2.36 -21.74
C LYS A 127 3.94 -3.05 -23.08
N GLY A 128 3.33 -2.54 -24.15
CA GLY A 128 3.57 -3.10 -25.46
C GLY A 128 4.96 -2.80 -26.00
N ASP A 129 5.57 -1.70 -25.53
CA ASP A 129 6.92 -1.37 -25.96
C ASP A 129 7.94 -2.39 -25.45
N TYR A 130 7.86 -2.73 -24.16
CA TYR A 130 8.86 -3.61 -23.57
C TYR A 130 8.64 -5.07 -23.90
N TYR A 131 7.43 -5.47 -24.28
CA TYR A 131 7.25 -6.80 -24.86
C TYR A 131 7.76 -6.84 -26.29
N ARG A 132 7.78 -5.69 -26.98
CA ARG A 132 8.38 -5.62 -28.31
C ARG A 132 9.90 -5.71 -28.23
N TYR A 133 10.49 -5.12 -27.19
CA TYR A 133 11.93 -5.25 -26.99
C TYR A 133 12.33 -6.68 -26.69
N LEU A 134 11.47 -7.42 -26.00
CA LEU A 134 11.73 -8.84 -25.78
C LEU A 134 11.67 -9.63 -27.07
N ALA A 135 10.71 -9.31 -27.94
CA ALA A 135 10.57 -9.98 -29.22
C ALA A 135 11.73 -9.65 -30.16
N GLU A 136 12.45 -8.57 -29.92
CA GLU A 136 13.59 -8.23 -30.77
C GLU A 136 14.73 -9.22 -30.61
N VAL A 137 14.81 -9.89 -29.47
CA VAL A 137 15.90 -10.81 -29.17
C VAL A 137 15.42 -12.24 -28.96
N ALA A 138 14.14 -12.52 -29.13
CA ALA A 138 13.58 -13.84 -28.89
C ALA A 138 13.42 -14.61 -30.19
N THR A 139 13.44 -15.94 -30.08
CA THR A 139 13.24 -16.83 -31.21
C THR A 139 12.22 -17.89 -30.82
N GLY A 140 11.82 -18.68 -31.82
CA GLY A 140 10.95 -19.83 -31.64
C GLY A 140 9.63 -19.47 -30.98
N GLU A 141 9.13 -20.40 -30.16
CA GLU A 141 7.89 -20.18 -29.43
C GLU A 141 8.02 -19.11 -28.36
N LYS A 142 9.24 -18.88 -27.85
CA LYS A 142 9.44 -17.78 -26.92
C LYS A 142 9.16 -16.44 -27.57
N ARG A 143 9.51 -16.29 -28.85
CA ARG A 143 9.21 -15.07 -29.57
C ARG A 143 7.72 -14.95 -29.86
N ALA A 144 7.07 -16.04 -30.25
CA ALA A 144 5.64 -16.00 -30.53
C ALA A 144 4.84 -15.61 -29.29
N THR A 145 5.34 -15.95 -28.09
CA THR A 145 4.62 -15.61 -26.87
C THR A 145 4.71 -14.11 -26.58
N VAL A 146 5.92 -13.54 -26.65
CA VAL A 146 6.09 -12.13 -26.35
C VAL A 146 5.54 -11.25 -27.46
N VAL A 147 5.42 -11.77 -28.68
CA VAL A 147 4.76 -11.02 -29.75
C VAL A 147 3.26 -10.93 -29.50
N GLU A 148 2.67 -12.04 -29.04
CA GLU A 148 1.24 -12.04 -28.73
C GLU A 148 0.93 -11.10 -27.58
N SER A 149 1.80 -11.05 -26.57
CA SER A 149 1.58 -10.14 -25.45
C SER A 149 1.76 -8.69 -25.88
N SER A 150 2.70 -8.43 -26.79
CA SER A 150 2.92 -7.06 -27.27
C SER A 150 1.71 -6.58 -28.07
N GLU A 151 1.16 -7.44 -28.92
CA GLU A 151 -0.02 -7.04 -29.70
C GLU A 151 -1.22 -6.81 -28.79
N LYS A 152 -1.34 -7.57 -27.72
CA LYS A 152 -2.48 -7.44 -26.82
C LYS A 152 -2.44 -6.12 -26.06
N ALA A 153 -1.25 -5.71 -25.59
CA ALA A 153 -1.14 -4.46 -24.87
C ALA A 153 -1.35 -3.26 -25.81
N TYR A 154 -0.86 -3.36 -27.04
CA TYR A 154 -1.05 -2.29 -28.01
C TYR A 154 -2.52 -2.17 -28.40
N SER A 155 -3.14 -3.28 -28.79
CA SER A 155 -4.53 -3.25 -29.24
C SER A 155 -5.46 -2.73 -28.15
N GLU A 156 -5.22 -3.12 -26.89
CA GLU A 156 -6.02 -2.59 -25.79
C GLU A 156 -5.80 -1.09 -25.63
N ALA A 157 -4.58 -0.61 -25.89
CA ALA A 157 -4.32 0.83 -25.79
C ALA A 157 -4.91 1.59 -26.96
N HIS A 158 -4.93 0.97 -28.15
CA HIS A 158 -5.46 1.67 -29.32
C HIS A 158 -6.97 1.83 -29.24
N GLU A 159 -7.67 0.85 -28.66
CA GLU A 159 -9.12 0.93 -28.56
C GLU A 159 -9.55 2.00 -27.55
N ILE A 160 -8.80 2.15 -26.46
CA ILE A 160 -9.14 3.17 -25.47
C ILE A 160 -8.87 4.56 -26.01
N SER A 161 -7.79 4.72 -26.79
CA SER A 161 -7.44 6.03 -27.31
C SER A 161 -8.43 6.50 -28.38
N LYS A 162 -9.02 5.58 -29.13
CA LYS A 162 -9.95 5.94 -30.18
C LYS A 162 -11.32 6.34 -29.65
N GLU A 163 -11.58 6.18 -28.35
CA GLU A 163 -12.88 6.47 -27.78
C GLU A 163 -12.87 7.60 -26.75
N HIS A 164 -11.75 7.84 -26.06
CA HIS A 164 -11.70 8.86 -25.02
C HIS A 164 -10.57 9.86 -25.19
N MET A 165 -9.82 9.80 -26.29
CA MET A 165 -8.69 10.70 -26.49
C MET A 165 -8.81 11.39 -27.84
N GLN A 166 -8.22 12.58 -27.93
CA GLN A 166 -8.23 13.33 -29.17
C GLN A 166 -7.23 12.73 -30.16
N PRO A 167 -7.55 12.75 -31.47
CA PRO A 167 -6.61 12.19 -32.44
C PRO A 167 -5.27 12.91 -32.48
N THR A 168 -5.22 14.17 -32.06
CA THR A 168 -3.99 14.95 -32.05
C THR A 168 -3.24 14.85 -30.72
N HIS A 169 -3.74 14.07 -29.78
CA HIS A 169 -3.07 13.95 -28.49
C HIS A 169 -1.71 13.27 -28.66
N PRO A 170 -0.66 13.78 -28.03
CA PRO A 170 0.68 13.19 -28.21
C PRO A 170 0.76 11.73 -27.77
N ILE A 171 -0.01 11.34 -26.76
CA ILE A 171 0.07 9.96 -26.29
C ILE A 171 -0.63 9.01 -27.26
N ARG A 172 -1.77 9.43 -27.81
CA ARG A 172 -2.43 8.62 -28.83
C ARG A 172 -1.60 8.59 -30.12
N LEU A 173 -0.98 9.72 -30.46
CA LEU A 173 -0.14 9.77 -31.65
C LEU A 173 1.11 8.91 -31.47
N GLY A 174 1.76 9.00 -30.31
CA GLY A 174 2.93 8.18 -30.06
C GLY A 174 2.61 6.69 -30.00
N LEU A 175 1.42 6.35 -29.50
CA LEU A 175 1.02 4.94 -29.46
C LEU A 175 0.88 4.37 -30.86
N ALA A 176 0.25 5.11 -31.76
CA ALA A 176 0.09 4.64 -33.13
C ALA A 176 1.42 4.57 -33.87
N LEU A 177 2.37 5.43 -33.50
CA LEU A 177 3.70 5.37 -34.10
C LEU A 177 4.40 4.07 -33.74
N ASN A 178 4.43 3.73 -32.45
CA ASN A 178 5.09 2.50 -32.03
C ASN A 178 4.31 1.27 -32.46
N TYR A 179 2.98 1.37 -32.48
CA TYR A 179 2.16 0.23 -32.93
C TYR A 179 2.43 -0.09 -34.39
N SER A 180 2.53 0.94 -35.23
CA SER A 180 2.86 0.70 -36.64
C SER A 180 4.26 0.13 -36.79
N VAL A 181 5.19 0.58 -35.94
CA VAL A 181 6.54 0.02 -35.96
C VAL A 181 6.51 -1.45 -35.58
N PHE A 182 5.63 -1.81 -34.64
CA PHE A 182 5.51 -3.20 -34.23
C PHE A 182 5.09 -4.09 -35.39
N TYR A 183 4.19 -3.59 -36.25
CA TYR A 183 3.74 -4.38 -37.39
C TYR A 183 4.82 -4.48 -38.46
N TYR A 184 5.71 -3.50 -38.54
CA TYR A 184 6.74 -3.49 -39.57
C TYR A 184 8.00 -4.23 -39.16
N GLU A 185 8.54 -3.91 -37.98
CA GLU A 185 9.82 -4.48 -37.57
C GLU A 185 9.67 -5.87 -36.95
N ILE A 186 8.54 -6.16 -36.33
CA ILE A 186 8.33 -7.42 -35.62
C ILE A 186 7.47 -8.39 -36.43
N GLN A 187 6.34 -7.93 -36.92
CA GLN A 187 5.45 -8.79 -37.70
C GLN A 187 5.73 -8.75 -39.20
N ASN A 188 6.56 -7.82 -39.66
CA ASN A 188 6.89 -7.68 -41.07
C ASN A 188 5.63 -7.53 -41.92
N ALA A 189 4.79 -6.57 -41.55
CA ALA A 189 3.53 -6.28 -42.23
C ALA A 189 3.55 -4.80 -42.64
N PRO A 190 4.22 -4.47 -43.74
CA PRO A 190 4.28 -3.06 -44.16
C PRO A 190 2.91 -2.50 -44.53
N GLU A 191 2.03 -3.31 -45.12
CA GLU A 191 0.69 -2.85 -45.42
C GLU A 191 -0.09 -2.53 -44.16
N GLN A 192 0.03 -3.39 -43.13
CA GLN A 192 -0.64 -3.11 -41.87
C GLN A 192 0.04 -1.98 -41.13
N ALA A 193 1.36 -1.87 -41.24
CA ALA A 193 2.08 -0.77 -40.60
C ALA A 193 1.71 0.56 -41.23
N CYS A 194 1.57 0.60 -42.57
CA CYS A 194 1.25 1.85 -43.23
C CYS A 194 -0.21 2.24 -43.01
N HIS A 195 -1.12 1.26 -43.01
CA HIS A 195 -2.53 1.58 -42.79
C HIS A 195 -2.77 2.17 -41.41
N LEU A 196 -2.02 1.70 -40.41
CA LEU A 196 -2.17 2.23 -39.06
C LEU A 196 -1.52 3.59 -38.92
N ALA A 197 -0.33 3.78 -39.49
CA ALA A 197 0.34 5.06 -39.39
C ALA A 197 -0.41 6.14 -40.17
N LYS A 198 -0.91 5.81 -41.35
CA LYS A 198 -1.62 6.79 -42.16
C LYS A 198 -2.96 7.17 -41.52
N THR A 199 -3.69 6.19 -40.98
CA THR A 199 -4.98 6.47 -40.37
C THR A 199 -4.84 7.42 -39.19
N ALA A 200 -3.86 7.18 -38.32
CA ALA A 200 -3.63 8.08 -37.20
C ALA A 200 -3.19 9.46 -37.67
N PHE A 201 -2.46 9.52 -38.79
CA PHE A 201 -2.11 10.82 -39.36
C PHE A 201 -3.33 11.50 -39.96
N ASP A 202 -4.20 10.74 -40.62
CA ASP A 202 -5.41 11.32 -41.21
C ASP A 202 -6.38 11.77 -40.14
N ASP A 203 -6.51 11.00 -39.06
CA ASP A 203 -7.43 11.38 -37.98
C ASP A 203 -6.99 12.67 -37.30
N ALA A 204 -5.69 12.86 -37.13
CA ALA A 204 -5.19 14.08 -36.50
C ALA A 204 -5.40 15.28 -37.40
N ILE A 205 -5.21 15.11 -38.71
CA ILE A 205 -5.42 16.22 -39.64
C ILE A 205 -6.90 16.60 -39.69
N ALA A 206 -7.78 15.60 -39.63
CA ALA A 206 -9.22 15.88 -39.66
C ALA A 206 -9.69 16.66 -38.45
N GLU A 207 -8.96 16.60 -37.34
CA GLU A 207 -9.29 17.34 -36.12
C GLU A 207 -8.10 18.17 -35.68
N LEU A 208 -7.41 18.81 -36.63
CA LEU A 208 -6.25 19.62 -36.31
C LEU A 208 -6.60 20.84 -35.49
N ASP A 209 -7.86 21.29 -35.51
CA ASP A 209 -8.27 22.41 -34.68
C ASP A 209 -8.23 22.08 -33.20
N THR A 210 -8.23 20.80 -32.84
CA THR A 210 -8.15 20.37 -31.45
C THR A 210 -6.73 20.37 -30.90
N LEU A 211 -5.78 20.96 -31.62
CA LEU A 211 -4.40 21.02 -31.15
C LEU A 211 -4.32 21.88 -29.89
N ASN A 212 -3.85 21.29 -28.79
CA ASN A 212 -3.72 22.03 -27.55
C ASN A 212 -2.64 23.10 -27.68
N GLU A 213 -2.87 24.24 -27.02
CA GLU A 213 -1.93 25.35 -27.08
C GLU A 213 -0.58 25.01 -26.46
N ASP A 214 -0.48 23.93 -25.70
CA ASP A 214 0.77 23.52 -25.07
C ASP A 214 1.41 22.32 -25.77
N SER A 215 0.68 21.23 -25.94
CA SER A 215 1.22 19.98 -26.45
C SER A 215 1.21 19.90 -27.97
N TYR A 216 0.95 21.01 -28.67
CA TYR A 216 0.98 20.97 -30.12
C TYR A 216 2.39 20.77 -30.65
N LYS A 217 3.41 21.22 -29.91
CA LYS A 217 4.78 21.03 -30.34
C LYS A 217 5.16 19.56 -30.37
N ASP A 218 4.73 18.79 -29.37
CA ASP A 218 4.99 17.36 -29.36
C ASP A 218 4.09 16.62 -30.34
N SER A 219 2.89 17.13 -30.59
CA SER A 219 1.98 16.45 -31.51
C SER A 219 2.45 16.56 -32.95
N THR A 220 3.02 17.71 -33.32
CA THR A 220 3.46 17.91 -34.70
C THR A 220 4.71 17.09 -35.02
N LEU A 221 5.57 16.87 -34.03
CA LEU A 221 6.77 16.07 -34.27
C LEU A 221 6.43 14.62 -34.52
N ILE A 222 5.45 14.08 -33.80
CA ILE A 222 5.03 12.69 -34.01
C ILE A 222 4.34 12.55 -35.36
N MET A 223 3.56 13.57 -35.76
CA MET A 223 2.93 13.54 -37.08
C MET A 223 3.99 13.54 -38.18
N GLN A 224 5.09 14.26 -37.97
CA GLN A 224 6.20 14.21 -38.92
C GLN A 224 6.84 12.83 -38.94
N LEU A 225 6.99 12.21 -37.78
CA LEU A 225 7.57 10.86 -37.72
C LEU A 225 6.68 9.84 -38.40
N LEU A 226 5.35 10.05 -38.37
CA LEU A 226 4.45 9.13 -39.04
C LEU A 226 4.62 9.18 -40.55
N ARG A 227 4.77 10.39 -41.12
CA ARG A 227 4.99 10.49 -42.56
C ARG A 227 6.39 10.08 -42.95
N ASP A 228 7.37 10.29 -42.05
CA ASP A 228 8.72 9.80 -42.33
C ASP A 228 8.75 8.28 -42.44
N ASN A 229 7.98 7.59 -41.59
CA ASN A 229 7.90 6.13 -41.68
C ASN A 229 7.07 5.71 -42.88
N LEU A 230 6.02 6.46 -43.20
CA LEU A 230 5.17 6.12 -44.34
C LEU A 230 5.96 6.20 -45.65
N THR A 231 6.68 7.31 -45.86
CA THR A 231 7.49 7.44 -47.06
C THR A 231 8.63 6.43 -47.08
N LEU A 232 9.08 5.99 -45.91
CA LEU A 232 10.15 4.99 -45.84
C LEU A 232 9.65 3.59 -46.11
N TRP A 233 8.39 3.30 -45.79
CA TRP A 233 7.82 1.97 -45.96
C TRP A 233 7.02 1.81 -47.25
N THR A 234 6.74 2.90 -47.96
CA THR A 234 5.97 2.83 -49.20
C THR A 234 6.76 3.41 -50.37
N VAL B 2 20.38 -27.77 -29.81
CA VAL B 2 19.99 -28.47 -28.60
C VAL B 2 18.56 -28.98 -28.74
N ASP B 3 18.23 -30.01 -27.95
CA ASP B 3 16.90 -30.60 -27.93
C ASP B 3 16.24 -30.34 -26.59
N ARG B 4 15.03 -30.87 -26.43
CA ARG B 4 14.30 -30.69 -25.19
C ARG B 4 14.72 -31.70 -24.12
N GLU B 5 14.88 -32.96 -24.50
CA GLU B 5 15.34 -33.98 -23.56
C GLU B 5 16.78 -33.73 -23.11
N GLN B 6 17.57 -33.01 -23.91
CA GLN B 6 18.92 -32.66 -23.50
C GLN B 6 18.90 -31.66 -22.36
N LEU B 7 17.98 -30.69 -22.42
CA LEU B 7 17.90 -29.68 -21.37
C LEU B 7 17.47 -30.28 -20.04
N VAL B 8 16.50 -31.20 -20.07
CA VAL B 8 16.07 -31.87 -18.84
C VAL B 8 17.22 -32.69 -18.26
N GLN B 9 18.04 -33.28 -19.12
CA GLN B 9 19.22 -33.98 -18.64
C GLN B 9 20.25 -33.01 -18.07
N LYS B 10 20.31 -31.79 -18.61
CA LYS B 10 21.20 -30.79 -18.04
C LYS B 10 20.74 -30.34 -16.67
N ALA B 11 19.41 -30.23 -16.48
CA ALA B 11 18.88 -29.86 -15.17
C ALA B 11 19.11 -30.95 -14.15
N ARG B 12 19.05 -32.22 -14.58
CA ARG B 12 19.32 -33.32 -13.66
C ARG B 12 20.78 -33.34 -13.24
N LEU B 13 21.69 -33.14 -14.19
CA LEU B 13 23.11 -33.07 -13.85
C LEU B 13 23.43 -31.84 -13.01
N ALA B 14 22.75 -30.72 -13.26
CA ALA B 14 22.98 -29.52 -12.48
C ALA B 14 22.48 -29.69 -11.04
N GLU B 15 21.40 -30.46 -10.84
CA GLU B 15 20.90 -30.68 -9.49
C GLU B 15 21.86 -31.56 -8.69
N GLN B 16 22.44 -32.58 -9.33
CA GLN B 16 23.39 -33.43 -8.63
C GLN B 16 24.70 -32.70 -8.32
N ALA B 17 25.13 -31.81 -9.21
CA ALA B 17 26.29 -30.97 -8.95
C ALA B 17 25.98 -29.81 -8.02
N GLU B 18 24.74 -29.70 -7.54
CA GLU B 18 24.32 -28.64 -6.62
C GLU B 18 24.49 -27.26 -7.24
N ARG B 19 24.47 -27.18 -8.57
CA ARG B 19 24.51 -25.91 -9.28
C ARG B 19 23.09 -25.54 -9.67
N TYR B 20 22.35 -25.03 -8.68
CA TYR B 20 20.93 -24.77 -8.88
C TYR B 20 20.66 -23.57 -9.78
N ASP B 21 21.63 -22.66 -9.92
CA ASP B 21 21.46 -21.57 -10.87
C ASP B 21 21.44 -22.08 -12.31
N ASP B 22 22.32 -23.05 -12.61
CA ASP B 22 22.29 -23.67 -13.94
C ASP B 22 21.03 -24.51 -14.12
N MET B 23 20.58 -25.17 -13.04
CA MET B 23 19.37 -25.97 -13.13
C MET B 23 18.15 -25.11 -13.45
N ALA B 24 18.05 -23.94 -12.83
CA ALA B 24 16.94 -23.04 -13.11
C ALA B 24 17.02 -22.50 -14.54
N ALA B 25 18.23 -22.18 -15.00
CA ALA B 25 18.39 -21.67 -16.37
C ALA B 25 18.01 -22.72 -17.39
N ALA B 26 18.29 -24.00 -17.10
CA ALA B 26 17.88 -25.07 -18.00
C ALA B 26 16.37 -25.25 -17.99
N MET B 27 15.77 -25.36 -16.80
CA MET B 27 14.32 -25.53 -16.70
C MET B 27 13.57 -24.31 -17.20
N LYS B 28 14.19 -23.13 -17.20
CA LYS B 28 13.56 -21.97 -17.81
C LYS B 28 13.48 -22.12 -19.33
N ASN B 29 14.46 -22.79 -19.93
CA ASN B 29 14.47 -22.96 -21.38
C ASN B 29 13.35 -23.91 -21.83
N VAL B 30 13.11 -24.99 -21.09
CA VAL B 30 12.04 -25.91 -21.45
C VAL B 30 10.68 -25.27 -21.23
N THR B 31 10.58 -24.35 -20.26
CA THR B 31 9.32 -23.63 -20.04
C THR B 31 9.03 -22.70 -21.22
N GLU B 32 10.06 -22.10 -21.80
CA GLU B 32 9.91 -21.18 -22.91
C GLU B 32 9.71 -21.89 -24.24
N LEU B 33 9.52 -23.21 -24.23
CA LEU B 33 9.17 -23.96 -25.42
C LEU B 33 7.67 -24.04 -25.64
N ASN B 34 6.88 -23.38 -24.80
CA ASN B 34 5.42 -23.31 -24.89
C ASN B 34 4.74 -24.66 -24.76
N GLU B 35 5.47 -25.70 -24.38
CA GLU B 35 4.85 -27.00 -24.17
C GLU B 35 4.62 -27.24 -22.69
N PRO B 36 3.53 -27.92 -22.34
CA PRO B 36 3.26 -28.19 -20.93
C PRO B 36 4.37 -28.99 -20.27
N LEU B 37 4.54 -28.78 -18.97
CA LEU B 37 5.57 -29.47 -18.21
C LEU B 37 5.01 -30.74 -17.58
N SER B 38 5.77 -31.82 -17.67
CA SER B 38 5.36 -33.08 -17.09
C SER B 38 5.38 -32.99 -15.56
N ASN B 39 4.97 -34.09 -14.92
CA ASN B 39 4.99 -34.13 -13.46
C ASN B 39 6.39 -33.96 -12.92
N GLU B 40 7.35 -34.72 -13.46
CA GLU B 40 8.74 -34.58 -13.03
C GLU B 40 9.31 -33.22 -13.42
N GLU B 41 8.91 -32.71 -14.60
CA GLU B 41 9.40 -31.41 -15.03
C GLU B 41 8.83 -30.28 -14.19
N ARG B 42 7.60 -30.44 -13.68
CA ARG B 42 7.04 -29.44 -12.77
C ARG B 42 7.89 -29.32 -11.51
N ASN B 43 8.29 -30.46 -10.94
CA ASN B 43 9.10 -30.45 -9.72
C ASN B 43 10.56 -30.10 -10.00
N LEU B 44 11.05 -30.35 -11.21
CA LEU B 44 12.40 -29.94 -11.55
C LEU B 44 12.53 -28.42 -11.57
N LEU B 45 11.54 -27.74 -12.15
CA LEU B 45 11.54 -26.28 -12.15
C LEU B 45 11.37 -25.73 -10.75
N SER B 46 10.51 -26.36 -9.94
CA SER B 46 10.27 -25.88 -8.59
C SER B 46 11.51 -26.04 -7.72
N VAL B 47 12.15 -27.20 -7.78
CA VAL B 47 13.34 -27.46 -6.96
C VAL B 47 14.46 -26.50 -7.35
N ALA B 48 14.59 -26.21 -8.64
CA ALA B 48 15.66 -25.32 -9.11
C ALA B 48 15.50 -23.92 -8.54
N TYR B 49 14.36 -23.29 -8.80
CA TYR B 49 14.15 -21.91 -8.36
C TYR B 49 13.99 -21.77 -6.86
N LYS B 50 13.58 -22.84 -6.17
CA LYS B 50 13.46 -22.76 -4.72
C LYS B 50 14.82 -22.75 -4.05
N ASN B 51 15.81 -23.44 -4.63
CA ASN B 51 17.16 -23.41 -4.08
C ASN B 51 17.87 -22.11 -4.44
N VAL B 52 17.62 -21.58 -5.63
CA VAL B 52 18.21 -20.31 -6.03
C VAL B 52 17.72 -19.19 -5.12
N VAL B 53 16.38 -19.08 -4.98
CA VAL B 53 15.83 -18.06 -4.09
C VAL B 53 16.07 -18.41 -2.63
N GLY B 54 16.29 -19.68 -2.31
CA GLY B 54 16.49 -20.06 -0.92
C GLY B 54 17.80 -19.54 -0.36
N ALA B 55 18.86 -19.56 -1.15
CA ALA B 55 20.14 -19.03 -0.70
C ALA B 55 20.06 -17.53 -0.43
N ARG B 56 19.26 -16.80 -1.22
CA ARG B 56 19.10 -15.37 -0.99
C ARG B 56 18.28 -15.11 0.27
N ARG B 57 17.26 -15.93 0.52
CA ARG B 57 16.49 -15.80 1.75
C ARG B 57 17.37 -16.05 2.97
N SER B 58 18.23 -17.07 2.91
CA SER B 58 19.10 -17.38 4.04
C SER B 58 20.11 -16.27 4.28
N SER B 59 20.71 -15.75 3.19
CA SER B 59 21.68 -14.66 3.34
C SER B 59 21.01 -13.38 3.82
N TRP B 60 19.80 -13.09 3.32
CA TRP B 60 19.11 -11.87 3.71
C TRP B 60 18.76 -11.88 5.19
N ARG B 61 18.30 -13.02 5.71
CA ARG B 61 17.94 -13.10 7.12
C ARG B 61 19.16 -12.98 8.02
N VAL B 62 20.31 -13.51 7.58
CA VAL B 62 21.55 -13.33 8.33
C VAL B 62 21.96 -11.86 8.32
N ILE B 63 21.88 -11.23 7.15
CA ILE B 63 22.25 -9.82 7.05
C ILE B 63 21.23 -8.95 7.76
N SER B 64 19.95 -9.31 7.68
CA SER B 64 18.93 -8.55 8.39
C SER B 64 19.08 -8.69 9.89
N SER B 65 19.47 -9.87 10.38
CA SER B 65 19.66 -10.04 11.82
C SER B 65 20.81 -9.18 12.33
N ILE B 66 21.87 -9.02 11.52
CA ILE B 66 23.00 -8.22 11.94
C ILE B 66 22.65 -6.73 11.88
N GLU B 67 21.74 -6.34 10.99
CA GLU B 67 21.40 -4.92 10.85
C GLU B 67 20.75 -4.37 12.11
N GLN B 68 20.04 -5.20 12.86
CA GLN B 68 19.34 -4.70 14.04
C GLN B 68 20.25 -4.67 15.27
N LYS B 69 21.25 -5.55 15.33
CA LYS B 69 22.24 -5.47 16.40
C LYS B 69 23.25 -4.35 16.15
N THR B 70 23.53 -4.05 14.89
CA THR B 70 24.45 -2.96 14.55
C THR B 70 23.78 -1.60 14.63
N SER B 71 22.45 -1.53 14.52
CA SER B 71 21.76 -0.25 14.65
C SER B 71 21.85 0.29 16.07
N ALA B 72 21.91 -0.59 17.06
CA ALA B 72 22.04 -0.17 18.46
C ALA B 72 23.47 0.23 18.82
N ASP B 73 24.45 -0.11 17.98
CA ASP B 73 25.83 0.26 18.28
C ASP B 73 26.06 1.75 18.06
N GLY B 74 25.80 2.22 16.84
CA GLY B 74 25.89 3.64 16.52
C GLY B 74 26.89 4.01 15.44
N ASN B 75 27.63 3.05 14.87
CA ASN B 75 28.59 3.36 13.82
C ASN B 75 27.83 3.75 12.55
N GLU B 76 27.80 5.04 12.24
CA GLU B 76 27.07 5.51 11.07
C GLU B 76 27.66 4.96 9.78
N LYS B 77 28.97 4.71 9.75
CA LYS B 77 29.59 4.15 8.56
C LYS B 77 29.29 2.67 8.41
N LYS B 78 29.22 1.93 9.53
CA LYS B 78 28.99 0.50 9.45
C LYS B 78 27.53 0.19 9.12
N ILE B 79 26.59 0.93 9.71
CA ILE B 79 25.18 0.65 9.46
C ILE B 79 24.82 0.98 8.02
N GLU B 80 25.47 1.98 7.41
CA GLU B 80 25.20 2.30 6.02
C GLU B 80 25.75 1.24 5.07
N MET B 81 26.76 0.48 5.50
CA MET B 81 27.29 -0.57 4.65
C MET B 81 26.50 -1.87 4.79
N VAL B 82 26.06 -2.17 6.02
CA VAL B 82 25.20 -3.35 6.23
C VAL B 82 23.87 -3.16 5.53
N ARG B 83 23.33 -1.93 5.54
CA ARG B 83 22.07 -1.65 4.87
C ARG B 83 22.22 -1.78 3.36
N ALA B 84 23.34 -1.31 2.80
CA ALA B 84 23.56 -1.43 1.36
C ALA B 84 23.72 -2.89 0.96
N TYR B 85 24.42 -3.68 1.77
CA TYR B 85 24.55 -5.11 1.48
C TYR B 85 23.21 -5.83 1.60
N ARG B 86 22.33 -5.35 2.49
CA ARG B 86 21.00 -5.92 2.58
C ARG B 86 20.22 -5.67 1.29
N GLU B 87 20.32 -4.47 0.73
CA GLU B 87 19.60 -4.15 -0.50
C GLU B 87 20.17 -4.91 -1.70
N LYS B 88 21.48 -5.18 -1.69
CA LYS B 88 22.07 -5.95 -2.77
C LYS B 88 21.51 -7.37 -2.81
N ILE B 89 21.41 -8.01 -1.64
CA ILE B 89 20.79 -9.33 -1.57
C ILE B 89 19.30 -9.23 -1.83
N GLU B 90 18.67 -8.15 -1.36
CA GLU B 90 17.25 -7.95 -1.59
C GLU B 90 16.94 -7.90 -3.09
N LYS B 91 17.71 -7.11 -3.84
CA LYS B 91 17.46 -6.97 -5.27
C LYS B 91 17.71 -8.29 -6.01
N GLU B 92 18.69 -9.07 -5.58
CA GLU B 92 18.91 -10.37 -6.18
C GLU B 92 17.73 -11.30 -5.92
N LEU B 93 17.15 -11.23 -4.71
CA LEU B 93 16.00 -12.05 -4.39
C LEU B 93 14.77 -11.64 -5.19
N GLU B 94 14.54 -10.33 -5.32
CA GLU B 94 13.35 -9.86 -6.03
C GLU B 94 13.44 -10.16 -7.52
N ALA B 95 14.64 -10.06 -8.10
CA ALA B 95 14.80 -10.34 -9.52
C ALA B 95 14.55 -11.81 -9.82
N VAL B 96 14.98 -12.70 -8.92
CA VAL B 96 14.71 -14.12 -9.10
C VAL B 96 13.22 -14.42 -8.96
N CYS B 97 12.57 -13.77 -7.98
CA CYS B 97 11.16 -14.03 -7.73
C CYS B 97 10.31 -13.67 -8.94
N GLN B 98 10.40 -12.43 -9.41
CA GLN B 98 9.60 -12.02 -10.57
C GLN B 98 10.05 -12.69 -11.85
N ASP B 99 11.21 -13.35 -11.85
CA ASP B 99 11.58 -14.19 -12.98
C ASP B 99 10.69 -15.43 -13.03
N VAL B 100 10.53 -16.12 -11.91
CA VAL B 100 9.63 -17.27 -11.84
C VAL B 100 8.19 -16.83 -12.11
N LEU B 101 7.77 -15.74 -11.47
CA LEU B 101 6.41 -15.23 -11.69
C LEU B 101 6.17 -14.88 -13.14
N SER B 102 7.21 -14.46 -13.86
CA SER B 102 7.07 -14.22 -15.30
C SER B 102 6.79 -15.52 -16.04
N LEU B 103 7.54 -16.58 -15.70
CA LEU B 103 7.32 -17.87 -16.35
C LEU B 103 5.95 -18.43 -16.03
N LEU B 104 5.46 -18.21 -14.80
CA LEU B 104 4.16 -18.75 -14.41
C LEU B 104 3.04 -18.04 -15.14
N ASP B 105 3.05 -16.70 -15.12
CA ASP B 105 1.94 -15.94 -15.70
C ASP B 105 1.92 -16.06 -17.21
N ASN B 106 3.08 -16.03 -17.86
CA ASN B 106 3.14 -15.97 -19.30
C ASN B 106 3.07 -17.32 -19.98
N TYR B 107 3.59 -18.38 -19.37
CA TYR B 107 3.68 -19.69 -20.01
C TYR B 107 2.84 -20.75 -19.32
N LEU B 108 3.06 -20.99 -18.02
CA LEU B 108 2.54 -22.20 -17.39
C LEU B 108 1.06 -22.06 -17.02
N ILE B 109 0.71 -21.00 -16.28
CA ILE B 109 -0.69 -20.82 -15.92
C ILE B 109 -1.52 -20.49 -17.15
N LYS B 110 -0.92 -19.84 -18.16
CA LYS B 110 -1.67 -19.47 -19.35
C LYS B 110 -2.03 -20.69 -20.19
N ASN B 111 -1.08 -21.62 -20.37
CA ASN B 111 -1.30 -22.77 -21.23
C ASN B 111 -2.05 -23.90 -20.54
N CYS B 112 -2.52 -23.70 -19.30
CA CYS B 112 -3.29 -24.72 -18.61
C CYS B 112 -4.71 -24.74 -19.14
N SER B 113 -5.16 -25.91 -19.59
CA SER B 113 -6.53 -26.04 -20.06
C SER B 113 -7.49 -26.03 -18.87
N GLU B 114 -8.79 -25.99 -19.18
CA GLU B 114 -9.81 -25.92 -18.13
C GLU B 114 -9.95 -27.22 -17.35
N THR B 115 -9.33 -28.31 -17.82
CA THR B 115 -9.43 -29.60 -17.16
C THR B 115 -8.11 -30.04 -16.53
N GLN B 116 -7.08 -29.21 -16.55
CA GLN B 116 -5.80 -29.54 -15.94
C GLN B 116 -5.72 -28.94 -14.53
N TYR B 117 -6.61 -29.43 -13.66
CA TYR B 117 -6.66 -28.93 -12.28
C TYR B 117 -5.38 -29.25 -11.52
N GLU B 118 -4.74 -30.37 -11.84
CA GLU B 118 -3.51 -30.74 -11.16
C GLU B 118 -2.40 -29.73 -11.45
N SER B 119 -2.29 -29.30 -12.71
CA SER B 119 -1.24 -28.35 -13.08
C SER B 119 -1.56 -26.95 -12.57
N LYS B 120 -2.82 -26.53 -12.69
CA LYS B 120 -3.19 -25.17 -12.31
C LYS B 120 -3.03 -24.93 -10.82
N VAL B 121 -3.31 -25.94 -10.00
CA VAL B 121 -3.10 -25.80 -8.56
C VAL B 121 -1.62 -25.72 -8.24
N PHE B 122 -0.81 -26.54 -8.90
CA PHE B 122 0.64 -26.52 -8.68
C PHE B 122 1.22 -25.16 -9.03
N TYR B 123 0.84 -24.61 -10.18
CA TYR B 123 1.41 -23.33 -10.61
C TYR B 123 0.88 -22.17 -9.78
N LEU B 124 -0.37 -22.24 -9.33
CA LEU B 124 -0.91 -21.17 -8.49
C LEU B 124 -0.31 -21.23 -7.09
N LYS B 125 0.08 -22.42 -6.63
CA LYS B 125 0.79 -22.51 -5.36
C LYS B 125 2.16 -21.86 -5.45
N MET B 126 2.86 -22.06 -6.56
CA MET B 126 4.16 -21.42 -6.75
C MET B 126 4.02 -19.90 -6.86
N LYS B 127 2.96 -19.44 -7.52
CA LYS B 127 2.72 -17.99 -7.62
C LYS B 127 2.51 -17.38 -6.24
N GLY B 128 1.80 -18.09 -5.35
CA GLY B 128 1.64 -17.61 -3.99
C GLY B 128 2.90 -17.77 -3.18
N ASP B 129 3.71 -18.79 -3.47
CA ASP B 129 4.94 -19.00 -2.73
C ASP B 129 5.92 -17.86 -2.96
N TYR B 130 6.18 -17.52 -4.22
CA TYR B 130 7.21 -16.53 -4.52
C TYR B 130 6.74 -15.11 -4.24
N TYR B 131 5.43 -14.86 -4.31
CA TYR B 131 4.93 -13.57 -3.84
C TYR B 131 5.07 -13.44 -2.32
N ARG B 132 5.01 -14.58 -1.61
CA ARG B 132 5.27 -14.55 -0.17
C ARG B 132 6.74 -14.26 0.11
N TYR B 133 7.64 -14.83 -0.69
CA TYR B 133 9.07 -14.54 -0.53
C TYR B 133 9.34 -13.04 -0.71
N LEU B 134 8.66 -12.41 -1.66
CA LEU B 134 8.76 -10.97 -1.81
C LEU B 134 8.22 -10.26 -0.58
N ALA B 135 7.16 -10.80 0.03
CA ALA B 135 6.56 -10.17 1.20
C ALA B 135 7.46 -10.24 2.42
N GLU B 136 8.39 -11.20 2.48
CA GLU B 136 9.25 -11.32 3.65
C GLU B 136 10.28 -10.21 3.70
N VAL B 137 10.66 -9.66 2.54
CA VAL B 137 11.69 -8.63 2.46
C VAL B 137 11.13 -7.26 2.13
N ALA B 138 9.83 -7.11 2.05
CA ALA B 138 9.20 -5.85 1.70
C ALA B 138 8.59 -5.18 2.92
N THR B 139 8.43 -3.86 2.83
CA THR B 139 7.83 -3.06 3.90
C THR B 139 6.85 -2.08 3.28
N GLY B 140 6.00 -1.52 4.15
CA GLY B 140 5.11 -0.45 3.73
C GLY B 140 4.10 -0.91 2.70
N GLU B 141 3.81 -0.01 1.75
CA GLU B 141 2.82 -0.32 0.70
C GLU B 141 3.34 -1.37 -0.26
N LYS B 142 4.66 -1.45 -0.46
CA LYS B 142 5.21 -2.49 -1.31
C LYS B 142 4.91 -3.87 -0.76
N ARG B 143 5.01 -4.04 0.56
CA ARG B 143 4.66 -5.31 1.19
C ARG B 143 3.18 -5.61 1.04
N ALA B 144 2.33 -4.58 1.14
CA ALA B 144 0.89 -4.79 1.03
C ALA B 144 0.52 -5.30 -0.36
N THR B 145 1.20 -4.80 -1.39
CA THR B 145 0.86 -5.21 -2.76
C THR B 145 1.23 -6.66 -3.01
N VAL B 146 2.39 -7.10 -2.54
CA VAL B 146 2.79 -8.48 -2.77
C VAL B 146 2.05 -9.44 -1.84
N VAL B 147 1.59 -8.95 -0.69
CA VAL B 147 0.79 -9.80 0.19
C VAL B 147 -0.58 -10.08 -0.42
N GLU B 148 -1.18 -9.07 -1.05
CA GLU B 148 -2.47 -9.28 -1.71
C GLU B 148 -2.35 -10.23 -2.88
N SER B 149 -1.25 -10.14 -3.63
CA SER B 149 -1.04 -11.06 -4.75
C SER B 149 -0.80 -12.48 -4.26
N SER B 150 -0.10 -12.63 -3.12
CA SER B 150 0.12 -13.95 -2.55
C SER B 150 -1.17 -14.55 -2.02
N GLU B 151 -2.01 -13.73 -1.38
CA GLU B 151 -3.31 -14.21 -0.91
C GLU B 151 -4.19 -14.61 -2.08
N LYS B 152 -4.17 -13.83 -3.17
CA LYS B 152 -5.02 -14.11 -4.31
C LYS B 152 -4.65 -15.45 -4.95
N ALA B 153 -3.36 -15.69 -5.17
CA ALA B 153 -2.93 -16.94 -5.81
C ALA B 153 -3.21 -18.14 -4.91
N TYR B 154 -2.96 -18.00 -3.61
CA TYR B 154 -3.22 -19.10 -2.68
C TYR B 154 -4.71 -19.41 -2.62
N SER B 155 -5.55 -18.38 -2.59
CA SER B 155 -6.99 -18.59 -2.46
C SER B 155 -7.57 -19.30 -3.67
N GLU B 156 -7.16 -18.89 -4.88
CA GLU B 156 -7.68 -19.52 -6.08
C GLU B 156 -7.25 -20.97 -6.18
N ALA B 157 -6.02 -21.28 -5.77
CA ALA B 157 -5.57 -22.67 -5.77
C ALA B 157 -6.30 -23.49 -4.71
N HIS B 158 -6.60 -22.88 -3.56
CA HIS B 158 -7.32 -23.59 -2.51
C HIS B 158 -8.76 -23.91 -2.93
N GLU B 159 -9.38 -23.04 -3.72
CA GLU B 159 -10.74 -23.30 -4.18
C GLU B 159 -10.77 -24.41 -5.23
N ILE B 160 -9.76 -24.45 -6.11
CA ILE B 160 -9.70 -25.49 -7.12
C ILE B 160 -9.35 -26.83 -6.48
N SER B 161 -8.45 -26.82 -5.50
CA SER B 161 -7.98 -28.07 -4.92
C SER B 161 -9.04 -28.76 -4.08
N LYS B 162 -9.89 -28.00 -3.40
CA LYS B 162 -10.92 -28.59 -2.55
C LYS B 162 -12.11 -29.11 -3.34
N GLU B 163 -12.18 -28.87 -4.64
CA GLU B 163 -13.29 -29.31 -5.48
C GLU B 163 -12.91 -30.38 -6.49
N HIS B 164 -11.64 -30.44 -6.90
CA HIS B 164 -11.20 -31.38 -7.93
C HIS B 164 -10.08 -32.30 -7.46
N MET B 165 -9.82 -32.37 -6.17
CA MET B 165 -8.73 -33.19 -5.65
C MET B 165 -9.14 -33.82 -4.33
N GLN B 166 -8.66 -35.04 -4.11
CA GLN B 166 -8.85 -35.68 -2.81
C GLN B 166 -7.96 -35.01 -1.77
N PRO B 167 -8.37 -35.02 -0.50
CA PRO B 167 -7.55 -34.39 0.54
C PRO B 167 -6.17 -35.02 0.70
N THR B 168 -5.95 -36.23 0.19
CA THR B 168 -4.65 -36.88 0.26
C THR B 168 -3.75 -36.55 -0.92
N HIS B 169 -4.18 -35.68 -1.81
CA HIS B 169 -3.34 -35.29 -2.95
C HIS B 169 -2.13 -34.51 -2.45
N PRO B 170 -0.91 -34.89 -2.83
CA PRO B 170 0.28 -34.21 -2.30
C PRO B 170 0.38 -32.75 -2.71
N ILE B 171 -0.21 -32.36 -3.84
CA ILE B 171 -0.19 -30.95 -4.21
C ILE B 171 -1.23 -30.16 -3.43
N ARG B 172 -2.38 -30.77 -3.13
CA ARG B 172 -3.37 -30.13 -2.28
C ARG B 172 -2.85 -30.01 -0.85
N LEU B 173 -2.16 -31.04 -0.35
CA LEU B 173 -1.59 -30.98 0.99
C LEU B 173 -0.45 -29.98 1.07
N GLY B 174 0.43 -29.97 0.05
CA GLY B 174 1.50 -28.99 0.03
C GLY B 174 1.00 -27.58 -0.13
N LEU B 175 -0.15 -27.40 -0.79
CA LEU B 175 -0.74 -26.07 -0.92
C LEU B 175 -1.29 -25.58 0.41
N ALA B 176 -1.96 -26.46 1.16
CA ALA B 176 -2.47 -26.07 2.47
C ALA B 176 -1.36 -25.80 3.46
N LEU B 177 -0.24 -26.52 3.35
CA LEU B 177 0.89 -26.30 4.25
C LEU B 177 1.48 -24.92 4.05
N ASN B 178 1.70 -24.52 2.80
CA ASN B 178 2.28 -23.22 2.51
C ASN B 178 1.27 -22.08 2.69
N TYR B 179 -0.01 -22.34 2.41
CA TYR B 179 -1.03 -21.33 2.67
C TYR B 179 -1.15 -21.06 4.17
N SER B 180 -1.08 -22.10 5.00
CA SER B 180 -1.12 -21.89 6.43
C SER B 180 0.13 -21.16 6.92
N VAL B 181 1.29 -21.45 6.32
CA VAL B 181 2.51 -20.72 6.66
C VAL B 181 2.37 -19.25 6.29
N PHE B 182 1.69 -18.97 5.17
CA PHE B 182 1.43 -17.59 4.77
C PHE B 182 0.64 -16.84 5.85
N TYR B 183 -0.37 -17.50 6.42
CA TYR B 183 -1.16 -16.87 7.48
C TYR B 183 -0.32 -16.64 8.73
N TYR B 184 0.59 -17.55 9.04
CA TYR B 184 1.35 -17.47 10.28
C TYR B 184 2.53 -16.52 10.16
N GLU B 185 3.36 -16.70 9.13
CA GLU B 185 4.61 -15.95 9.04
C GLU B 185 4.42 -14.57 8.44
N ILE B 186 3.40 -14.38 7.59
CA ILE B 186 3.17 -13.13 6.88
C ILE B 186 1.98 -12.37 7.45
N GLN B 187 0.82 -13.04 7.56
CA GLN B 187 -0.38 -12.39 8.08
C GLN B 187 -0.42 -12.35 9.60
N ASN B 188 0.44 -13.09 10.28
CA ASN B 188 0.47 -13.14 11.74
C ASN B 188 -0.91 -13.49 12.31
N ALA B 189 -1.54 -14.49 11.70
CA ALA B 189 -2.86 -14.97 12.09
C ALA B 189 -2.76 -16.45 12.46
N PRO B 190 -2.35 -16.76 13.68
CA PRO B 190 -2.22 -18.18 14.08
C PRO B 190 -3.55 -18.91 14.09
N GLU B 191 -4.67 -18.19 14.30
CA GLU B 191 -5.97 -18.86 14.32
C GLU B 191 -6.35 -19.39 12.94
N GLN B 192 -6.06 -18.63 11.89
CA GLN B 192 -6.33 -19.11 10.54
C GLN B 192 -5.26 -20.06 10.05
N ALA B 193 -4.04 -19.94 10.57
CA ALA B 193 -2.97 -20.85 10.18
C ALA B 193 -3.21 -22.26 10.73
N CYS B 194 -3.62 -22.35 12.00
CA CYS B 194 -3.84 -23.66 12.60
C CYS B 194 -5.10 -24.31 12.06
N HIS B 195 -6.16 -23.53 11.85
CA HIS B 195 -7.40 -24.10 11.33
C HIS B 195 -7.22 -24.64 9.92
N LEU B 196 -6.41 -23.97 9.10
CA LEU B 196 -6.20 -24.43 7.74
C LEU B 196 -5.30 -25.65 7.69
N ALA B 197 -4.36 -25.76 8.64
CA ALA B 197 -3.49 -26.93 8.67
C ALA B 197 -4.17 -28.12 9.33
N LYS B 198 -4.94 -27.87 10.39
CA LYS B 198 -5.66 -28.96 11.05
C LYS B 198 -6.71 -29.56 10.12
N THR B 199 -7.45 -28.71 9.40
CA THR B 199 -8.47 -29.21 8.48
C THR B 199 -7.85 -30.07 7.39
N ALA B 200 -6.74 -29.60 6.79
CA ALA B 200 -6.08 -30.38 5.76
C ALA B 200 -5.49 -31.67 6.33
N PHE B 201 -4.99 -31.61 7.56
CA PHE B 201 -4.41 -32.80 8.18
C PHE B 201 -5.50 -33.80 8.58
N ASP B 202 -6.64 -33.30 9.07
CA ASP B 202 -7.72 -34.19 9.50
C ASP B 202 -8.44 -34.78 8.29
N ASP B 203 -8.65 -33.98 7.24
CA ASP B 203 -9.31 -34.48 6.04
C ASP B 203 -8.48 -35.56 5.34
N ALA B 204 -7.15 -35.47 5.45
CA ALA B 204 -6.31 -36.48 4.82
C ALA B 204 -6.41 -37.82 5.55
N ILE B 205 -6.50 -37.79 6.88
CA ILE B 205 -6.59 -39.03 7.63
C ILE B 205 -7.96 -39.66 7.47
N ALA B 206 -9.01 -38.83 7.35
CA ALA B 206 -10.36 -39.35 7.17
C ALA B 206 -10.45 -40.19 5.90
N GLU B 207 -10.12 -39.60 4.76
CA GLU B 207 -10.09 -40.32 3.49
C GLU B 207 -8.66 -40.77 3.18
N LEU B 208 -8.07 -41.51 4.12
CA LEU B 208 -6.69 -41.96 3.98
C LEU B 208 -6.56 -43.17 3.05
N ASP B 209 -7.65 -43.89 2.80
CA ASP B 209 -7.61 -45.03 1.90
C ASP B 209 -7.32 -44.63 0.46
N THR B 210 -7.50 -43.35 0.13
CA THR B 210 -7.27 -42.85 -1.22
C THR B 210 -5.81 -42.57 -1.52
N LEU B 211 -4.88 -43.11 -0.72
CA LEU B 211 -3.45 -42.90 -0.95
C LEU B 211 -2.99 -43.76 -2.12
N ASN B 212 -2.46 -43.12 -3.15
CA ASN B 212 -1.99 -43.80 -4.34
C ASN B 212 -0.57 -44.31 -4.12
N GLU B 213 -0.29 -45.52 -4.60
CA GLU B 213 1.05 -46.09 -4.45
C GLU B 213 2.10 -45.26 -5.17
N ASP B 214 1.71 -44.55 -6.23
CA ASP B 214 2.67 -43.70 -6.94
C ASP B 214 3.09 -42.52 -6.08
N SER B 215 2.12 -41.79 -5.53
CA SER B 215 2.37 -40.61 -4.71
C SER B 215 1.77 -40.86 -3.32
N TYR B 216 2.55 -41.51 -2.46
CA TYR B 216 2.16 -41.70 -1.07
C TYR B 216 3.27 -41.20 -0.16
N LYS B 217 4.53 -41.35 -0.60
CA LYS B 217 5.65 -40.82 0.16
C LYS B 217 5.59 -39.31 0.23
N ASP B 218 5.16 -38.66 -0.85
CA ASP B 218 5.03 -37.21 -0.84
C ASP B 218 3.89 -36.77 0.08
N SER B 219 2.76 -37.47 0.04
CA SER B 219 1.63 -37.10 0.88
C SER B 219 1.93 -37.33 2.36
N THR B 220 2.56 -38.46 2.69
CA THR B 220 2.88 -38.74 4.09
C THR B 220 3.94 -37.80 4.63
N LEU B 221 4.84 -37.31 3.77
CA LEU B 221 5.88 -36.39 4.23
C LEU B 221 5.28 -35.02 4.55
N ILE B 222 4.36 -34.54 3.71
CA ILE B 222 3.75 -33.24 3.97
C ILE B 222 2.85 -33.30 5.21
N MET B 223 2.22 -34.45 5.46
CA MET B 223 1.41 -34.59 6.67
C MET B 223 2.28 -34.51 7.92
N GLN B 224 3.53 -34.96 7.84
CA GLN B 224 4.45 -34.80 8.97
C GLN B 224 4.73 -33.31 9.22
N LEU B 225 5.03 -32.56 8.16
CA LEU B 225 5.24 -31.13 8.31
C LEU B 225 3.98 -30.42 8.77
N LEU B 226 2.81 -30.89 8.32
CA LEU B 226 1.56 -30.29 8.75
C LEU B 226 1.32 -30.55 10.24
N ARG B 227 1.41 -31.80 10.67
CA ARG B 227 1.29 -32.11 12.09
C ARG B 227 2.35 -31.36 12.90
N ASP B 228 3.55 -31.22 12.35
CA ASP B 228 4.61 -30.44 12.97
C ASP B 228 4.19 -29.00 13.19
N ASN B 229 3.89 -28.28 12.10
CA ASN B 229 3.52 -26.88 12.22
C ASN B 229 2.33 -26.68 13.15
N LEU B 230 1.40 -27.65 13.19
CA LEU B 230 0.32 -27.57 14.17
C LEU B 230 0.86 -27.73 15.59
N THR B 231 1.84 -28.61 15.77
CA THR B 231 2.40 -28.83 17.11
C THR B 231 3.21 -27.63 17.57
N LEU B 232 4.09 -27.10 16.71
CA LEU B 232 4.94 -25.99 17.09
C LEU B 232 4.17 -24.69 17.27
N TRP B 233 3.03 -24.53 16.61
CA TRP B 233 2.23 -23.32 16.74
C TRP B 233 1.25 -23.38 17.91
N THR B 234 1.02 -24.57 18.48
CA THR B 234 0.11 -24.70 19.62
C THR B 234 0.74 -25.53 20.72
N ARG C 4 -1.58 20.32 6.37
CA ARG C 4 -2.61 21.35 6.24
C ARG C 4 -3.12 21.53 4.82
N GLU C 5 -2.25 21.49 3.81
CA GLU C 5 -2.68 21.77 2.44
C GLU C 5 -3.65 20.71 1.93
N GLN C 6 -3.56 19.49 2.45
CA GLN C 6 -4.44 18.43 1.99
C GLN C 6 -5.86 18.59 2.54
N LEU C 7 -5.98 19.05 3.79
CA LEU C 7 -7.29 19.19 4.39
C LEU C 7 -7.97 20.49 3.96
N VAL C 8 -7.21 21.58 3.85
CA VAL C 8 -7.78 22.85 3.41
C VAL C 8 -8.26 22.73 1.96
N GLN C 9 -7.55 21.97 1.14
CA GLN C 9 -8.04 21.70 -0.22
C GLN C 9 -9.25 20.78 -0.20
N LYS C 10 -9.35 19.90 0.81
CA LYS C 10 -10.54 19.06 0.93
C LYS C 10 -11.75 19.89 1.37
N ALA C 11 -11.53 20.87 2.25
CA ALA C 11 -12.63 21.74 2.67
C ALA C 11 -13.03 22.68 1.55
N ARG C 12 -12.06 23.18 0.78
CA ARG C 12 -12.38 24.07 -0.32
C ARG C 12 -13.11 23.36 -1.45
N LEU C 13 -12.84 22.07 -1.64
CA LEU C 13 -13.52 21.30 -2.67
C LEU C 13 -14.92 20.88 -2.23
N ALA C 14 -15.11 20.59 -0.94
CA ALA C 14 -16.43 20.21 -0.45
C ALA C 14 -17.41 21.37 -0.53
N GLU C 15 -16.92 22.61 -0.39
CA GLU C 15 -17.81 23.76 -0.47
C GLU C 15 -18.41 23.89 -1.88
N GLN C 16 -17.62 23.61 -2.91
CA GLN C 16 -18.13 23.70 -4.27
C GLN C 16 -19.17 22.62 -4.54
N ALA C 17 -19.01 21.45 -3.94
CA ALA C 17 -19.98 20.37 -4.08
C ALA C 17 -21.20 20.54 -3.18
N GLU C 18 -21.24 21.62 -2.39
CA GLU C 18 -22.35 21.89 -1.47
C GLU C 18 -22.55 20.74 -0.48
N ARG C 19 -21.44 20.16 -0.04
CA ARG C 19 -21.43 19.12 0.99
C ARG C 19 -20.77 19.74 2.23
N TYR C 20 -21.59 20.45 3.02
CA TYR C 20 -21.06 21.22 4.13
C TYR C 20 -20.78 20.38 5.37
N ASP C 21 -21.41 19.21 5.49
CA ASP C 21 -21.04 18.29 6.56
C ASP C 21 -19.60 17.83 6.42
N ASP C 22 -19.19 17.51 5.19
CA ASP C 22 -17.80 17.12 4.95
C ASP C 22 -16.87 18.32 5.06
N MET C 23 -17.32 19.50 4.60
CA MET C 23 -16.50 20.70 4.70
C MET C 23 -16.22 21.06 6.15
N ALA C 24 -17.19 20.83 7.04
CA ALA C 24 -16.98 21.08 8.46
C ALA C 24 -16.07 20.01 9.07
N ALA C 25 -16.11 18.79 8.54
CA ALA C 25 -15.26 17.73 9.07
C ALA C 25 -13.80 17.95 8.70
N ALA C 26 -13.53 18.56 7.56
CA ALA C 26 -12.15 18.83 7.16
C ALA C 26 -11.57 19.99 7.97
N MET C 27 -12.34 21.07 8.14
CA MET C 27 -11.84 22.21 8.90
C MET C 27 -11.68 21.89 10.38
N LYS C 28 -12.45 20.91 10.89
CA LYS C 28 -12.28 20.49 12.28
C LYS C 28 -10.91 19.86 12.47
N ASN C 29 -10.45 19.06 11.51
CA ASN C 29 -9.12 18.46 11.60
C ASN C 29 -8.03 19.53 11.57
N VAL C 30 -8.20 20.54 10.70
CA VAL C 30 -7.24 21.64 10.65
C VAL C 30 -7.20 22.36 11.99
N THR C 31 -8.37 22.60 12.58
CA THR C 31 -8.42 23.22 13.90
C THR C 31 -7.75 22.33 14.95
N GLU C 32 -7.91 21.01 14.82
CA GLU C 32 -7.34 20.06 15.76
C GLU C 32 -5.84 19.86 15.58
N LEU C 33 -5.20 20.65 14.72
CA LEU C 33 -3.75 20.60 14.55
C LEU C 33 -3.01 21.54 15.51
N ASN C 34 -3.73 22.22 16.40
CA ASN C 34 -3.14 23.11 17.39
C ASN C 34 -2.30 24.22 16.75
N GLU C 35 -2.66 24.61 15.52
CA GLU C 35 -1.99 25.67 14.81
C GLU C 35 -2.97 26.78 14.44
N PRO C 36 -2.53 28.04 14.43
CA PRO C 36 -3.45 29.15 14.16
C PRO C 36 -4.02 29.07 12.75
N LEU C 37 -5.21 29.66 12.60
CA LEU C 37 -5.90 29.70 11.32
C LEU C 37 -5.75 31.07 10.70
N SER C 38 -5.43 31.11 9.41
CA SER C 38 -5.36 32.37 8.70
C SER C 38 -6.75 32.94 8.47
N ASN C 39 -6.80 34.17 7.95
CA ASN C 39 -8.09 34.81 7.67
C ASN C 39 -8.87 34.03 6.63
N GLU C 40 -8.18 33.46 5.64
CA GLU C 40 -8.85 32.67 4.62
C GLU C 40 -9.37 31.35 5.18
N GLU C 41 -8.70 30.80 6.19
CA GLU C 41 -9.13 29.54 6.79
C GLU C 41 -10.15 29.74 7.91
N ARG C 42 -10.11 30.88 8.59
CA ARG C 42 -11.11 31.17 9.61
C ARG C 42 -12.51 31.25 8.99
N ASN C 43 -12.62 31.91 7.83
CA ASN C 43 -13.92 31.98 7.17
C ASN C 43 -14.35 30.63 6.63
N LEU C 44 -13.40 29.78 6.26
CA LEU C 44 -13.75 28.43 5.82
C LEU C 44 -14.39 27.63 6.94
N LEU C 45 -13.87 27.78 8.16
CA LEU C 45 -14.48 27.10 9.30
C LEU C 45 -15.84 27.70 9.64
N SER C 46 -15.96 29.02 9.57
CA SER C 46 -17.23 29.66 9.87
C SER C 46 -18.30 29.27 8.85
N VAL C 47 -17.98 29.39 7.56
CA VAL C 47 -18.96 29.09 6.51
C VAL C 47 -19.38 27.63 6.57
N ALA C 48 -18.45 26.73 6.89
CA ALA C 48 -18.77 25.31 6.94
C ALA C 48 -19.78 25.02 8.05
N TYR C 49 -19.49 25.47 9.26
CA TYR C 49 -20.39 25.21 10.38
C TYR C 49 -21.63 26.09 10.36
N LYS C 50 -21.58 27.24 9.71
CA LYS C 50 -22.78 28.06 9.56
C LYS C 50 -23.82 27.35 8.69
N ASN C 51 -23.36 26.63 7.66
CA ASN C 51 -24.28 25.91 6.79
C ASN C 51 -24.76 24.61 7.42
N VAL C 52 -23.94 23.98 8.26
CA VAL C 52 -24.36 22.74 8.91
C VAL C 52 -25.46 23.01 9.92
N VAL C 53 -25.20 23.95 10.85
CA VAL C 53 -26.22 24.27 11.85
C VAL C 53 -27.36 25.07 11.23
N GLY C 54 -27.11 25.78 10.13
CA GLY C 54 -28.17 26.55 9.50
C GLY C 54 -29.24 25.66 8.88
N ALA C 55 -28.83 24.56 8.25
CA ALA C 55 -29.81 23.61 7.72
C ALA C 55 -30.63 22.99 8.83
N ARG C 56 -30.04 22.78 10.01
CA ARG C 56 -30.79 22.23 11.12
C ARG C 56 -31.60 23.30 11.84
N ARG C 57 -31.16 24.56 11.79
CA ARG C 57 -32.01 25.65 12.26
C ARG C 57 -33.24 25.82 11.37
N SER C 58 -33.06 25.69 10.05
CA SER C 58 -34.17 25.86 9.14
C SER C 58 -35.17 24.71 9.26
N SER C 59 -34.68 23.48 9.40
CA SER C 59 -35.57 22.35 9.60
C SER C 59 -36.31 22.45 10.94
N TRP C 60 -35.63 22.98 11.97
CA TRP C 60 -36.26 23.12 13.27
C TRP C 60 -37.38 24.15 13.24
N ARG C 61 -37.16 25.29 12.57
CA ARG C 61 -38.19 26.31 12.51
C ARG C 61 -39.41 25.84 11.74
N VAL C 62 -39.21 25.02 10.70
CA VAL C 62 -40.34 24.51 9.92
C VAL C 62 -41.15 23.52 10.76
N ILE C 63 -40.46 22.62 11.46
CA ILE C 63 -41.18 21.63 12.27
C ILE C 63 -41.83 22.29 13.48
N SER C 64 -41.17 23.27 14.08
CA SER C 64 -41.77 24.00 15.19
C SER C 64 -43.03 24.74 14.74
N SER C 65 -43.03 25.25 13.50
CA SER C 65 -44.20 25.94 12.99
C SER C 65 -45.34 24.96 12.74
N ILE C 66 -45.02 23.77 12.22
CA ILE C 66 -46.05 22.75 12.05
C ILE C 66 -46.49 22.21 13.40
N GLU C 67 -45.57 22.14 14.37
CA GLU C 67 -45.93 21.69 15.71
C GLU C 67 -46.92 22.65 16.37
N GLN C 68 -46.73 23.95 16.17
CA GLN C 68 -47.67 24.93 16.73
C GLN C 68 -49.02 24.85 16.03
N LYS C 69 -49.01 24.65 14.71
CA LYS C 69 -50.27 24.52 13.98
C LYS C 69 -50.98 23.22 14.35
N THR C 70 -50.22 22.14 14.55
CA THR C 70 -50.83 20.87 14.95
C THR C 70 -51.35 20.94 16.39
N SER C 71 -50.74 21.79 17.22
CA SER C 71 -51.22 21.96 18.58
C SER C 71 -52.47 22.83 18.63
N ALA C 72 -52.55 23.84 17.76
CA ALA C 72 -53.74 24.68 17.71
C ALA C 72 -54.96 23.90 17.25
N ASP C 73 -54.76 22.87 16.43
CA ASP C 73 -55.87 22.01 16.03
C ASP C 73 -56.31 21.12 17.18
N GLY C 74 -55.37 20.37 17.76
CA GLY C 74 -55.66 19.54 18.91
C GLY C 74 -55.83 18.08 18.55
N ASN C 75 -54.76 17.31 18.71
CA ASN C 75 -54.80 15.87 18.48
C ASN C 75 -53.60 15.27 19.20
N GLU C 76 -53.87 14.50 20.26
CA GLU C 76 -52.77 14.01 21.09
C GLU C 76 -51.88 13.03 20.33
N LYS C 77 -52.42 12.34 19.32
CA LYS C 77 -51.60 11.39 18.57
C LYS C 77 -50.78 12.10 17.50
N LYS C 78 -51.35 13.10 16.82
CA LYS C 78 -50.62 13.80 15.77
C LYS C 78 -49.54 14.69 16.36
N ILE C 79 -49.83 15.36 17.49
CA ILE C 79 -48.85 16.23 18.11
C ILE C 79 -47.64 15.44 18.60
N GLU C 80 -47.89 14.24 19.14
CA GLU C 80 -46.81 13.42 19.69
C GLU C 80 -45.79 13.06 18.61
N MET C 81 -46.27 12.79 17.39
CA MET C 81 -45.37 12.41 16.31
C MET C 81 -44.53 13.60 15.85
N VAL C 82 -45.15 14.78 15.74
CA VAL C 82 -44.42 15.97 15.31
C VAL C 82 -43.44 16.41 16.38
N ARG C 83 -43.85 16.34 17.65
CA ARG C 83 -42.98 16.76 18.73
C ARG C 83 -41.74 15.89 18.83
N ALA C 84 -41.86 14.60 18.52
CA ALA C 84 -40.70 13.72 18.53
C ALA C 84 -39.73 14.09 17.42
N TYR C 85 -40.24 14.53 16.26
CA TYR C 85 -39.36 14.94 15.17
C TYR C 85 -38.63 16.23 15.51
N ARG C 86 -39.33 17.19 16.14
CA ARG C 86 -38.67 18.43 16.56
C ARG C 86 -37.56 18.16 17.56
N GLU C 87 -37.82 17.27 18.54
CA GLU C 87 -36.80 16.92 19.50
C GLU C 87 -35.66 16.15 18.84
N LYS C 88 -35.94 15.43 17.75
CA LYS C 88 -34.88 14.78 17.00
C LYS C 88 -33.98 15.81 16.32
N ILE C 89 -34.59 16.82 15.69
CA ILE C 89 -33.81 17.89 15.07
C ILE C 89 -33.12 18.74 16.12
N GLU C 90 -33.74 18.89 17.29
CA GLU C 90 -33.12 19.66 18.37
C GLU C 90 -31.82 19.02 18.84
N LYS C 91 -31.81 17.68 18.98
CA LYS C 91 -30.62 17.00 19.44
C LYS C 91 -29.48 17.11 18.43
N GLU C 92 -29.80 16.99 17.14
CA GLU C 92 -28.78 17.18 16.12
C GLU C 92 -28.26 18.61 16.12
N LEU C 93 -29.15 19.58 16.36
CA LEU C 93 -28.73 20.98 16.40
C LEU C 93 -27.83 21.25 17.60
N GLU C 94 -28.19 20.72 18.77
CA GLU C 94 -27.38 20.94 19.96
C GLU C 94 -26.04 20.24 19.87
N ALA C 95 -25.98 19.09 19.21
CA ALA C 95 -24.72 18.38 19.06
C ALA C 95 -23.74 19.14 18.18
N VAL C 96 -24.25 19.88 17.19
CA VAL C 96 -23.37 20.68 16.34
C VAL C 96 -22.81 21.87 17.13
N CYS C 97 -23.65 22.51 17.94
CA CYS C 97 -23.20 23.67 18.70
C CYS C 97 -22.14 23.28 19.72
N GLN C 98 -22.32 22.16 20.42
CA GLN C 98 -21.31 21.71 21.37
C GLN C 98 -20.01 21.34 20.67
N ASP C 99 -20.10 20.93 19.39
CA ASP C 99 -18.89 20.59 18.64
C ASP C 99 -18.06 21.82 18.34
N VAL C 100 -18.71 22.90 17.88
CA VAL C 100 -17.99 24.13 17.58
C VAL C 100 -17.52 24.82 18.85
N LEU C 101 -18.38 24.87 19.87
CA LEU C 101 -18.01 25.52 21.11
C LEU C 101 -16.84 24.82 21.79
N SER C 102 -16.70 23.50 21.57
CA SER C 102 -15.54 22.79 22.10
C SER C 102 -14.28 23.11 21.31
N LEU C 103 -14.41 23.26 19.99
CA LEU C 103 -13.27 23.63 19.17
C LEU C 103 -12.80 25.05 19.48
N LEU C 104 -13.71 25.94 19.83
CA LEU C 104 -13.33 27.30 20.16
C LEU C 104 -12.65 27.38 21.52
N ASP C 105 -13.24 26.72 22.53
CA ASP C 105 -12.73 26.81 23.89
C ASP C 105 -11.46 26.00 24.11
N ASN C 106 -11.16 25.03 23.25
CA ASN C 106 -10.03 24.15 23.46
C ASN C 106 -8.88 24.36 22.48
N TYR C 107 -9.16 24.88 21.28
CA TYR C 107 -8.12 25.03 20.27
C TYR C 107 -7.93 26.48 19.84
N LEU C 108 -9.01 27.20 19.53
CA LEU C 108 -8.90 28.48 18.84
C LEU C 108 -8.79 29.66 19.81
N ILE C 109 -9.68 29.76 20.79
CA ILE C 109 -9.61 30.86 21.74
C ILE C 109 -8.43 30.68 22.69
N LYS C 110 -8.11 29.43 23.03
CA LYS C 110 -7.04 29.17 23.99
C LYS C 110 -5.69 29.61 23.45
N ASN C 111 -5.42 29.33 22.17
CA ASN C 111 -4.15 29.68 21.54
C ASN C 111 -4.11 31.13 21.05
N CYS C 112 -5.09 31.94 21.41
CA CYS C 112 -5.12 33.34 21.02
C CYS C 112 -4.30 34.17 22.00
N SER C 113 -3.32 34.90 21.49
CA SER C 113 -2.48 35.74 22.33
C SER C 113 -3.19 37.06 22.63
N GLU C 114 -2.57 37.86 23.51
CA GLU C 114 -3.12 39.15 23.89
C GLU C 114 -3.10 40.16 22.76
N THR C 115 -2.37 39.89 21.67
CA THR C 115 -2.26 40.82 20.57
C THR C 115 -2.99 40.34 19.32
N GLN C 116 -3.68 39.21 19.38
CA GLN C 116 -4.46 38.72 18.23
C GLN C 116 -5.92 39.17 18.36
N TYR C 117 -6.10 40.48 18.20
CA TYR C 117 -7.42 41.08 18.38
C TYR C 117 -8.39 40.58 17.32
N GLU C 118 -7.95 40.52 16.06
CA GLU C 118 -8.85 40.12 14.98
C GLU C 118 -9.32 38.68 15.14
N SER C 119 -8.43 37.79 15.55
CA SER C 119 -8.82 36.38 15.72
C SER C 119 -9.61 36.17 17.00
N LYS C 120 -9.24 36.88 18.08
CA LYS C 120 -9.94 36.67 19.35
C LYS C 120 -11.38 37.19 19.28
N VAL C 121 -11.58 38.35 18.66
CA VAL C 121 -12.94 38.87 18.51
C VAL C 121 -13.75 37.98 17.58
N PHE C 122 -13.13 37.48 16.51
CA PHE C 122 -13.82 36.62 15.57
C PHE C 122 -14.28 35.32 16.24
N TYR C 123 -13.40 34.71 17.04
CA TYR C 123 -13.77 33.46 17.70
C TYR C 123 -14.75 33.70 18.84
N LEU C 124 -14.58 34.79 19.59
CA LEU C 124 -15.54 35.12 20.64
C LEU C 124 -16.90 35.50 20.06
N LYS C 125 -16.93 35.98 18.82
CA LYS C 125 -18.21 36.24 18.16
C LYS C 125 -18.93 34.93 17.83
N MET C 126 -18.18 33.93 17.37
CA MET C 126 -18.78 32.62 17.08
C MET C 126 -19.28 31.94 18.35
N LYS C 127 -18.58 32.15 19.48
CA LYS C 127 -19.04 31.55 20.73
C LYS C 127 -20.39 32.10 21.14
N GLY C 128 -20.56 33.42 21.05
CA GLY C 128 -21.88 34.00 21.30
C GLY C 128 -22.88 33.66 20.22
N ASP C 129 -22.41 33.42 19.00
CA ASP C 129 -23.32 33.04 17.92
C ASP C 129 -23.95 31.67 18.19
N TYR C 130 -23.13 30.66 18.48
CA TYR C 130 -23.64 29.30 18.62
C TYR C 130 -24.30 29.08 19.97
N TYR C 131 -23.92 29.85 21.00
CA TYR C 131 -24.70 29.84 22.23
C TYR C 131 -26.06 30.49 22.03
N ARG C 132 -26.14 31.47 21.12
CA ARG C 132 -27.44 32.04 20.77
C ARG C 132 -28.29 31.04 20.00
N TYR C 133 -27.67 30.25 19.12
CA TYR C 133 -28.40 29.21 18.40
C TYR C 133 -28.97 28.17 19.37
N LEU C 134 -28.26 27.88 20.45
CA LEU C 134 -28.81 27.01 21.49
C LEU C 134 -29.97 27.69 22.21
N ALA C 135 -29.86 29.02 22.42
CA ALA C 135 -30.92 29.75 23.09
C ALA C 135 -32.20 29.82 22.27
N GLU C 136 -32.11 29.63 20.95
CA GLU C 136 -33.30 29.66 20.11
C GLU C 136 -34.19 28.45 20.34
N VAL C 137 -33.64 27.36 20.88
CA VAL C 137 -34.37 26.11 21.06
C VAL C 137 -34.42 25.66 22.51
N ALA C 138 -33.90 26.46 23.44
CA ALA C 138 -33.86 26.08 24.83
C ALA C 138 -35.11 26.54 25.56
N THR C 139 -35.21 26.16 26.85
CA THR C 139 -36.40 26.44 27.64
C THR C 139 -36.03 26.39 29.12
N GLY C 140 -36.47 27.40 29.87
CA GLY C 140 -36.27 27.42 31.30
C GLY C 140 -34.85 27.75 31.72
N GLU C 141 -34.35 27.06 32.76
CA GLU C 141 -33.00 27.33 33.26
C GLU C 141 -31.95 26.90 32.26
N LYS C 142 -32.25 25.93 31.39
CA LYS C 142 -31.35 25.61 30.30
C LYS C 142 -31.19 26.78 29.35
N ARG C 143 -32.26 27.56 29.15
CA ARG C 143 -32.17 28.75 28.30
C ARG C 143 -31.39 29.86 28.98
N ALA C 144 -31.64 30.08 30.27
CA ALA C 144 -30.95 31.15 30.99
C ALA C 144 -29.44 30.93 31.01
N THR C 145 -29.00 29.68 31.00
CA THR C 145 -27.57 29.39 31.07
C THR C 145 -26.88 29.72 29.74
N VAL C 146 -27.47 29.28 28.63
CA VAL C 146 -26.86 29.55 27.33
C VAL C 146 -26.99 31.02 26.95
N VAL C 147 -28.01 31.71 27.48
CA VAL C 147 -28.13 33.13 27.25
C VAL C 147 -27.03 33.89 27.99
N GLU C 148 -26.78 33.50 29.24
CA GLU C 148 -25.71 34.13 30.00
C GLU C 148 -24.35 33.83 29.39
N SER C 149 -24.18 32.63 28.83
CA SER C 149 -22.94 32.30 28.13
C SER C 149 -22.80 33.10 26.84
N SER C 150 -23.91 33.25 26.10
CA SER C 150 -23.86 33.99 24.84
C SER C 150 -23.53 35.46 25.08
N GLU C 151 -24.13 36.07 26.11
CA GLU C 151 -23.85 37.46 26.41
C GLU C 151 -22.41 37.67 26.84
N LYS C 152 -21.90 36.78 27.70
CA LYS C 152 -20.53 36.91 28.18
C LYS C 152 -19.53 36.81 27.03
N ALA C 153 -19.77 35.90 26.09
CA ALA C 153 -18.91 35.79 24.92
C ALA C 153 -19.04 37.02 24.03
N TYR C 154 -20.25 37.56 23.88
CA TYR C 154 -20.44 38.78 23.11
C TYR C 154 -19.83 39.98 23.82
N SER C 155 -19.91 40.00 25.16
CA SER C 155 -19.41 41.15 25.91
C SER C 155 -17.89 41.27 25.80
N GLU C 156 -17.17 40.16 25.98
CA GLU C 156 -15.71 40.20 25.89
C GLU C 156 -15.26 40.50 24.47
N ALA C 157 -15.98 40.02 23.46
CA ALA C 157 -15.66 40.35 22.08
C ALA C 157 -15.88 41.83 21.81
N HIS C 158 -16.91 42.42 22.40
CA HIS C 158 -17.19 43.83 22.19
C HIS C 158 -16.17 44.71 22.91
N GLU C 159 -15.72 44.28 24.10
CA GLU C 159 -14.75 45.07 24.85
C GLU C 159 -13.40 45.11 24.15
N ILE C 160 -12.99 44.00 23.54
CA ILE C 160 -11.68 43.94 22.89
C ILE C 160 -11.69 44.75 21.60
N SER C 161 -12.72 44.55 20.76
CA SER C 161 -12.76 45.22 19.46
C SER C 161 -12.92 46.72 19.59
N LYS C 162 -13.58 47.19 20.66
CA LYS C 162 -13.75 48.62 20.85
C LYS C 162 -12.47 49.31 21.29
N GLU C 163 -11.47 48.55 21.75
CA GLU C 163 -10.22 49.11 22.24
C GLU C 163 -9.10 49.07 21.22
N HIS C 164 -8.98 47.99 20.45
CA HIS C 164 -7.85 47.80 19.56
C HIS C 164 -8.23 47.80 18.08
N MET C 165 -9.52 47.65 17.74
CA MET C 165 -9.96 47.59 16.36
C MET C 165 -10.75 48.85 16.00
N GLN C 166 -10.53 49.34 14.79
CA GLN C 166 -11.25 50.52 14.32
C GLN C 166 -12.70 50.15 14.00
N PRO C 167 -13.63 51.12 14.07
CA PRO C 167 -15.00 50.86 13.62
C PRO C 167 -15.08 50.48 12.15
N THR C 168 -14.00 50.69 11.39
CA THR C 168 -13.97 50.32 9.98
C THR C 168 -13.93 48.80 9.81
N HIS C 169 -13.21 48.11 10.69
CA HIS C 169 -12.94 46.69 10.51
C HIS C 169 -14.25 45.90 10.46
N PRO C 170 -14.45 45.05 9.45
CA PRO C 170 -15.72 44.32 9.33
C PRO C 170 -15.94 43.27 10.41
N ILE C 171 -14.88 42.84 11.09
CA ILE C 171 -15.07 41.90 12.21
C ILE C 171 -15.72 42.62 13.38
N ARG C 172 -15.29 43.86 13.66
CA ARG C 172 -15.94 44.64 14.70
C ARG C 172 -17.38 44.98 14.32
N LEU C 173 -17.61 45.31 13.04
CA LEU C 173 -18.97 45.60 12.60
C LEU C 173 -19.83 44.34 12.59
N GLY C 174 -19.28 43.22 12.12
CA GLY C 174 -20.04 41.99 12.08
C GLY C 174 -20.44 41.49 13.46
N LEU C 175 -19.57 41.70 14.46
CA LEU C 175 -19.92 41.34 15.83
C LEU C 175 -21.04 42.24 16.34
N ALA C 176 -20.95 43.54 16.07
CA ALA C 176 -21.98 44.47 16.53
C ALA C 176 -23.33 44.19 15.89
N LEU C 177 -23.33 43.63 14.68
CA LEU C 177 -24.58 43.25 14.04
C LEU C 177 -25.21 42.05 14.74
N ASN C 178 -24.41 41.00 14.99
CA ASN C 178 -24.95 39.82 15.65
C ASN C 178 -25.24 40.08 17.12
N TYR C 179 -24.49 41.00 17.75
CA TYR C 179 -24.78 41.37 19.13
C TYR C 179 -26.16 42.02 19.25
N SER C 180 -26.48 42.94 18.33
CA SER C 180 -27.79 43.58 18.36
C SER C 180 -28.90 42.61 18.06
N VAL C 181 -28.65 41.61 17.22
CA VAL C 181 -29.64 40.57 16.97
C VAL C 181 -29.88 39.76 18.23
N PHE C 182 -28.84 39.55 19.03
CA PHE C 182 -29.00 38.84 20.30
C PHE C 182 -29.96 39.56 21.22
N TYR C 183 -29.81 40.88 21.35
CA TYR C 183 -30.72 41.66 22.19
C TYR C 183 -32.13 41.65 21.64
N TYR C 184 -32.29 41.60 20.32
CA TYR C 184 -33.62 41.66 19.73
C TYR C 184 -34.30 40.30 19.71
N GLU C 185 -33.61 39.29 19.18
CA GLU C 185 -34.23 37.98 19.01
C GLU C 185 -34.27 37.17 20.31
N ILE C 186 -33.24 37.30 21.15
CA ILE C 186 -33.15 36.47 22.34
C ILE C 186 -33.58 37.25 23.58
N GLN C 187 -32.94 38.40 23.82
CA GLN C 187 -33.27 39.21 24.98
C GLN C 187 -34.56 39.99 24.82
N ASN C 188 -35.11 40.06 23.60
CA ASN C 188 -36.36 40.78 23.33
C ASN C 188 -36.29 42.21 23.85
N ALA C 189 -35.21 42.90 23.51
CA ALA C 189 -34.97 44.28 23.93
C ALA C 189 -34.67 45.11 22.68
N PRO C 190 -35.71 45.61 21.99
CA PRO C 190 -35.46 46.38 20.78
C PRO C 190 -34.67 47.66 21.00
N GLU C 191 -34.91 48.34 22.13
CA GLU C 191 -34.21 49.61 22.38
C GLU C 191 -32.72 49.39 22.57
N GLN C 192 -32.35 48.36 23.34
CA GLN C 192 -30.92 48.06 23.49
C GLN C 192 -30.34 47.48 22.21
N ALA C 193 -31.17 46.83 21.38
CA ALA C 193 -30.69 46.33 20.11
C ALA C 193 -30.42 47.47 19.13
N CYS C 194 -31.27 48.50 19.13
CA CYS C 194 -31.06 49.63 18.24
C CYS C 194 -29.90 50.51 18.70
N HIS C 195 -29.70 50.64 20.01
CA HIS C 195 -28.59 51.45 20.51
C HIS C 195 -27.25 50.88 20.10
N LEU C 196 -27.09 49.56 20.22
CA LEU C 196 -25.83 48.93 19.84
C LEU C 196 -25.59 49.02 18.33
N ALA C 197 -26.65 48.82 17.54
CA ALA C 197 -26.50 48.86 16.09
C ALA C 197 -26.24 50.27 15.59
N LYS C 198 -26.96 51.26 16.12
CA LYS C 198 -26.79 52.63 15.66
C LYS C 198 -25.43 53.18 16.06
N THR C 199 -24.94 52.82 17.25
CA THR C 199 -23.63 53.30 17.69
C THR C 199 -22.52 52.80 16.78
N ALA C 200 -22.54 51.50 16.47
CA ALA C 200 -21.53 50.95 15.57
C ALA C 200 -21.69 51.53 14.16
N PHE C 201 -22.93 51.77 13.74
CA PHE C 201 -23.16 52.40 12.44
C PHE C 201 -22.62 53.82 12.41
N ASP C 202 -22.93 54.61 13.45
CA ASP C 202 -22.49 56.00 13.48
C ASP C 202 -20.99 56.11 13.65
N ASP C 203 -20.39 55.21 14.45
CA ASP C 203 -18.95 55.25 14.66
C ASP C 203 -18.18 54.89 13.40
N ALA C 204 -18.78 54.07 12.53
CA ALA C 204 -18.13 53.73 11.26
C ALA C 204 -18.30 54.83 10.23
N ILE C 205 -19.44 55.54 10.25
CA ILE C 205 -19.64 56.65 9.32
C ILE C 205 -18.69 57.79 9.65
N ALA C 206 -18.48 58.05 10.95
CA ALA C 206 -17.58 59.13 11.36
C ALA C 206 -16.15 58.89 10.90
N GLU C 207 -15.73 57.63 10.84
CA GLU C 207 -14.40 57.26 10.38
C GLU C 207 -14.47 56.53 9.03
N LEU C 208 -15.35 57.00 8.15
CA LEU C 208 -15.53 56.36 6.85
C LEU C 208 -14.32 56.53 5.94
N ASP C 209 -13.44 57.48 6.24
CA ASP C 209 -12.22 57.67 5.46
C ASP C 209 -11.16 56.60 5.72
N THR C 210 -11.39 55.70 6.66
CA THR C 210 -10.41 54.70 7.05
C THR C 210 -10.64 53.35 6.38
N LEU C 211 -11.67 53.23 5.53
CA LEU C 211 -11.91 51.98 4.81
C LEU C 211 -10.79 51.79 3.78
N ASN C 212 -9.96 50.78 3.97
CA ASN C 212 -8.89 50.49 3.03
C ASN C 212 -9.44 49.89 1.75
N GLU C 213 -8.57 49.74 0.76
CA GLU C 213 -8.99 49.21 -0.53
C GLU C 213 -9.36 47.73 -0.45
N ASP C 214 -8.80 47.01 0.52
CA ASP C 214 -9.09 45.58 0.65
C ASP C 214 -10.40 45.34 1.39
N SER C 215 -10.48 45.78 2.65
CA SER C 215 -11.66 45.56 3.47
C SER C 215 -12.63 46.75 3.38
N TYR C 216 -12.96 47.14 2.16
CA TYR C 216 -14.04 48.09 1.91
C TYR C 216 -15.31 47.41 1.43
N LYS C 217 -15.18 46.29 0.72
CA LYS C 217 -16.31 45.47 0.30
C LYS C 217 -16.65 44.41 1.34
N ASP C 218 -16.38 44.67 2.61
CA ASP C 218 -16.85 43.83 3.70
C ASP C 218 -17.55 44.67 4.75
N SER C 219 -17.06 45.89 4.96
CA SER C 219 -17.62 46.77 5.99
C SER C 219 -18.88 47.47 5.50
N THR C 220 -18.89 47.92 4.25
CA THR C 220 -20.06 48.62 3.72
C THR C 220 -21.28 47.71 3.64
N LEU C 221 -21.06 46.41 3.42
CA LEU C 221 -22.18 45.48 3.34
C LEU C 221 -22.76 45.19 4.72
N ILE C 222 -21.90 45.15 5.74
CA ILE C 222 -22.40 44.99 7.11
C ILE C 222 -23.11 46.26 7.55
N MET C 223 -22.60 47.43 7.14
CA MET C 223 -23.29 48.67 7.44
C MET C 223 -24.66 48.72 6.77
N GLN C 224 -24.82 48.01 5.65
CA GLN C 224 -26.13 47.94 5.00
C GLN C 224 -27.11 47.13 5.84
N LEU C 225 -26.66 45.99 6.37
CA LEU C 225 -27.55 45.17 7.20
C LEU C 225 -27.79 45.82 8.55
N LEU C 226 -26.86 46.67 9.01
CA LEU C 226 -27.10 47.40 10.26
C LEU C 226 -28.22 48.42 10.10
N ARG C 227 -28.25 49.14 8.97
CA ARG C 227 -29.34 50.06 8.71
C ARG C 227 -30.62 49.31 8.39
N ASP C 228 -30.52 48.16 7.71
CA ASP C 228 -31.70 47.37 7.40
C ASP C 228 -32.40 46.90 8.67
N ASN C 229 -31.63 46.48 9.67
CA ASN C 229 -32.23 46.06 10.93
C ASN C 229 -32.73 47.26 11.73
N LEU C 230 -32.01 48.38 11.68
CA LEU C 230 -32.43 49.57 12.41
C LEU C 230 -33.78 50.08 11.90
N THR C 231 -34.05 49.93 10.60
CA THR C 231 -35.35 50.31 10.07
C THR C 231 -36.43 49.29 10.41
N LEU C 232 -36.06 48.01 10.49
CA LEU C 232 -37.02 46.95 10.79
C LEU C 232 -37.40 46.89 12.26
N TRP C 233 -36.70 47.61 13.14
CA TRP C 233 -36.96 47.55 14.57
C TRP C 233 -37.55 48.82 15.14
N THR C 234 -37.52 49.93 14.40
CA THR C 234 -38.09 51.19 14.89
C THR C 234 -39.58 51.29 14.56
N VAL D 2 -24.55 -2.84 -5.04
CA VAL D 2 -23.86 -3.61 -6.08
C VAL D 2 -22.41 -3.84 -5.70
N ASP D 3 -22.13 -3.86 -4.40
CA ASP D 3 -20.78 -4.08 -3.86
C ASP D 3 -20.82 -5.10 -2.74
N ARG D 4 -21.40 -6.28 -3.02
CA ARG D 4 -21.50 -7.36 -2.05
C ARG D 4 -20.11 -7.83 -1.60
N GLU D 5 -20.09 -8.64 -0.54
CA GLU D 5 -18.89 -9.17 0.10
C GLU D 5 -18.15 -8.05 0.85
N GLN D 6 -18.62 -6.82 0.72
CA GLN D 6 -18.15 -5.72 1.55
C GLN D 6 -19.14 -5.36 2.64
N LEU D 7 -20.44 -5.57 2.41
CA LEU D 7 -21.42 -5.42 3.46
C LEU D 7 -21.40 -6.59 4.43
N VAL D 8 -21.19 -7.81 3.91
CA VAL D 8 -21.04 -8.97 4.79
C VAL D 8 -19.80 -8.81 5.66
N GLN D 9 -18.72 -8.26 5.10
CA GLN D 9 -17.52 -8.03 5.88
C GLN D 9 -17.75 -7.01 6.99
N LYS D 10 -18.62 -6.01 6.72
CA LYS D 10 -18.97 -5.06 7.77
C LYS D 10 -19.82 -5.74 8.85
N ALA D 11 -20.68 -6.69 8.45
CA ALA D 11 -21.47 -7.42 9.44
C ALA D 11 -20.58 -8.29 10.31
N ARG D 12 -19.61 -8.99 9.70
CA ARG D 12 -18.61 -9.69 10.49
C ARG D 12 -17.83 -8.72 11.38
N LEU D 13 -17.54 -7.53 10.86
CA LEU D 13 -16.85 -6.52 11.64
C LEU D 13 -17.71 -6.06 12.82
N ALA D 14 -18.98 -5.76 12.56
CA ALA D 14 -19.85 -5.24 13.61
C ALA D 14 -20.10 -6.27 14.70
N GLU D 15 -20.10 -7.56 14.36
CA GLU D 15 -20.29 -8.59 15.38
C GLU D 15 -19.14 -8.60 16.37
N GLN D 16 -17.90 -8.46 15.88
CA GLN D 16 -16.76 -8.39 16.78
C GLN D 16 -16.77 -7.14 17.63
N ALA D 17 -17.43 -6.08 17.18
CA ALA D 17 -17.55 -4.84 17.94
C ALA D 17 -18.75 -4.83 18.86
N GLU D 18 -19.55 -5.90 18.86
CA GLU D 18 -20.78 -5.98 19.66
C GLU D 18 -21.74 -4.84 19.31
N ARG D 19 -21.78 -4.48 18.04
CA ARG D 19 -22.69 -3.46 17.52
C ARG D 19 -23.68 -4.17 16.60
N TYR D 20 -24.74 -4.71 17.18
CA TYR D 20 -25.70 -5.50 16.42
C TYR D 20 -26.73 -4.65 15.70
N ASP D 21 -26.86 -3.36 16.05
CA ASP D 21 -27.71 -2.46 15.27
C ASP D 21 -27.11 -2.23 13.88
N ASP D 22 -25.82 -1.89 13.83
CA ASP D 22 -25.14 -1.74 12.55
C ASP D 22 -24.95 -3.07 11.85
N MET D 23 -24.87 -4.16 12.62
CA MET D 23 -24.73 -5.49 12.03
C MET D 23 -26.02 -5.91 11.32
N ALA D 24 -27.18 -5.69 11.96
CA ALA D 24 -28.45 -6.04 11.34
C ALA D 24 -28.71 -5.19 10.10
N ALA D 25 -28.31 -3.91 10.14
CA ALA D 25 -28.50 -3.04 8.98
C ALA D 25 -27.67 -3.52 7.79
N ALA D 26 -26.46 -4.03 8.06
CA ALA D 26 -25.62 -4.53 6.98
C ALA D 26 -26.18 -5.81 6.38
N MET D 27 -26.64 -6.74 7.23
CA MET D 27 -27.18 -7.99 6.72
C MET D 27 -28.51 -7.79 6.02
N LYS D 28 -29.26 -6.75 6.39
CA LYS D 28 -30.46 -6.41 5.64
C LYS D 28 -30.09 -5.94 4.24
N ASN D 29 -29.01 -5.16 4.11
CA ASN D 29 -28.56 -4.72 2.80
C ASN D 29 -28.15 -5.89 1.92
N VAL D 30 -27.50 -6.90 2.52
CA VAL D 30 -27.11 -8.09 1.75
C VAL D 30 -28.35 -8.87 1.32
N THR D 31 -29.37 -8.93 2.17
CA THR D 31 -30.60 -9.63 1.81
C THR D 31 -31.32 -8.89 0.69
N GLU D 32 -31.30 -7.56 0.71
CA GLU D 32 -32.00 -6.78 -0.30
C GLU D 32 -31.41 -6.94 -1.69
N LEU D 33 -30.21 -7.49 -1.82
CA LEU D 33 -29.61 -7.75 -3.12
C LEU D 33 -30.21 -8.94 -3.84
N ASN D 34 -31.13 -9.67 -3.18
CA ASN D 34 -31.87 -10.78 -3.80
C ASN D 34 -30.94 -11.86 -4.33
N GLU D 35 -29.94 -12.21 -3.52
CA GLU D 35 -29.06 -13.33 -3.80
C GLU D 35 -29.16 -14.34 -2.67
N PRO D 36 -29.27 -15.65 -2.97
CA PRO D 36 -29.42 -16.65 -1.91
C PRO D 36 -28.34 -16.56 -0.84
N LEU D 37 -28.74 -16.35 0.40
CA LEU D 37 -27.80 -16.20 1.50
C LEU D 37 -27.09 -17.52 1.78
N SER D 38 -25.78 -17.44 2.00
CA SER D 38 -25.04 -18.62 2.43
C SER D 38 -25.42 -19.00 3.86
N ASN D 39 -25.00 -20.20 4.26
CA ASN D 39 -25.32 -20.68 5.59
C ASN D 39 -24.55 -19.94 6.68
N GLU D 40 -23.39 -19.36 6.34
CA GLU D 40 -22.69 -18.50 7.28
C GLU D 40 -23.36 -17.13 7.37
N GLU D 41 -23.83 -16.60 6.24
CA GLU D 41 -24.56 -15.34 6.25
C GLU D 41 -25.93 -15.49 6.92
N ARG D 42 -26.54 -16.68 6.80
CA ARG D 42 -27.80 -16.93 7.49
C ARG D 42 -27.62 -16.81 9.00
N ASN D 43 -26.49 -17.28 9.52
CA ASN D 43 -26.24 -17.17 10.96
C ASN D 43 -25.99 -15.73 11.37
N LEU D 44 -25.29 -14.96 10.53
CA LEU D 44 -24.99 -13.59 10.88
C LEU D 44 -26.25 -12.73 10.89
N LEU D 45 -27.16 -12.95 9.92
CA LEU D 45 -28.42 -12.23 9.93
C LEU D 45 -29.27 -12.61 11.14
N SER D 46 -29.28 -13.90 11.49
CA SER D 46 -30.05 -14.35 12.64
C SER D 46 -29.46 -13.80 13.95
N VAL D 47 -28.14 -13.90 14.10
CA VAL D 47 -27.50 -13.40 15.32
C VAL D 47 -27.68 -11.90 15.44
N ALA D 48 -27.65 -11.19 14.31
CA ALA D 48 -27.80 -9.73 14.32
C ALA D 48 -29.16 -9.32 14.90
N TYR D 49 -30.24 -9.73 14.23
CA TYR D 49 -31.57 -9.30 14.64
C TYR D 49 -32.00 -9.90 15.97
N LYS D 50 -31.42 -11.03 16.37
CA LYS D 50 -31.78 -11.61 17.67
C LYS D 50 -31.23 -10.78 18.82
N ASN D 51 -30.03 -10.21 18.64
CA ASN D 51 -29.45 -9.38 19.69
C ASN D 51 -30.11 -8.00 19.76
N VAL D 52 -30.57 -7.48 18.62
CA VAL D 52 -31.32 -6.22 18.65
C VAL D 52 -32.63 -6.40 19.39
N VAL D 53 -33.34 -7.49 19.09
CA VAL D 53 -34.61 -7.76 19.78
C VAL D 53 -34.38 -8.31 21.18
N GLY D 54 -33.24 -8.98 21.41
CA GLY D 54 -33.00 -9.57 22.71
C GLY D 54 -32.70 -8.54 23.78
N ALA D 55 -32.01 -7.44 23.40
CA ALA D 55 -31.76 -6.38 24.36
C ALA D 55 -33.05 -5.70 24.80
N ARG D 56 -34.01 -5.56 23.87
CA ARG D 56 -35.30 -5.00 24.23
C ARG D 56 -36.21 -6.03 24.89
N ARG D 57 -36.06 -7.31 24.53
CA ARG D 57 -36.82 -8.35 25.21
C ARG D 57 -36.37 -8.49 26.66
N SER D 58 -35.08 -8.32 26.92
CA SER D 58 -34.57 -8.39 28.29
C SER D 58 -35.01 -7.18 29.10
N SER D 59 -35.04 -6.00 28.48
CA SER D 59 -35.46 -4.79 29.18
C SER D 59 -36.95 -4.80 29.49
N TRP D 60 -37.75 -5.45 28.64
CA TRP D 60 -39.19 -5.51 28.89
C TRP D 60 -39.51 -6.33 30.12
N ARG D 61 -38.85 -7.49 30.27
CA ARG D 61 -39.06 -8.31 31.46
C ARG D 61 -38.62 -7.60 32.72
N VAL D 62 -37.61 -6.73 32.63
CA VAL D 62 -37.17 -5.96 33.78
C VAL D 62 -38.26 -4.98 34.21
N ILE D 63 -38.66 -4.09 33.29
CA ILE D 63 -39.63 -3.06 33.62
C ILE D 63 -40.96 -3.68 34.05
N SER D 64 -41.37 -4.76 33.39
CA SER D 64 -42.59 -5.45 33.79
C SER D 64 -42.49 -6.05 35.18
N SER D 65 -41.26 -6.36 35.64
CA SER D 65 -41.10 -6.87 36.99
C SER D 65 -41.30 -5.77 38.02
N ILE D 66 -40.68 -4.61 37.80
CA ILE D 66 -40.90 -3.46 38.68
C ILE D 66 -42.36 -3.00 38.58
N GLU D 67 -42.92 -3.06 37.37
CA GLU D 67 -44.33 -2.74 37.20
C GLU D 67 -45.23 -3.69 37.98
N GLN D 68 -44.76 -4.92 38.22
CA GLN D 68 -45.56 -5.89 38.96
C GLN D 68 -45.41 -5.71 40.47
N LYS D 69 -44.24 -5.29 40.93
CA LYS D 69 -43.96 -5.13 42.35
C LYS D 69 -44.39 -3.78 42.90
N THR D 70 -45.31 -3.10 42.21
CA THR D 70 -45.81 -1.81 42.69
C THR D 70 -47.30 -1.67 42.38
N LYS D 77 -49.56 7.65 41.57
CA LYS D 77 -48.31 8.40 41.77
C LYS D 77 -47.51 8.47 40.47
N LYS D 78 -46.19 8.30 40.58
CA LYS D 78 -45.29 8.37 39.44
C LYS D 78 -45.06 6.99 38.81
N ILE D 79 -46.17 6.33 38.45
CA ILE D 79 -46.11 4.98 37.91
C ILE D 79 -46.32 5.02 36.40
N GLU D 80 -47.02 6.06 35.92
CA GLU D 80 -47.22 6.23 34.47
C GLU D 80 -45.88 6.29 33.72
N MET D 81 -44.83 6.80 34.35
CA MET D 81 -43.51 6.80 33.74
C MET D 81 -42.97 5.37 33.59
N VAL D 82 -43.39 4.45 34.46
CA VAL D 82 -42.92 3.07 34.36
C VAL D 82 -43.56 2.37 33.17
N ARG D 83 -44.87 2.53 33.01
CA ARG D 83 -45.58 1.87 31.91
C ARG D 83 -45.26 2.54 30.57
N ALA D 84 -45.08 3.87 30.57
CA ALA D 84 -44.70 4.56 29.34
C ALA D 84 -43.33 4.10 28.85
N TYR D 85 -42.42 3.78 29.77
CA TYR D 85 -41.13 3.23 29.38
C TYR D 85 -41.29 1.80 28.85
N ARG D 86 -42.21 1.03 29.43
CA ARG D 86 -42.49 -0.30 28.92
C ARG D 86 -43.07 -0.25 27.52
N GLU D 87 -43.97 0.72 27.27
CA GLU D 87 -44.57 0.84 25.95
C GLU D 87 -43.58 1.40 24.93
N LYS D 88 -42.65 2.24 25.37
CA LYS D 88 -41.61 2.73 24.47
C LYS D 88 -40.72 1.60 23.98
N ILE D 89 -40.36 0.68 24.89
CA ILE D 89 -39.58 -0.49 24.49
C ILE D 89 -40.43 -1.43 23.64
N GLU D 90 -41.71 -1.56 23.98
CA GLU D 90 -42.62 -2.36 23.16
C GLU D 90 -42.67 -1.83 21.73
N LYS D 91 -42.73 -0.49 21.58
CA LYS D 91 -42.75 0.09 20.25
C LYS D 91 -41.47 -0.21 19.49
N GLU D 92 -40.32 -0.14 20.17
CA GLU D 92 -39.06 -0.48 19.53
C GLU D 92 -39.00 -1.97 19.18
N LEU D 93 -39.45 -2.82 20.11
CA LEU D 93 -39.43 -4.26 19.86
C LEU D 93 -40.35 -4.63 18.69
N GLU D 94 -41.51 -3.97 18.61
CA GLU D 94 -42.44 -4.26 17.51
C GLU D 94 -41.88 -3.80 16.18
N ALA D 95 -41.30 -2.59 16.14
CA ALA D 95 -40.73 -2.09 14.90
C ALA D 95 -39.59 -2.97 14.41
N VAL D 96 -38.78 -3.48 15.33
CA VAL D 96 -37.70 -4.39 14.95
C VAL D 96 -38.27 -5.69 14.41
N CYS D 97 -39.35 -6.18 15.01
CA CYS D 97 -39.96 -7.43 14.54
C CYS D 97 -40.57 -7.25 13.15
N GLN D 98 -41.28 -6.15 12.92
CA GLN D 98 -41.89 -5.93 11.61
C GLN D 98 -40.84 -5.80 10.52
N ASP D 99 -39.65 -5.33 10.85
CA ASP D 99 -38.60 -5.16 9.84
C ASP D 99 -38.05 -6.51 9.39
N VAL D 100 -37.77 -7.40 10.33
CA VAL D 100 -37.24 -8.72 9.96
C VAL D 100 -38.34 -9.59 9.38
N LEU D 101 -39.59 -9.41 9.82
CA LEU D 101 -40.69 -10.20 9.29
C LEU D 101 -40.99 -9.82 7.84
N SER D 102 -40.84 -8.55 7.49
CA SER D 102 -40.94 -8.14 6.09
C SER D 102 -39.76 -8.67 5.27
N LEU D 103 -38.58 -8.76 5.89
CA LEU D 103 -37.44 -9.36 5.21
C LEU D 103 -37.64 -10.85 4.99
N LEU D 104 -38.26 -11.53 5.95
CA LEU D 104 -38.47 -12.97 5.80
C LEU D 104 -39.58 -13.26 4.79
N ASP D 105 -40.66 -12.50 4.82
CA ASP D 105 -41.80 -12.80 3.96
C ASP D 105 -41.53 -12.40 2.51
N ASN D 106 -40.93 -11.23 2.30
CA ASN D 106 -40.79 -10.68 0.95
C ASN D 106 -39.43 -10.91 0.33
N TYR D 107 -38.46 -11.43 1.07
CA TYR D 107 -37.14 -11.65 0.47
C TYR D 107 -36.63 -13.07 0.62
N LEU D 108 -36.82 -13.69 1.78
CA LEU D 108 -36.15 -14.95 2.10
C LEU D 108 -37.04 -16.16 1.90
N ILE D 109 -38.20 -16.20 2.55
CA ILE D 109 -39.12 -17.32 2.38
C ILE D 109 -39.70 -17.32 0.97
N LYS D 110 -39.94 -16.13 0.41
CA LYS D 110 -40.54 -16.05 -0.92
C LYS D 110 -39.61 -16.59 -2.00
N ASN D 111 -38.30 -16.52 -1.78
CA ASN D 111 -37.32 -17.02 -2.74
C ASN D 111 -36.82 -18.41 -2.36
N CYS D 112 -37.65 -19.22 -1.71
CA CYS D 112 -37.30 -20.56 -1.29
C CYS D 112 -38.00 -21.56 -2.21
N SER D 113 -37.23 -22.14 -3.14
CA SER D 113 -37.75 -23.16 -4.03
C SER D 113 -37.67 -24.52 -3.35
N GLU D 114 -38.01 -25.59 -4.09
CA GLU D 114 -38.05 -26.93 -3.49
C GLU D 114 -36.65 -27.40 -3.08
N THR D 115 -35.64 -27.09 -3.89
CA THR D 115 -34.27 -27.50 -3.55
C THR D 115 -33.77 -26.78 -2.31
N GLN D 116 -34.29 -25.59 -2.02
CA GLN D 116 -33.81 -24.78 -0.90
C GLN D 116 -34.67 -25.02 0.34
N TYR D 117 -34.70 -26.28 0.76
CA TYR D 117 -35.53 -26.70 1.89
C TYR D 117 -34.85 -26.45 3.23
N GLU D 118 -33.53 -26.60 3.29
CA GLU D 118 -32.82 -26.36 4.55
C GLU D 118 -32.89 -24.89 4.94
N SER D 119 -32.83 -23.99 3.96
CA SER D 119 -32.91 -22.56 4.26
C SER D 119 -34.32 -22.13 4.62
N LYS D 120 -35.33 -22.79 4.06
CA LYS D 120 -36.71 -22.41 4.33
C LYS D 120 -37.08 -22.72 5.77
N VAL D 121 -36.68 -23.89 6.28
CA VAL D 121 -36.94 -24.22 7.68
C VAL D 121 -36.23 -23.23 8.59
N PHE D 122 -35.03 -22.79 8.21
CA PHE D 122 -34.31 -21.80 8.99
C PHE D 122 -35.06 -20.48 9.01
N TYR D 123 -35.57 -20.04 7.86
CA TYR D 123 -36.29 -18.78 7.79
C TYR D 123 -37.66 -18.88 8.45
N LEU D 124 -38.36 -20.00 8.23
CA LEU D 124 -39.71 -20.15 8.78
C LEU D 124 -39.70 -20.22 10.29
N LYS D 125 -38.66 -20.81 10.89
CA LYS D 125 -38.58 -20.82 12.34
C LYS D 125 -38.31 -19.42 12.87
N MET D 126 -37.50 -18.63 12.15
CA MET D 126 -37.32 -17.23 12.52
C MET D 126 -38.65 -16.49 12.46
N LYS D 127 -39.47 -16.77 11.43
CA LYS D 127 -40.78 -16.16 11.34
C LYS D 127 -41.63 -16.49 12.56
N GLY D 128 -41.58 -17.75 13.02
CA GLY D 128 -42.26 -18.12 14.23
C GLY D 128 -41.59 -17.61 15.49
N ASP D 129 -40.30 -17.31 15.43
CA ASP D 129 -39.60 -16.79 16.60
C ASP D 129 -40.00 -15.35 16.88
N TYR D 130 -39.93 -14.48 15.87
CA TYR D 130 -40.22 -13.07 16.06
C TYR D 130 -41.72 -12.80 16.17
N TYR D 131 -42.56 -13.71 15.67
CA TYR D 131 -43.98 -13.62 15.99
C TYR D 131 -44.25 -14.06 17.42
N ARG D 132 -43.43 -14.99 17.94
CA ARG D 132 -43.51 -15.35 19.35
C ARG D 132 -43.04 -14.22 20.25
N TYR D 133 -42.04 -13.46 19.80
CA TYR D 133 -41.55 -12.34 20.60
C TYR D 133 -42.60 -11.24 20.72
N LEU D 134 -43.45 -11.08 19.69
CA LEU D 134 -44.54 -10.12 19.77
C LEU D 134 -45.62 -10.59 20.74
N ALA D 135 -45.81 -11.90 20.87
CA ALA D 135 -46.84 -12.43 21.75
C ALA D 135 -46.53 -12.20 23.22
N GLU D 136 -45.26 -11.96 23.57
CA GLU D 136 -44.90 -11.74 24.96
C GLU D 136 -45.29 -10.35 25.44
N VAL D 137 -45.56 -9.43 24.52
CA VAL D 137 -45.93 -8.07 24.88
C VAL D 137 -47.33 -7.69 24.43
N ALA D 138 -48.01 -8.53 23.64
CA ALA D 138 -49.34 -8.23 23.15
C ALA D 138 -50.40 -8.72 24.13
N THR D 139 -51.52 -8.00 24.19
CA THR D 139 -52.57 -8.27 25.15
C THR D 139 -53.91 -8.42 24.44
N GLY D 140 -54.67 -9.43 24.83
CA GLY D 140 -56.05 -9.54 24.37
C GLY D 140 -56.14 -9.95 22.91
N GLU D 141 -56.92 -9.18 22.14
CA GLU D 141 -57.22 -9.56 20.76
C GLU D 141 -55.97 -9.47 19.89
N LYS D 142 -55.13 -8.46 20.10
CA LYS D 142 -53.91 -8.31 19.31
C LYS D 142 -52.93 -9.44 19.55
N ARG D 143 -53.05 -10.14 20.67
CA ARG D 143 -52.14 -11.25 20.95
C ARG D 143 -52.51 -12.51 20.17
N ALA D 144 -53.81 -12.79 20.03
CA ALA D 144 -54.24 -13.97 19.31
C ALA D 144 -53.86 -13.94 17.84
N THR D 145 -53.65 -12.74 17.27
CA THR D 145 -53.29 -12.65 15.87
C THR D 145 -51.83 -13.04 15.63
N VAL D 146 -50.94 -12.64 16.54
CA VAL D 146 -49.53 -12.96 16.36
C VAL D 146 -49.22 -14.38 16.84
N VAL D 147 -50.00 -14.89 17.80
CA VAL D 147 -49.81 -16.27 18.24
C VAL D 147 -50.16 -17.25 17.13
N GLU D 148 -51.23 -16.98 16.40
CA GLU D 148 -51.62 -17.85 15.29
C GLU D 148 -50.65 -17.73 14.12
N SER D 149 -50.08 -16.55 13.91
CA SER D 149 -49.07 -16.40 12.86
C SER D 149 -47.78 -17.13 13.23
N SER D 150 -47.48 -17.22 14.53
CA SER D 150 -46.27 -17.92 14.96
C SER D 150 -46.41 -19.42 14.75
N GLU D 151 -47.55 -19.99 15.14
CA GLU D 151 -47.73 -21.44 15.03
C GLU D 151 -47.83 -21.88 13.57
N LYS D 152 -48.42 -21.04 12.71
CA LYS D 152 -48.48 -21.38 11.29
C LYS D 152 -47.09 -21.42 10.68
N ALA D 153 -46.18 -20.56 11.14
CA ALA D 153 -44.81 -20.60 10.66
C ALA D 153 -44.04 -21.75 11.28
N TYR D 154 -44.24 -22.00 12.57
CA TYR D 154 -43.59 -23.12 13.23
C TYR D 154 -44.06 -24.45 12.65
N SER D 155 -45.36 -24.58 12.41
CA SER D 155 -45.91 -25.85 11.91
C SER D 155 -45.41 -26.13 10.49
N GLU D 156 -45.47 -25.12 9.61
CA GLU D 156 -44.97 -25.31 8.25
C GLU D 156 -43.49 -25.67 8.26
N ALA D 157 -42.71 -25.04 9.15
CA ALA D 157 -41.30 -25.38 9.27
C ALA D 157 -41.12 -26.79 9.81
N HIS D 158 -42.01 -27.22 10.72
CA HIS D 158 -41.88 -28.54 11.30
C HIS D 158 -42.16 -29.64 10.28
N GLU D 159 -43.13 -29.42 9.40
CA GLU D 159 -43.47 -30.43 8.41
C GLU D 159 -42.39 -30.57 7.34
N ILE D 160 -41.72 -29.47 6.99
CA ILE D 160 -40.68 -29.53 5.97
C ILE D 160 -39.44 -30.23 6.51
N SER D 161 -39.04 -29.91 7.74
CA SER D 161 -37.86 -30.53 8.32
C SER D 161 -38.09 -32.00 8.66
N LYS D 162 -39.34 -32.35 9.01
CA LYS D 162 -39.63 -33.75 9.32
C LYS D 162 -39.66 -34.62 8.06
N GLU D 163 -39.99 -34.01 6.91
CA GLU D 163 -40.14 -34.77 5.68
C GLU D 163 -38.87 -34.77 4.83
N HIS D 164 -37.98 -33.80 5.00
CA HIS D 164 -36.83 -33.64 4.10
C HIS D 164 -35.50 -33.48 4.79
N MET D 165 -35.46 -33.45 6.13
CA MET D 165 -34.22 -33.28 6.86
C MET D 165 -34.03 -34.43 7.84
N GLN D 166 -32.77 -34.75 8.13
CA GLN D 166 -32.46 -35.79 9.08
C GLN D 166 -32.76 -35.32 10.51
N PRO D 167 -33.15 -36.23 11.40
CA PRO D 167 -33.50 -35.81 12.76
C PRO D 167 -32.33 -35.27 13.58
N THR D 168 -31.10 -35.53 13.15
CA THR D 168 -29.92 -35.06 13.88
C THR D 168 -29.41 -33.72 13.37
N HIS D 169 -30.04 -33.15 12.35
CA HIS D 169 -29.60 -31.87 11.80
C HIS D 169 -29.81 -30.77 12.84
N PRO D 170 -28.81 -29.90 13.05
CA PRO D 170 -28.98 -28.84 14.06
C PRO D 170 -30.10 -27.86 13.74
N ILE D 171 -30.48 -27.72 12.47
CA ILE D 171 -31.59 -26.84 12.13
C ILE D 171 -32.92 -27.47 12.54
N ARG D 172 -33.03 -28.80 12.37
CA ARG D 172 -34.26 -29.47 12.78
C ARG D 172 -34.36 -29.58 14.30
N LEU D 173 -33.24 -29.72 14.99
CA LEU D 173 -33.27 -29.80 16.44
C LEU D 173 -33.59 -28.45 17.06
N GLY D 174 -32.98 -27.37 16.55
CA GLY D 174 -33.26 -26.05 17.07
C GLY D 174 -34.69 -25.60 16.82
N LEU D 175 -35.30 -26.08 15.73
CA LEU D 175 -36.69 -25.75 15.48
C LEU D 175 -37.62 -26.38 16.50
N ALA D 176 -37.41 -27.66 16.80
CA ALA D 176 -38.24 -28.34 17.79
C ALA D 176 -38.03 -27.75 19.19
N LEU D 177 -36.84 -27.19 19.45
CA LEU D 177 -36.59 -26.56 20.73
C LEU D 177 -37.41 -25.29 20.90
N ASN D 178 -37.43 -24.45 19.86
CA ASN D 178 -38.22 -23.22 19.94
C ASN D 178 -39.71 -23.49 19.80
N TYR D 179 -40.08 -24.52 19.03
CA TYR D 179 -41.49 -24.90 18.96
C TYR D 179 -42.00 -25.40 20.29
N SER D 180 -41.18 -26.18 21.00
CA SER D 180 -41.57 -26.66 22.32
C SER D 180 -41.63 -25.53 23.34
N VAL D 181 -40.75 -24.54 23.21
CA VAL D 181 -40.82 -23.37 24.08
C VAL D 181 -42.06 -22.54 23.77
N PHE D 182 -42.41 -22.43 22.48
CA PHE D 182 -43.60 -21.68 22.09
C PHE D 182 -44.86 -22.27 22.71
N TYR D 183 -44.97 -23.60 22.73
CA TYR D 183 -46.14 -24.23 23.30
C TYR D 183 -46.19 -24.08 24.83
N TYR D 184 -45.02 -23.98 25.47
CA TYR D 184 -44.99 -23.90 26.92
C TYR D 184 -45.29 -22.50 27.42
N GLU D 185 -44.53 -21.50 26.95
CA GLU D 185 -44.65 -20.16 27.50
C GLU D 185 -45.83 -19.40 26.90
N ILE D 186 -46.07 -19.56 25.59
CA ILE D 186 -47.11 -18.77 24.92
C ILE D 186 -48.46 -19.47 24.95
N GLN D 187 -48.51 -20.74 24.55
CA GLN D 187 -49.77 -21.47 24.46
C GLN D 187 -50.20 -22.09 25.77
N ASN D 188 -49.32 -22.15 26.78
CA ASN D 188 -49.62 -22.81 28.05
C ASN D 188 -50.07 -24.25 27.84
N ALA D 189 -49.35 -24.96 26.98
CA ALA D 189 -49.65 -26.36 26.64
C ALA D 189 -48.40 -27.19 26.89
N PRO D 190 -48.10 -27.50 28.16
CA PRO D 190 -46.89 -28.28 28.45
C PRO D 190 -47.01 -29.74 28.08
N GLU D 191 -48.23 -30.26 27.88
CA GLU D 191 -48.40 -31.66 27.54
C GLU D 191 -47.73 -32.00 26.21
N GLN D 192 -48.02 -31.22 25.17
CA GLN D 192 -47.40 -31.44 23.88
C GLN D 192 -46.09 -30.69 23.70
N ALA D 193 -45.81 -29.70 24.55
CA ALA D 193 -44.50 -29.05 24.53
C ALA D 193 -43.40 -30.04 24.87
N CYS D 194 -43.62 -30.88 25.88
CA CYS D 194 -42.67 -31.93 26.20
C CYS D 194 -42.70 -33.07 25.18
N HIS D 195 -43.81 -33.23 24.46
CA HIS D 195 -43.87 -34.26 23.43
C HIS D 195 -43.01 -33.90 22.22
N LEU D 196 -43.01 -32.62 21.84
CA LEU D 196 -42.16 -32.20 20.73
C LEU D 196 -40.68 -32.30 21.09
N ALA D 197 -40.33 -31.93 22.31
CA ALA D 197 -38.93 -32.00 22.73
C ALA D 197 -38.47 -33.44 22.87
N LYS D 198 -39.33 -34.33 23.37
CA LYS D 198 -38.95 -35.72 23.53
C LYS D 198 -38.83 -36.42 22.18
N THR D 199 -39.78 -36.18 21.27
CA THR D 199 -39.74 -36.82 19.96
C THR D 199 -38.49 -36.41 19.19
N ALA D 200 -38.16 -35.12 19.21
CA ALA D 200 -36.94 -34.66 18.55
C ALA D 200 -35.70 -35.24 19.21
N PHE D 201 -35.72 -35.35 20.54
CA PHE D 201 -34.59 -35.94 21.24
C PHE D 201 -34.49 -37.43 20.99
N ASP D 202 -35.63 -38.14 21.01
CA ASP D 202 -35.61 -39.58 20.79
C ASP D 202 -35.19 -39.92 19.36
N ASP D 203 -35.72 -39.19 18.38
CA ASP D 203 -35.38 -39.47 16.99
C ASP D 203 -33.91 -39.13 16.68
N ALA D 204 -33.29 -38.28 17.47
CA ALA D 204 -31.89 -37.90 17.24
C ALA D 204 -30.91 -38.89 17.86
N ILE D 205 -31.25 -39.47 19.01
CA ILE D 205 -30.37 -40.46 19.62
C ILE D 205 -30.32 -41.73 18.77
N ALA D 206 -31.44 -42.09 18.13
CA ALA D 206 -31.50 -43.34 17.39
C ALA D 206 -30.55 -43.34 16.21
N GLU D 207 -30.60 -42.30 15.38
CA GLU D 207 -29.77 -42.22 14.18
C GLU D 207 -28.48 -41.43 14.47
N LEU D 208 -27.74 -41.93 15.46
CA LEU D 208 -26.49 -41.28 15.86
C LEU D 208 -25.29 -42.20 15.63
N TYR D 216 -22.95 -33.01 14.13
CA TYR D 216 -21.62 -32.83 14.71
C TYR D 216 -21.70 -32.66 16.22
N LYS D 217 -20.93 -31.70 16.76
CA LYS D 217 -20.96 -31.44 18.18
C LYS D 217 -22.12 -30.53 18.57
N ASP D 218 -22.55 -29.66 17.65
CA ASP D 218 -23.69 -28.78 17.94
C ASP D 218 -25.01 -29.54 17.99
N SER D 219 -25.08 -30.72 17.37
CA SER D 219 -26.29 -31.54 17.46
C SER D 219 -26.56 -31.96 18.89
N THR D 220 -25.55 -32.53 19.56
CA THR D 220 -25.69 -32.90 20.96
C THR D 220 -25.83 -31.68 21.87
N LEU D 221 -25.32 -30.53 21.43
CA LEU D 221 -25.49 -29.30 22.20
C LEU D 221 -26.96 -28.91 22.29
N ILE D 222 -27.64 -28.86 21.15
CA ILE D 222 -29.06 -28.54 21.14
C ILE D 222 -29.86 -29.62 21.84
N MET D 223 -29.48 -30.88 21.66
CA MET D 223 -30.17 -31.97 22.35
C MET D 223 -29.98 -31.88 23.86
N GLN D 224 -28.85 -31.32 24.31
CA GLN D 224 -28.67 -31.07 25.74
C GLN D 224 -29.54 -29.90 26.18
N LEU D 225 -29.69 -28.88 25.34
CA LEU D 225 -30.62 -27.80 25.63
C LEU D 225 -32.06 -28.28 25.59
N LEU D 226 -32.37 -29.27 24.74
CA LEU D 226 -33.72 -29.81 24.68
C LEU D 226 -34.04 -30.62 25.94
N ARG D 227 -33.08 -31.43 26.41
CA ARG D 227 -33.31 -32.19 27.63
C ARG D 227 -33.26 -31.32 28.87
N ASP D 228 -32.53 -30.18 28.81
CA ASP D 228 -32.53 -29.25 29.92
C ASP D 228 -33.93 -28.67 30.15
N ASN D 229 -34.61 -28.29 29.07
CA ASN D 229 -36.00 -27.85 29.19
C ASN D 229 -36.92 -29.02 29.52
N LEU D 230 -36.56 -30.23 29.11
CA LEU D 230 -37.38 -31.41 29.41
C LEU D 230 -37.28 -31.80 30.87
N THR D 231 -36.10 -31.61 31.49
CA THR D 231 -35.93 -31.98 32.89
C THR D 231 -36.69 -31.04 33.82
N LEU D 232 -37.04 -29.84 33.37
CA LEU D 232 -37.78 -28.87 34.17
C LEU D 232 -39.28 -28.91 33.90
N TRP D 233 -39.69 -29.11 32.65
CA TRP D 233 -41.11 -29.15 32.31
C TRP D 233 -41.79 -30.41 32.83
N THR D 234 -41.04 -31.49 33.05
CA THR D 234 -41.62 -32.74 33.54
C THR D 234 -40.87 -33.24 34.77
N VAL E 2 44.91 -20.41 -18.35
CA VAL E 2 43.71 -19.73 -18.82
C VAL E 2 43.95 -19.13 -20.21
N ASP E 3 42.91 -19.10 -21.04
CA ASP E 3 43.02 -18.62 -22.41
C ASP E 3 43.19 -17.10 -22.38
N ARG E 4 44.43 -16.64 -22.60
CA ARG E 4 44.70 -15.21 -22.56
C ARG E 4 44.16 -14.50 -23.80
N GLU E 5 44.31 -15.12 -24.98
CA GLU E 5 43.86 -14.47 -26.21
C GLU E 5 42.35 -14.31 -26.23
N GLN E 6 41.61 -15.27 -25.67
CA GLN E 6 40.17 -15.14 -25.62
C GLN E 6 39.75 -14.03 -24.66
N LEU E 7 40.57 -13.74 -23.65
CA LEU E 7 40.29 -12.61 -22.77
C LEU E 7 40.47 -11.29 -23.50
N VAL E 8 41.45 -11.21 -24.39
CA VAL E 8 41.63 -10.00 -25.20
C VAL E 8 40.51 -9.87 -26.22
N GLN E 9 40.06 -11.00 -26.78
CA GLN E 9 38.94 -10.96 -27.71
C GLN E 9 37.66 -10.47 -27.02
N LYS E 10 37.49 -10.83 -25.75
CA LYS E 10 36.32 -10.36 -25.01
C LYS E 10 36.39 -8.86 -24.77
N ALA E 11 37.60 -8.31 -24.58
CA ALA E 11 37.75 -6.87 -24.42
C ALA E 11 37.40 -6.13 -25.70
N ARG E 12 37.90 -6.62 -26.84
CA ARG E 12 37.57 -5.98 -28.12
C ARG E 12 36.08 -6.07 -28.42
N LEU E 13 35.43 -7.15 -27.99
CA LEU E 13 33.98 -7.25 -28.15
C LEU E 13 33.26 -6.23 -27.28
N ALA E 14 33.69 -6.09 -26.02
CA ALA E 14 33.03 -5.15 -25.11
C ALA E 14 33.20 -3.71 -25.58
N GLU E 15 34.31 -3.41 -26.25
CA GLU E 15 34.53 -2.04 -26.72
C GLU E 15 33.52 -1.64 -27.78
N GLN E 16 33.26 -2.53 -28.75
CA GLN E 16 32.29 -2.21 -29.80
C GLN E 16 30.87 -2.17 -29.25
N ALA E 17 30.58 -2.97 -28.22
CA ALA E 17 29.29 -2.90 -27.55
C ALA E 17 29.21 -1.76 -26.54
N GLU E 18 30.28 -0.98 -26.40
CA GLU E 18 30.34 0.16 -25.49
C GLU E 18 30.08 -0.26 -24.04
N ARG E 19 30.42 -1.51 -23.71
CA ARG E 19 30.34 -2.01 -22.34
C ARG E 19 31.74 -1.91 -21.73
N TYR E 20 32.11 -0.68 -21.36
CA TYR E 20 33.46 -0.41 -20.91
C TYR E 20 33.75 -0.98 -19.53
N ASP E 21 32.71 -1.26 -18.73
CA ASP E 21 32.93 -1.94 -17.45
C ASP E 21 33.41 -3.37 -17.67
N ASP E 22 32.82 -4.08 -18.63
CA ASP E 22 33.31 -5.40 -18.98
C ASP E 22 34.69 -5.33 -19.61
N MET E 23 34.93 -4.31 -20.44
CA MET E 23 36.21 -4.17 -21.12
C MET E 23 37.34 -3.95 -20.13
N ALA E 24 37.09 -3.18 -19.08
CA ALA E 24 38.12 -2.97 -18.06
C ALA E 24 38.39 -4.26 -17.29
N ALA E 25 37.33 -5.03 -17.00
CA ALA E 25 37.50 -6.26 -16.25
C ALA E 25 38.31 -7.29 -17.03
N ALA E 26 38.07 -7.37 -18.34
CA ALA E 26 38.82 -8.31 -19.17
C ALA E 26 40.29 -7.92 -19.24
N MET E 27 40.58 -6.65 -19.54
CA MET E 27 41.96 -6.20 -19.65
C MET E 27 42.69 -6.27 -18.32
N LYS E 28 41.97 -6.12 -17.20
CA LYS E 28 42.60 -6.34 -15.90
C LYS E 28 42.98 -7.81 -15.73
N ASN E 29 42.12 -8.72 -16.18
CA ASN E 29 42.43 -10.14 -16.12
C ASN E 29 43.63 -10.46 -16.99
N VAL E 30 43.73 -9.84 -18.17
CA VAL E 30 44.89 -10.05 -19.03
C VAL E 30 46.15 -9.52 -18.37
N THR E 31 46.06 -8.34 -17.73
CA THR E 31 47.22 -7.76 -17.07
C THR E 31 47.72 -8.64 -15.93
N GLU E 32 46.80 -9.34 -15.25
CA GLU E 32 47.16 -10.15 -14.09
C GLU E 32 47.93 -11.42 -14.46
N LEU E 33 48.12 -11.71 -15.75
CA LEU E 33 48.90 -12.87 -16.17
C LEU E 33 50.39 -12.57 -16.30
N ASN E 34 50.81 -11.34 -15.98
CA ASN E 34 52.20 -10.91 -15.94
C ASN E 34 52.87 -10.93 -17.31
N GLU E 35 52.13 -11.20 -18.38
CA GLU E 35 52.71 -11.06 -19.70
C GLU E 35 52.69 -9.59 -20.12
N PRO E 36 53.73 -9.12 -20.81
CA PRO E 36 53.75 -7.72 -21.24
C PRO E 36 52.61 -7.41 -22.20
N LEU E 37 52.07 -6.19 -22.08
CA LEU E 37 50.95 -5.76 -22.91
C LEU E 37 51.48 -5.17 -24.22
N SER E 38 50.87 -5.59 -25.33
CA SER E 38 51.23 -5.04 -26.62
C SER E 38 50.70 -3.61 -26.75
N ASN E 39 51.01 -2.97 -27.87
CA ASN E 39 50.55 -1.60 -28.08
C ASN E 39 49.03 -1.54 -28.20
N GLU E 40 48.42 -2.53 -28.87
CA GLU E 40 46.97 -2.57 -28.95
C GLU E 40 46.34 -2.84 -27.59
N GLU E 41 46.90 -3.82 -26.87
CA GLU E 41 46.35 -4.17 -25.56
C GLU E 41 46.56 -3.04 -24.55
N ARG E 42 47.64 -2.27 -24.70
CA ARG E 42 47.82 -1.09 -23.86
C ARG E 42 46.69 -0.09 -24.07
N ASN E 43 46.30 0.13 -25.33
CA ASN E 43 45.22 1.07 -25.61
C ASN E 43 43.88 0.51 -25.16
N LEU E 44 43.67 -0.79 -25.32
CA LEU E 44 42.43 -1.40 -24.85
C LEU E 44 42.25 -1.19 -23.35
N LEU E 45 43.33 -1.36 -22.58
CA LEU E 45 43.25 -1.12 -21.14
C LEU E 45 42.99 0.35 -20.84
N SER E 46 43.69 1.24 -21.53
CA SER E 46 43.55 2.67 -21.27
C SER E 46 42.16 3.17 -21.66
N VAL E 47 41.69 2.81 -22.86
CA VAL E 47 40.39 3.28 -23.33
C VAL E 47 39.29 2.75 -22.42
N ALA E 48 39.41 1.52 -21.96
CA ALA E 48 38.41 0.93 -21.08
C ALA E 48 38.28 1.73 -19.79
N TYR E 49 39.38 1.86 -19.04
CA TYR E 49 39.32 2.54 -17.76
C TYR E 49 39.09 4.04 -17.90
N LYS E 50 39.48 4.62 -19.04
CA LYS E 50 39.20 6.03 -19.27
C LYS E 50 37.70 6.29 -19.35
N ASN E 51 36.97 5.42 -20.04
CA ASN E 51 35.52 5.58 -20.13
C ASN E 51 34.85 5.25 -18.80
N VAL E 52 35.38 4.28 -18.06
CA VAL E 52 34.81 3.95 -16.75
C VAL E 52 34.94 5.14 -15.80
N VAL E 53 36.17 5.63 -15.61
CA VAL E 53 36.37 6.76 -14.72
C VAL E 53 35.84 8.04 -15.36
N GLY E 54 35.81 8.11 -16.68
CA GLY E 54 35.30 9.31 -17.33
C GLY E 54 33.82 9.53 -17.08
N ALA E 55 33.05 8.45 -17.04
CA ALA E 55 31.62 8.57 -16.75
C ALA E 55 31.40 9.11 -15.34
N ARG E 56 32.27 8.76 -14.40
CA ARG E 56 32.14 9.28 -13.04
C ARG E 56 32.59 10.73 -12.95
N ARG E 57 33.68 11.09 -13.64
CA ARG E 57 34.14 12.47 -13.64
C ARG E 57 33.08 13.40 -14.21
N SER E 58 32.38 12.96 -15.26
CA SER E 58 31.36 13.79 -15.87
C SER E 58 30.18 13.98 -14.92
N SER E 59 29.74 12.90 -14.26
CA SER E 59 28.63 13.01 -13.33
C SER E 59 29.00 13.87 -12.13
N TRP E 60 30.24 13.76 -11.65
CA TRP E 60 30.68 14.55 -10.50
C TRP E 60 30.61 16.05 -10.79
N ARG E 61 31.07 16.46 -11.98
CA ARG E 61 31.05 17.88 -12.33
C ARG E 61 29.61 18.40 -12.40
N VAL E 62 28.68 17.58 -12.88
CA VAL E 62 27.29 17.99 -12.95
C VAL E 62 26.71 18.15 -11.55
N ILE E 63 27.02 17.21 -10.64
CA ILE E 63 26.49 17.29 -9.29
C ILE E 63 27.12 18.46 -8.53
N SER E 64 28.43 18.65 -8.69
CA SER E 64 29.11 19.75 -8.01
C SER E 64 28.55 21.10 -8.45
N SER E 65 28.26 21.24 -9.75
CA SER E 65 27.74 22.51 -10.25
C SER E 65 26.34 22.78 -9.73
N ILE E 66 25.51 21.74 -9.64
CA ILE E 66 24.17 21.91 -9.07
C ILE E 66 24.26 22.18 -7.57
N GLU E 67 25.29 21.65 -6.91
CA GLU E 67 25.47 21.91 -5.49
C GLU E 67 25.91 23.35 -5.23
N GLN E 68 26.61 23.96 -6.19
CA GLN E 68 27.11 25.32 -6.01
C GLN E 68 26.11 26.38 -6.47
N LYS E 69 25.23 26.04 -7.42
CA LYS E 69 24.26 27.01 -7.90
C LYS E 69 23.02 27.08 -7.03
N THR E 70 22.73 26.04 -6.25
CA THR E 70 21.56 26.01 -5.37
C THR E 70 21.96 26.02 -3.90
N SER E 71 23.17 26.48 -3.58
CA SER E 71 23.62 26.49 -2.19
C SER E 71 22.86 27.54 -1.37
N ALA E 72 22.73 28.75 -1.90
CA ALA E 72 22.02 29.83 -1.20
C ALA E 72 20.55 29.83 -1.59
N ASP E 73 19.88 28.73 -1.22
CA ASP E 73 18.45 28.58 -1.50
C ASP E 73 17.61 28.22 -0.29
N GLY E 74 18.21 27.70 0.79
CA GLY E 74 17.48 27.34 1.98
C GLY E 74 16.89 25.95 1.97
N ASN E 75 16.86 25.27 0.82
CA ASN E 75 16.32 23.92 0.71
C ASN E 75 17.31 22.94 1.32
N GLU E 76 17.32 22.89 2.66
CA GLU E 76 18.31 22.11 3.39
C GLU E 76 18.15 20.62 3.17
N LYS E 77 16.92 20.14 3.00
CA LYS E 77 16.70 18.72 2.79
C LYS E 77 17.15 18.29 1.39
N LYS E 78 17.13 19.20 0.43
CA LYS E 78 17.52 18.86 -0.94
C LYS E 78 19.03 18.88 -1.12
N ILE E 79 19.70 19.91 -0.61
CA ILE E 79 21.15 19.99 -0.77
C ILE E 79 21.85 18.91 0.04
N GLU E 80 21.24 18.45 1.14
CA GLU E 80 21.78 17.30 1.85
C GLU E 80 21.80 16.06 0.97
N MET E 81 20.77 15.91 0.12
CA MET E 81 20.74 14.78 -0.81
C MET E 81 21.75 14.96 -1.94
N VAL E 82 22.06 16.20 -2.30
CA VAL E 82 23.05 16.45 -3.35
C VAL E 82 24.45 16.10 -2.86
N ARG E 83 24.77 16.46 -1.61
CA ARG E 83 26.08 16.15 -1.06
C ARG E 83 26.28 14.65 -0.95
N ALA E 84 25.22 13.92 -0.60
CA ALA E 84 25.32 12.47 -0.50
C ALA E 84 25.56 11.84 -1.87
N TYR E 85 24.90 12.37 -2.91
CA TYR E 85 25.10 11.85 -4.26
C TYR E 85 26.50 12.18 -4.77
N ARG E 86 27.00 13.38 -4.47
CA ARG E 86 28.38 13.70 -4.80
C ARG E 86 29.34 12.77 -4.10
N GLU E 87 29.11 12.51 -2.81
CA GLU E 87 29.98 11.62 -2.06
C GLU E 87 29.94 10.19 -2.58
N LYS E 88 28.77 9.76 -3.08
CA LYS E 88 28.67 8.40 -3.61
C LYS E 88 29.46 8.26 -4.91
N ILE E 89 29.37 9.26 -5.80
CA ILE E 89 30.13 9.22 -7.04
C ILE E 89 31.63 9.31 -6.76
N GLU E 90 32.02 10.11 -5.78
CA GLU E 90 33.43 10.20 -5.41
C GLU E 90 33.97 8.86 -4.93
N LYS E 91 33.19 8.14 -4.13
CA LYS E 91 33.60 6.82 -3.68
C LYS E 91 33.74 5.85 -4.85
N GLU E 92 32.84 5.96 -5.83
CA GLU E 92 32.99 5.17 -7.06
C GLU E 92 34.20 5.63 -7.85
N LEU E 93 34.41 6.94 -7.95
CA LEU E 93 35.54 7.47 -8.70
C LEU E 93 36.87 7.09 -8.06
N GLU E 94 36.95 7.20 -6.73
CA GLU E 94 38.20 6.85 -6.05
C GLU E 94 38.48 5.36 -6.11
N ALA E 95 37.45 4.53 -6.14
CA ALA E 95 37.65 3.09 -6.23
C ALA E 95 38.20 2.69 -7.59
N VAL E 96 37.75 3.36 -8.65
CA VAL E 96 38.25 3.06 -9.99
C VAL E 96 39.71 3.48 -10.12
N CYS E 97 40.06 4.66 -9.60
CA CYS E 97 41.45 5.10 -9.65
C CYS E 97 42.36 4.17 -8.86
N GLN E 98 41.89 3.68 -7.71
CA GLN E 98 42.70 2.76 -6.92
C GLN E 98 42.96 1.46 -7.67
N ASP E 99 42.00 1.00 -8.47
CA ASP E 99 42.18 -0.24 -9.21
C ASP E 99 43.25 -0.10 -10.29
N VAL E 100 43.25 1.04 -11.00
CA VAL E 100 44.23 1.23 -12.06
C VAL E 100 45.62 1.51 -11.49
N LEU E 101 45.69 2.34 -10.45
CA LEU E 101 46.98 2.68 -9.86
C LEU E 101 47.65 1.44 -9.27
N SER E 102 46.87 0.55 -8.66
CA SER E 102 47.43 -0.68 -8.13
C SER E 102 47.89 -1.62 -9.24
N LEU E 103 47.17 -1.64 -10.37
CA LEU E 103 47.61 -2.42 -11.51
C LEU E 103 48.92 -1.88 -12.08
N LEU E 104 49.05 -0.55 -12.15
CA LEU E 104 50.25 0.04 -12.73
C LEU E 104 51.47 -0.19 -11.84
N ASP E 105 51.31 -0.03 -10.52
CA ASP E 105 52.44 -0.14 -9.61
C ASP E 105 52.83 -1.58 -9.31
N ASN E 106 51.94 -2.54 -9.55
CA ASN E 106 52.20 -3.93 -9.22
C ASN E 106 52.28 -4.86 -10.41
N TYR E 107 51.85 -4.43 -11.59
CA TYR E 107 51.91 -5.31 -12.75
C TYR E 107 52.57 -4.68 -13.96
N LEU E 108 52.36 -3.38 -14.20
CA LEU E 108 52.72 -2.75 -15.47
C LEU E 108 54.05 -2.00 -15.39
N ILE E 109 54.16 -1.03 -14.48
CA ILE E 109 55.40 -0.27 -14.36
C ILE E 109 56.52 -1.16 -13.88
N LYS E 110 56.22 -2.10 -12.98
CA LYS E 110 57.25 -2.96 -12.40
C LYS E 110 57.90 -3.82 -13.47
N ASN E 111 57.10 -4.55 -14.25
CA ASN E 111 57.61 -5.45 -15.28
C ASN E 111 57.80 -4.69 -16.59
N CYS E 112 58.82 -3.83 -16.59
CA CYS E 112 59.16 -3.04 -17.76
C CYS E 112 60.67 -3.09 -17.96
N SER E 113 61.11 -3.61 -19.11
CA SER E 113 62.52 -3.74 -19.39
C SER E 113 63.14 -2.36 -19.62
N GLU E 114 64.48 -2.34 -19.66
CA GLU E 114 65.21 -1.09 -19.83
C GLU E 114 65.16 -0.56 -21.26
N THR E 115 64.75 -1.39 -22.21
CA THR E 115 64.69 -0.96 -23.61
C THR E 115 63.31 -0.53 -24.05
N GLN E 116 62.25 -1.11 -23.48
CA GLN E 116 60.88 -0.77 -23.87
C GLN E 116 60.45 0.47 -23.09
N TYR E 117 60.93 1.63 -23.54
CA TYR E 117 60.58 2.89 -22.91
C TYR E 117 59.22 3.40 -23.35
N GLU E 118 58.67 2.88 -24.46
CA GLU E 118 57.35 3.30 -24.89
C GLU E 118 56.29 2.92 -23.85
N SER E 119 56.40 1.72 -23.26
CA SER E 119 55.47 1.32 -22.22
C SER E 119 55.70 2.10 -20.94
N LYS E 120 56.94 2.50 -20.66
CA LYS E 120 57.24 3.23 -19.43
C LYS E 120 56.57 4.60 -19.44
N VAL E 121 56.70 5.35 -20.55
CA VAL E 121 56.07 6.66 -20.62
C VAL E 121 54.56 6.53 -20.63
N PHE E 122 54.04 5.49 -21.30
CA PHE E 122 52.59 5.30 -21.37
C PHE E 122 52.00 5.01 -19.99
N TYR E 123 52.64 4.11 -19.24
CA TYR E 123 52.12 3.76 -17.92
C TYR E 123 52.33 4.89 -16.91
N LEU E 124 53.46 5.60 -17.02
CA LEU E 124 53.73 6.69 -16.08
C LEU E 124 52.80 7.86 -16.32
N LYS E 125 52.58 8.22 -17.58
CA LYS E 125 51.56 9.24 -17.88
C LYS E 125 50.19 8.76 -17.43
N MET E 126 49.89 7.48 -17.63
CA MET E 126 48.65 6.91 -17.12
C MET E 126 48.58 7.01 -15.60
N LYS E 127 49.71 6.77 -14.94
CA LYS E 127 49.75 6.88 -13.47
C LYS E 127 49.46 8.31 -13.03
N GLY E 128 50.11 9.29 -13.68
CA GLY E 128 49.83 10.67 -13.36
C GLY E 128 48.45 11.12 -13.77
N ASP E 129 47.88 10.47 -14.79
CA ASP E 129 46.50 10.78 -15.19
C ASP E 129 45.52 10.48 -14.07
N TYR E 130 45.58 9.26 -13.52
CA TYR E 130 44.60 8.85 -12.52
C TYR E 130 44.89 9.45 -11.15
N TYR E 131 46.15 9.78 -10.85
CA TYR E 131 46.42 10.57 -9.66
C TYR E 131 45.86 11.98 -9.79
N ARG E 132 45.83 12.52 -11.01
CA ARG E 132 45.18 13.82 -11.22
C ARG E 132 43.67 13.70 -11.07
N TYR E 133 43.10 12.57 -11.50
CA TYR E 133 41.65 12.39 -11.37
C TYR E 133 41.24 12.38 -9.90
N LEU E 134 42.08 11.79 -9.04
CA LEU E 134 41.80 11.83 -7.61
C LEU E 134 41.89 13.24 -7.06
N ALA E 135 42.84 14.04 -7.56
CA ALA E 135 43.00 15.40 -7.10
C ALA E 135 41.82 16.30 -7.47
N GLU E 136 41.06 15.93 -8.51
CA GLU E 136 39.92 16.74 -8.91
C GLU E 136 38.81 16.74 -7.86
N VAL E 137 38.74 15.67 -7.05
CA VAL E 137 37.70 15.55 -6.03
C VAL E 137 38.25 15.59 -4.62
N ALA E 138 39.57 15.55 -4.44
CA ALA E 138 40.16 15.55 -3.11
C ALA E 138 40.27 16.96 -2.56
N THR E 139 40.21 17.07 -1.23
CA THR E 139 40.33 18.35 -0.55
C THR E 139 41.18 18.17 0.70
N GLY E 140 41.79 19.28 1.14
CA GLY E 140 42.54 19.28 2.37
C GLY E 140 43.89 18.60 2.29
N GLU E 141 44.24 17.84 3.33
CA GLU E 141 45.55 17.19 3.39
C GLU E 141 45.68 16.08 2.35
N LYS E 142 44.58 15.39 2.03
CA LYS E 142 44.64 14.34 1.03
C LYS E 142 44.88 14.89 -0.36
N ARG E 143 44.42 16.12 -0.63
CA ARG E 143 44.63 16.71 -1.95
C ARG E 143 46.10 17.00 -2.21
N ALA E 144 46.86 17.35 -1.17
CA ALA E 144 48.28 17.60 -1.35
C ALA E 144 49.03 16.32 -1.73
N THR E 145 48.60 15.17 -1.20
CA THR E 145 49.29 13.92 -1.48
C THR E 145 49.07 13.48 -2.93
N VAL E 146 47.83 13.51 -3.41
CA VAL E 146 47.54 13.08 -4.77
C VAL E 146 48.17 14.01 -5.79
N VAL E 147 48.34 15.29 -5.43
CA VAL E 147 49.00 16.24 -6.34
C VAL E 147 50.47 15.88 -6.50
N GLU E 148 51.14 15.54 -5.40
CA GLU E 148 52.55 15.22 -5.46
C GLU E 148 52.79 13.93 -6.23
N SER E 149 51.96 12.91 -6.01
CA SER E 149 52.10 11.66 -6.75
C SER E 149 51.76 11.84 -8.22
N SER E 150 50.85 12.76 -8.54
CA SER E 150 50.59 13.08 -9.93
C SER E 150 51.78 13.80 -10.56
N GLU E 151 52.35 14.77 -9.84
CA GLU E 151 53.53 15.47 -10.35
C GLU E 151 54.71 14.52 -10.49
N LYS E 152 54.87 13.60 -9.54
CA LYS E 152 55.99 12.66 -9.59
C LYS E 152 55.89 11.76 -10.83
N ALA E 153 54.70 11.24 -11.12
CA ALA E 153 54.54 10.34 -12.26
C ALA E 153 54.73 11.08 -13.57
N TYR E 154 54.22 12.31 -13.67
CA TYR E 154 54.37 13.09 -14.89
C TYR E 154 55.82 13.47 -15.14
N SER E 155 56.53 13.90 -14.09
CA SER E 155 57.91 14.32 -14.25
C SER E 155 58.79 13.17 -14.72
N GLU E 156 58.59 11.98 -14.14
CA GLU E 156 59.38 10.83 -14.53
C GLU E 156 59.08 10.41 -15.98
N ALA E 157 57.83 10.57 -16.42
CA ALA E 157 57.50 10.28 -17.81
C ALA E 157 58.06 11.35 -18.75
N HIS E 158 58.11 12.60 -18.30
CA HIS E 158 58.64 13.67 -19.13
C HIS E 158 60.13 13.48 -19.36
N GLU E 159 60.87 13.05 -18.34
CA GLU E 159 62.31 12.88 -18.48
C GLU E 159 62.64 11.76 -19.46
N ILE E 160 61.92 10.64 -19.38
CA ILE E 160 62.19 9.52 -20.27
C ILE E 160 61.82 9.89 -21.71
N SER E 161 60.65 10.50 -21.90
CA SER E 161 60.23 10.89 -23.24
C SER E 161 61.11 11.98 -23.84
N LYS E 162 61.81 12.77 -23.01
CA LYS E 162 62.68 13.81 -23.52
C LYS E 162 63.97 13.26 -24.10
N GLU E 163 64.36 12.05 -23.72
CA GLU E 163 65.62 11.46 -24.16
C GLU E 163 65.47 10.47 -25.31
N HIS E 164 64.45 9.61 -25.28
CA HIS E 164 64.33 8.52 -26.24
C HIS E 164 63.22 8.71 -27.26
N MET E 165 62.39 9.74 -27.13
CA MET E 165 61.24 9.94 -28.00
C MET E 165 61.39 11.23 -28.80
N GLN E 166 61.07 11.15 -30.09
CA GLN E 166 61.11 12.33 -30.94
C GLN E 166 59.99 13.29 -30.55
N PRO E 167 60.16 14.59 -30.84
CA PRO E 167 59.12 15.56 -30.47
C PRO E 167 57.79 15.33 -31.16
N THR E 168 57.76 14.57 -32.25
CA THR E 168 56.52 14.29 -32.97
C THR E 168 55.87 12.98 -32.52
N HIS E 169 56.39 12.34 -31.49
CA HIS E 169 55.84 11.07 -31.03
C HIS E 169 54.48 11.29 -30.40
N PRO E 170 53.47 10.50 -30.76
CA PRO E 170 52.13 10.71 -30.18
C PRO E 170 52.07 10.50 -28.67
N ILE E 171 52.94 9.67 -28.11
CA ILE E 171 52.95 9.47 -26.67
C ILE E 171 53.58 10.68 -25.97
N ARG E 172 54.72 11.15 -26.49
CA ARG E 172 55.37 12.32 -25.90
C ARG E 172 54.49 13.56 -26.06
N LEU E 173 53.82 13.69 -27.20
CA LEU E 173 52.90 14.81 -27.39
C LEU E 173 51.72 14.71 -26.44
N GLY E 174 51.11 13.52 -26.33
CA GLY E 174 49.98 13.35 -25.44
C GLY E 174 50.33 13.55 -23.98
N LEU E 175 51.57 13.25 -23.61
CA LEU E 175 52.00 13.48 -22.22
C LEU E 175 52.04 14.96 -21.90
N ALA E 176 52.56 15.78 -22.82
CA ALA E 176 52.64 17.22 -22.59
C ALA E 176 51.25 17.85 -22.51
N LEU E 177 50.29 17.31 -23.24
CA LEU E 177 48.92 17.82 -23.15
C LEU E 177 48.34 17.62 -21.75
N ASN E 178 48.39 16.38 -21.25
CA ASN E 178 47.87 16.11 -19.92
C ASN E 178 48.70 16.78 -18.83
N TYR E 179 50.01 16.92 -19.06
CA TYR E 179 50.85 17.60 -18.09
C TYR E 179 50.49 19.07 -17.99
N SER E 180 50.26 19.72 -19.13
CA SER E 180 49.82 21.11 -19.11
C SER E 180 48.43 21.24 -18.50
N VAL E 181 47.53 20.31 -18.81
CA VAL E 181 46.21 20.31 -18.19
C VAL E 181 46.32 20.12 -16.69
N PHE E 182 47.28 19.29 -16.27
CA PHE E 182 47.50 19.09 -14.83
C PHE E 182 47.90 20.39 -14.15
N TYR E 183 48.76 21.19 -14.80
CA TYR E 183 49.22 22.43 -14.19
C TYR E 183 48.22 23.56 -14.29
N TYR E 184 47.28 23.49 -15.24
CA TYR E 184 46.28 24.54 -15.39
C TYR E 184 45.04 24.33 -14.55
N GLU E 185 44.64 23.07 -14.33
CA GLU E 185 43.40 22.78 -13.62
C GLU E 185 43.62 22.29 -12.19
N ILE E 186 44.80 21.78 -11.86
CA ILE E 186 45.09 21.25 -10.54
C ILE E 186 46.05 22.15 -9.78
N GLN E 187 47.08 22.68 -10.45
CA GLN E 187 48.04 23.55 -9.81
C GLN E 187 47.69 25.04 -9.95
N ASN E 188 46.70 25.37 -10.76
CA ASN E 188 46.27 26.76 -10.97
C ASN E 188 47.45 27.64 -11.39
N ALA E 189 48.30 27.09 -12.27
CA ALA E 189 49.51 27.75 -12.75
C ALA E 189 49.43 27.88 -14.26
N PRO E 190 48.70 28.86 -14.78
CA PRO E 190 48.59 29.01 -16.24
C PRO E 190 49.90 29.34 -16.92
N GLU E 191 50.87 29.91 -16.20
CA GLU E 191 52.18 30.19 -16.80
C GLU E 191 52.92 28.90 -17.11
N GLN E 192 53.13 28.06 -16.10
CA GLN E 192 53.82 26.79 -16.32
C GLN E 192 53.02 25.86 -17.22
N ALA E 193 51.69 25.95 -17.19
CA ALA E 193 50.87 25.13 -18.07
C ALA E 193 51.05 25.53 -19.53
N CYS E 194 51.16 26.83 -19.80
CA CYS E 194 51.40 27.27 -21.17
C CYS E 194 52.82 26.93 -21.62
N HIS E 195 53.77 26.89 -20.69
CA HIS E 195 55.14 26.54 -21.06
C HIS E 195 55.22 25.08 -21.53
N LEU E 196 54.53 24.18 -20.85
CA LEU E 196 54.57 22.78 -21.25
C LEU E 196 53.89 22.57 -22.60
N ALA E 197 52.81 23.30 -22.86
CA ALA E 197 52.11 23.13 -24.14
C ALA E 197 52.86 23.79 -25.28
N LYS E 198 53.43 24.98 -25.05
CA LYS E 198 54.11 25.70 -26.12
C LYS E 198 55.42 25.04 -26.51
N THR E 199 56.18 24.55 -25.52
CA THR E 199 57.47 23.94 -25.82
C THR E 199 57.30 22.66 -26.63
N ALA E 200 56.32 21.84 -26.27
CA ALA E 200 56.08 20.59 -27.01
C ALA E 200 55.52 20.87 -28.40
N PHE E 201 54.68 21.90 -28.53
CA PHE E 201 54.15 22.24 -29.86
C PHE E 201 55.23 22.84 -30.75
N ASP E 202 56.14 23.63 -30.16
CA ASP E 202 57.21 24.22 -30.96
C ASP E 202 58.22 23.17 -31.39
N ASP E 203 58.57 22.25 -30.49
CA ASP E 203 59.53 21.21 -30.82
C ASP E 203 59.00 20.26 -31.89
N ALA E 204 57.68 20.09 -31.96
CA ALA E 204 57.11 19.19 -32.96
C ALA E 204 56.97 19.85 -34.32
N ILE E 205 56.63 21.15 -34.34
CA ILE E 205 56.53 21.87 -35.60
C ILE E 205 57.91 22.01 -36.24
N ALA E 206 58.94 22.25 -35.43
CA ALA E 206 60.29 22.37 -35.97
C ALA E 206 60.75 21.07 -36.63
N GLU E 207 60.42 19.93 -36.02
CA GLU E 207 60.75 18.62 -36.56
C GLU E 207 59.57 18.00 -37.29
N LEU E 208 58.75 18.82 -37.95
CA LEU E 208 57.58 18.31 -38.66
C LEU E 208 57.95 17.39 -39.80
N ASP E 209 59.16 17.50 -40.35
CA ASP E 209 59.60 16.61 -41.42
C ASP E 209 60.16 15.32 -40.84
N THR E 210 59.38 14.65 -39.99
CA THR E 210 59.82 13.42 -39.34
C THR E 210 58.68 12.43 -39.14
N LEU E 211 57.47 12.74 -39.61
CA LEU E 211 56.31 11.90 -39.41
C LEU E 211 56.02 11.08 -40.67
N ASN E 212 55.40 9.93 -40.48
CA ASN E 212 55.02 9.04 -41.56
C ASN E 212 53.50 9.01 -41.67
N GLU E 213 53.00 8.16 -42.57
CA GLU E 213 51.57 8.14 -42.87
C GLU E 213 50.75 7.61 -41.69
N ASP E 214 51.25 6.59 -41.00
CA ASP E 214 50.48 5.92 -39.96
C ASP E 214 50.58 6.60 -38.59
N SER E 215 51.24 7.76 -38.51
CA SER E 215 51.33 8.50 -37.26
C SER E 215 51.06 9.99 -37.39
N TYR E 216 51.04 10.54 -38.62
CA TYR E 216 50.80 11.96 -38.79
C TYR E 216 49.40 12.36 -38.35
N LYS E 217 48.43 11.46 -38.49
CA LYS E 217 47.06 11.78 -38.09
C LYS E 217 46.93 11.95 -36.59
N ASP E 218 47.63 11.12 -35.81
CA ASP E 218 47.52 11.19 -34.36
C ASP E 218 48.42 12.27 -33.77
N SER E 219 49.60 12.48 -34.35
CA SER E 219 50.52 13.48 -33.82
C SER E 219 49.97 14.88 -34.00
N THR E 220 49.44 15.18 -35.19
CA THR E 220 48.88 16.51 -35.44
C THR E 220 47.55 16.72 -34.72
N LEU E 221 46.84 15.64 -34.39
CA LEU E 221 45.60 15.77 -33.63
C LEU E 221 45.87 16.36 -32.24
N ILE E 222 46.91 15.86 -31.57
CA ILE E 222 47.24 16.37 -30.23
C ILE E 222 47.81 17.78 -30.32
N MET E 223 48.52 18.09 -31.41
CA MET E 223 49.07 19.43 -31.57
C MET E 223 47.98 20.47 -31.69
N GLN E 224 46.81 20.10 -32.23
CA GLN E 224 45.69 21.03 -32.25
C GLN E 224 45.09 21.20 -30.87
N LEU E 225 45.01 20.10 -30.11
CA LEU E 225 44.54 20.21 -28.72
C LEU E 225 45.49 21.06 -27.89
N LEU E 226 46.78 21.03 -28.20
CA LEU E 226 47.72 21.92 -27.52
C LEU E 226 47.53 23.36 -27.96
N ARG E 227 47.29 23.58 -29.26
CA ARG E 227 47.07 24.93 -29.76
C ARG E 227 45.73 25.49 -29.30
N ASP E 228 44.71 24.64 -29.18
CA ASP E 228 43.43 25.11 -28.68
C ASP E 228 43.52 25.46 -27.20
N ASN E 229 44.27 24.68 -26.43
CA ASN E 229 44.46 25.00 -25.02
C ASN E 229 45.34 26.23 -24.83
N LEU E 230 46.31 26.44 -25.73
CA LEU E 230 47.20 27.59 -25.61
C LEU E 230 46.44 28.90 -25.82
N THR E 231 45.59 28.97 -26.84
CA THR E 231 44.81 30.17 -27.07
C THR E 231 43.73 30.37 -26.01
N LEU E 232 43.31 29.31 -25.32
CA LEU E 232 42.34 29.44 -24.26
C LEU E 232 42.96 29.91 -22.95
N TRP E 233 44.26 29.70 -22.76
CA TRP E 233 44.95 30.07 -21.53
C TRP E 233 45.77 31.35 -21.67
N THR E 234 45.70 32.01 -22.81
CA THR E 234 46.42 33.26 -23.03
C THR E 234 45.50 34.38 -23.46
N VAL F 2 40.49 5.10 -0.20
CA VAL F 2 39.78 3.84 -0.11
C VAL F 2 39.83 3.30 1.32
N ASP F 3 38.66 3.18 1.94
CA ASP F 3 38.56 2.66 3.30
C ASP F 3 38.89 1.17 3.29
N ARG F 4 40.00 0.80 3.93
CA ARG F 4 40.40 -0.60 3.98
C ARG F 4 39.58 -1.39 4.99
N GLU F 5 39.37 -0.83 6.19
CA GLU F 5 38.61 -1.55 7.21
C GLU F 5 37.16 -1.75 6.79
N GLN F 6 36.62 -0.84 5.98
CA GLN F 6 35.28 -1.03 5.44
C GLN F 6 35.23 -2.24 4.51
N LEU F 7 36.30 -2.46 3.73
CA LEU F 7 36.34 -3.61 2.84
C LEU F 7 36.51 -4.91 3.64
N VAL F 8 37.26 -4.87 4.73
CA VAL F 8 37.50 -6.07 5.51
C VAL F 8 36.22 -6.50 6.22
N GLN F 9 35.53 -5.55 6.87
CA GLN F 9 34.28 -5.88 7.53
C GLN F 9 33.19 -6.27 6.53
N LYS F 10 33.31 -5.84 5.28
CA LYS F 10 32.39 -6.30 4.25
C LYS F 10 32.57 -7.78 3.98
N ALA F 11 33.82 -8.25 3.98
CA ALA F 11 34.07 -9.68 3.81
C ALA F 11 33.60 -10.48 5.02
N ARG F 12 33.60 -9.87 6.20
CA ARG F 12 33.06 -10.54 7.38
C ARG F 12 31.56 -10.77 7.25
N LEU F 13 30.85 -9.82 6.61
CA LEU F 13 29.42 -10.01 6.39
C LEU F 13 29.16 -11.08 5.35
N ALA F 14 29.97 -11.12 4.29
CA ALA F 14 29.80 -12.15 3.27
C ALA F 14 30.05 -13.54 3.82
N GLU F 15 30.98 -13.67 4.77
CA GLU F 15 31.22 -14.97 5.39
C GLU F 15 30.02 -15.41 6.23
N GLN F 16 29.39 -14.47 6.93
CA GLN F 16 28.20 -14.80 7.71
C GLN F 16 27.01 -15.11 6.81
N ALA F 17 26.92 -14.44 5.66
CA ALA F 17 25.85 -14.68 4.70
C ALA F 17 26.17 -15.80 3.73
N GLU F 18 27.31 -16.48 3.90
CA GLU F 18 27.72 -17.60 3.06
C GLU F 18 27.77 -17.22 1.57
N ARG F 19 28.00 -15.94 1.29
CA ARG F 19 28.16 -15.46 -0.08
C ARG F 19 29.66 -15.31 -0.34
N TYR F 20 30.30 -16.45 -0.58
CA TYR F 20 31.77 -16.49 -0.67
C TYR F 20 32.30 -15.85 -1.95
N ASP F 21 31.45 -15.63 -2.94
CA ASP F 21 31.89 -14.89 -4.12
C ASP F 21 32.20 -13.44 -3.78
N ASP F 22 31.34 -12.82 -2.97
CA ASP F 22 31.62 -11.46 -2.50
C ASP F 22 32.77 -11.43 -1.52
N MET F 23 32.91 -12.48 -0.69
CA MET F 23 33.99 -12.53 0.29
C MET F 23 35.35 -12.58 -0.39
N ALA F 24 35.47 -13.37 -1.46
CA ALA F 24 36.75 -13.44 -2.18
C ALA F 24 37.05 -12.14 -2.89
N ALA F 25 36.03 -11.49 -3.46
CA ALA F 25 36.25 -10.22 -4.15
C ALA F 25 36.64 -9.12 -3.17
N ALA F 26 36.07 -9.15 -1.97
CA ALA F 26 36.39 -8.13 -0.98
C ALA F 26 37.81 -8.30 -0.45
N MET F 27 38.22 -9.55 -0.18
CA MET F 27 39.57 -9.78 0.34
C MET F 27 40.63 -9.59 -0.73
N LYS F 28 40.28 -9.79 -2.00
CA LYS F 28 41.21 -9.46 -3.09
C LYS F 28 41.42 -7.95 -3.18
N ASN F 29 40.35 -7.18 -3.02
CA ASN F 29 40.48 -5.73 -3.03
C ASN F 29 41.30 -5.23 -1.84
N VAL F 30 41.24 -5.94 -0.72
CA VAL F 30 42.08 -5.58 0.43
C VAL F 30 43.54 -5.90 0.14
N THR F 31 43.80 -7.08 -0.43
CA THR F 31 45.16 -7.48 -0.76
C THR F 31 45.78 -6.51 -1.77
N GLU F 32 44.98 -6.05 -2.73
CA GLU F 32 45.49 -5.14 -3.76
C GLU F 32 45.87 -3.77 -3.22
N LEU F 33 45.66 -3.51 -1.93
CA LEU F 33 46.11 -2.27 -1.31
C LEU F 33 47.57 -2.32 -0.89
N ASN F 34 48.28 -3.40 -1.21
CA ASN F 34 49.71 -3.61 -1.01
C ASN F 34 50.10 -3.70 0.47
N GLU F 35 49.17 -3.56 1.40
CA GLU F 35 49.51 -3.70 2.81
C GLU F 35 49.50 -5.17 3.21
N PRO F 36 50.38 -5.56 4.13
CA PRO F 36 50.38 -6.95 4.61
C PRO F 36 49.07 -7.30 5.29
N LEU F 37 48.80 -8.61 5.36
CA LEU F 37 47.56 -9.13 5.91
C LEU F 37 47.79 -9.62 7.33
N SER F 38 46.88 -9.26 8.23
CA SER F 38 46.97 -9.71 9.62
C SER F 38 46.60 -11.18 9.72
N ASN F 39 46.59 -11.69 10.96
CA ASN F 39 46.24 -13.09 11.19
C ASN F 39 44.79 -13.35 10.78
N GLU F 40 43.88 -12.48 11.19
CA GLU F 40 42.47 -12.65 10.83
C GLU F 40 42.26 -12.42 9.33
N GLU F 41 42.86 -11.36 8.79
CA GLU F 41 42.69 -11.08 7.37
C GLU F 41 43.33 -12.14 6.49
N ARG F 42 44.34 -12.85 7.01
CA ARG F 42 44.93 -13.95 6.26
C ARG F 42 43.95 -15.10 6.10
N ASN F 43 43.18 -15.40 7.14
CA ASN F 43 42.23 -16.50 7.08
C ASN F 43 40.98 -16.13 6.29
N LEU F 44 40.56 -14.88 6.34
CA LEU F 44 39.39 -14.44 5.56
C LEU F 44 39.61 -14.68 4.08
N LEU F 45 40.81 -14.37 3.57
CA LEU F 45 41.10 -14.61 2.17
C LEU F 45 41.14 -16.09 1.85
N SER F 46 41.75 -16.89 2.72
CA SER F 46 41.87 -18.33 2.45
C SER F 46 40.52 -19.02 2.53
N VAL F 47 39.69 -18.62 3.50
CA VAL F 47 38.36 -19.23 3.63
C VAL F 47 37.49 -18.88 2.43
N ALA F 48 37.60 -17.64 1.94
CA ALA F 48 36.76 -17.20 0.83
C ALA F 48 37.04 -17.98 -0.44
N TYR F 49 38.32 -18.09 -0.82
CA TYR F 49 38.66 -18.77 -2.06
C TYR F 49 38.58 -20.29 -1.93
N LYS F 50 38.67 -20.83 -0.71
CA LYS F 50 38.50 -22.27 -0.53
C LYS F 50 37.07 -22.68 -0.83
N ASN F 51 36.10 -21.87 -0.40
CA ASN F 51 34.70 -22.20 -0.68
C ASN F 51 34.35 -21.96 -2.14
N VAL F 52 34.95 -20.96 -2.77
CA VAL F 52 34.66 -20.69 -4.17
C VAL F 52 35.17 -21.84 -5.05
N VAL F 53 36.44 -22.22 -4.87
CA VAL F 53 36.97 -23.32 -5.66
C VAL F 53 36.44 -24.66 -5.17
N GLY F 54 36.09 -24.75 -3.89
CA GLY F 54 35.56 -26.00 -3.36
C GLY F 54 34.19 -26.35 -3.93
N ALA F 55 33.36 -25.35 -4.20
CA ALA F 55 32.07 -25.60 -4.81
C ALA F 55 32.22 -26.18 -6.22
N ARG F 56 33.25 -25.78 -6.95
CA ARG F 56 33.49 -26.34 -8.27
C ARG F 56 34.14 -27.72 -8.19
N ARG F 57 35.00 -27.94 -7.19
CA ARG F 57 35.61 -29.25 -7.03
C ARG F 57 34.58 -30.30 -6.65
N SER F 58 33.66 -29.96 -5.74
CA SER F 58 32.59 -30.88 -5.40
C SER F 58 31.65 -31.11 -6.58
N SER F 59 31.46 -30.09 -7.43
CA SER F 59 30.63 -30.28 -8.61
C SER F 59 31.38 -31.06 -9.69
N TRP F 60 32.69 -30.85 -9.80
CA TRP F 60 33.47 -31.59 -10.79
C TRP F 60 33.58 -33.06 -10.44
N ARG F 61 33.82 -33.37 -9.17
CA ARG F 61 33.92 -34.77 -8.76
C ARG F 61 32.60 -35.51 -8.93
N VAL F 62 31.48 -34.81 -8.77
CA VAL F 62 30.17 -35.44 -8.94
C VAL F 62 29.95 -35.78 -10.41
N ILE F 63 30.24 -34.82 -11.30
CA ILE F 63 29.98 -35.03 -12.73
C ILE F 63 30.99 -36.01 -13.33
N SER F 64 32.24 -35.98 -12.85
CA SER F 64 33.22 -36.95 -13.33
C SER F 64 32.81 -38.37 -12.96
N SER F 65 32.25 -38.55 -11.75
CA SER F 65 31.78 -39.87 -11.35
C SER F 65 30.58 -40.30 -12.18
N ILE F 66 29.67 -39.38 -12.47
CA ILE F 66 28.52 -39.69 -13.31
C ILE F 66 28.96 -40.03 -14.73
N GLU F 67 30.04 -39.39 -15.20
CA GLU F 67 30.51 -39.63 -16.57
C GLU F 67 30.93 -41.09 -16.76
N GLN F 68 31.51 -41.70 -15.73
CA GLN F 68 31.92 -43.11 -15.84
C GLN F 68 30.71 -44.03 -15.81
N LYS F 69 29.77 -43.79 -14.89
CA LYS F 69 28.59 -44.63 -14.78
C LYS F 69 27.59 -44.41 -15.91
N THR F 70 27.77 -43.37 -16.72
CA THR F 70 26.86 -43.12 -17.84
C THR F 70 27.25 -43.96 -19.05
N SER F 71 28.55 -44.14 -19.29
CA SER F 71 29.03 -44.91 -20.42
C SER F 71 28.58 -46.37 -20.34
N GLY F 74 25.86 -47.52 -24.62
CA GLY F 74 25.84 -46.19 -24.03
C GLY F 74 25.06 -45.18 -24.84
N ASN F 75 24.77 -44.03 -24.22
CA ASN F 75 24.03 -42.96 -24.87
C ASN F 75 25.02 -41.89 -25.32
N GLU F 76 25.24 -41.80 -26.63
CA GLU F 76 26.21 -40.85 -27.16
C GLU F 76 25.79 -39.41 -26.93
N LYS F 77 24.49 -39.12 -27.00
CA LYS F 77 24.01 -37.75 -26.81
C LYS F 77 24.09 -37.32 -25.35
N LYS F 78 23.92 -38.25 -24.41
CA LYS F 78 23.97 -37.90 -23.00
C LYS F 78 25.41 -37.71 -22.52
N ILE F 79 26.32 -38.60 -22.93
CA ILE F 79 27.71 -38.48 -22.51
C ILE F 79 28.32 -37.18 -23.02
N GLU F 80 27.95 -36.78 -24.24
CA GLU F 80 28.45 -35.51 -24.77
C GLU F 80 27.95 -34.34 -23.93
N MET F 81 26.72 -34.41 -23.44
CA MET F 81 26.21 -33.35 -22.57
C MET F 81 26.92 -33.34 -21.23
N VAL F 82 27.23 -34.53 -20.70
CA VAL F 82 27.92 -34.61 -19.41
C VAL F 82 29.35 -34.07 -19.54
N ARG F 83 30.06 -34.48 -20.60
CA ARG F 83 31.44 -34.04 -20.78
C ARG F 83 31.51 -32.54 -21.01
N ALA F 84 30.54 -31.98 -21.74
CA ALA F 84 30.53 -30.54 -21.96
C ALA F 84 30.29 -29.78 -20.66
N TYR F 85 29.40 -30.31 -19.80
CA TYR F 85 29.17 -29.69 -18.50
C TYR F 85 30.42 -29.77 -17.63
N ARG F 86 31.16 -30.88 -17.71
CA ARG F 86 32.38 -31.02 -16.93
C ARG F 86 33.43 -30.00 -17.34
N GLU F 87 33.56 -29.76 -18.65
CA GLU F 87 34.55 -28.78 -19.11
C GLU F 87 34.18 -27.37 -18.70
N LYS F 88 32.88 -27.06 -18.63
CA LYS F 88 32.45 -25.74 -18.19
C LYS F 88 32.87 -25.48 -16.75
N ILE F 89 32.77 -26.50 -15.89
CA ILE F 89 33.18 -26.36 -14.50
C ILE F 89 34.70 -26.27 -14.40
N GLU F 90 35.42 -27.01 -15.27
CA GLU F 90 36.87 -26.93 -15.27
C GLU F 90 37.35 -25.52 -15.61
N LYS F 91 36.68 -24.87 -16.57
CA LYS F 91 37.04 -23.50 -16.91
C LYS F 91 36.82 -22.56 -15.73
N GLU F 92 35.70 -22.74 -15.02
CA GLU F 92 35.48 -21.96 -13.80
C GLU F 92 36.54 -22.27 -12.76
N LEU F 93 36.91 -23.55 -12.62
CA LEU F 93 37.92 -23.93 -11.65
C LEU F 93 39.28 -23.33 -12.01
N GLU F 94 39.66 -23.42 -13.29
CA GLU F 94 40.94 -22.87 -13.72
C GLU F 94 40.98 -21.34 -13.58
N ALA F 95 39.84 -20.68 -13.81
CA ALA F 95 39.80 -19.23 -13.66
C ALA F 95 39.96 -18.81 -12.21
N VAL F 96 39.29 -19.51 -11.28
CA VAL F 96 39.42 -19.20 -9.87
C VAL F 96 40.84 -19.46 -9.40
N CYS F 97 41.40 -20.61 -9.78
CA CYS F 97 42.76 -20.95 -9.38
C CYS F 97 43.76 -19.92 -9.89
N GLN F 98 43.62 -19.48 -11.14
CA GLN F 98 44.51 -18.47 -11.68
C GLN F 98 44.39 -17.16 -10.90
N ASP F 99 43.17 -16.84 -10.44
CA ASP F 99 42.98 -15.61 -9.67
C ASP F 99 43.75 -15.65 -8.36
N VAL F 100 43.80 -16.81 -7.70
CA VAL F 100 44.53 -16.92 -6.45
C VAL F 100 46.03 -16.94 -6.70
N LEU F 101 46.47 -17.68 -7.71
CA LEU F 101 47.90 -17.80 -7.97
C LEU F 101 48.51 -16.46 -8.38
N SER F 102 47.79 -15.68 -9.19
CA SER F 102 48.27 -14.35 -9.55
C SER F 102 48.31 -13.42 -8.35
N LEU F 103 47.38 -13.60 -7.41
CA LEU F 103 47.39 -12.79 -6.19
C LEU F 103 48.57 -13.14 -5.31
N LEU F 104 48.99 -14.41 -5.29
CA LEU F 104 50.12 -14.82 -4.46
C LEU F 104 51.45 -14.41 -5.08
N ASP F 105 51.63 -14.71 -6.38
CA ASP F 105 52.90 -14.45 -7.04
C ASP F 105 53.18 -12.97 -7.27
N ASN F 106 52.23 -12.08 -6.95
CA ASN F 106 52.42 -10.66 -7.20
C ASN F 106 52.09 -9.75 -6.03
N TYR F 107 51.35 -10.23 -5.03
CA TYR F 107 50.96 -9.34 -3.94
C TYR F 107 51.34 -9.86 -2.56
N LEU F 108 51.19 -11.17 -2.32
CA LEU F 108 51.26 -11.69 -0.95
C LEU F 108 52.68 -12.15 -0.58
N ILE F 109 53.21 -13.12 -1.30
CA ILE F 109 54.57 -13.59 -0.99
C ILE F 109 55.62 -12.62 -1.49
N LYS F 110 55.27 -11.76 -2.44
CA LYS F 110 56.21 -10.72 -2.88
C LYS F 110 56.44 -9.70 -1.77
N ASN F 111 55.41 -9.40 -0.99
CA ASN F 111 55.48 -8.42 0.09
C ASN F 111 55.76 -9.07 1.44
N CYS F 112 56.47 -10.19 1.44
CA CYS F 112 56.82 -10.89 2.68
C CYS F 112 58.26 -10.57 3.05
N SER F 113 58.45 -10.10 4.27
CA SER F 113 59.77 -9.71 4.77
C SER F 113 60.45 -10.91 5.43
N GLU F 114 61.53 -10.64 6.16
CA GLU F 114 62.26 -11.67 6.88
C GLU F 114 61.68 -11.94 8.27
N THR F 115 60.83 -11.05 8.79
CA THR F 115 60.18 -11.24 10.08
C THR F 115 58.72 -11.64 9.93
N GLN F 116 58.27 -11.96 8.73
CA GLN F 116 56.91 -12.40 8.45
C GLN F 116 56.89 -13.88 8.05
N TYR F 117 57.69 -14.69 8.76
CA TYR F 117 57.83 -16.10 8.40
C TYR F 117 56.51 -16.85 8.49
N GLU F 118 55.60 -16.42 9.35
CA GLU F 118 54.31 -17.10 9.48
C GLU F 118 53.50 -16.99 8.20
N SER F 119 53.39 -15.77 7.65
CA SER F 119 52.66 -15.59 6.40
C SER F 119 53.42 -16.16 5.22
N LYS F 120 54.75 -16.27 5.32
CA LYS F 120 55.54 -16.81 4.23
C LYS F 120 55.20 -18.27 3.96
N VAL F 121 55.01 -19.05 5.03
CA VAL F 121 54.66 -20.47 4.86
C VAL F 121 53.17 -20.62 4.52
N PHE F 122 52.33 -19.79 5.14
CA PHE F 122 50.89 -19.87 4.87
C PHE F 122 50.59 -19.62 3.40
N TYR F 123 51.19 -18.58 2.82
CA TYR F 123 50.91 -18.25 1.43
C TYR F 123 51.53 -19.28 0.49
N LEU F 124 52.76 -19.71 0.78
CA LEU F 124 53.40 -20.72 -0.07
C LEU F 124 52.67 -22.06 0.02
N LYS F 125 51.96 -22.31 1.12
CA LYS F 125 51.15 -23.51 1.21
C LYS F 125 49.94 -23.42 0.28
N MET F 126 49.32 -22.24 0.20
CA MET F 126 48.19 -22.06 -0.72
C MET F 126 48.62 -22.24 -2.17
N LYS F 127 49.81 -21.76 -2.52
CA LYS F 127 50.28 -21.86 -3.90
C LYS F 127 50.36 -23.30 -4.36
N GLY F 128 50.83 -24.20 -3.49
CA GLY F 128 50.85 -25.61 -3.84
C GLY F 128 49.47 -26.22 -3.85
N ASP F 129 48.55 -25.72 -3.02
CA ASP F 129 47.20 -26.26 -2.98
C ASP F 129 46.45 -26.00 -4.29
N TYR F 130 46.45 -24.74 -4.74
CA TYR F 130 45.69 -24.40 -5.94
C TYR F 130 46.36 -24.92 -7.19
N TYR F 131 47.69 -25.06 -7.19
CA TYR F 131 48.34 -25.78 -8.28
C TYR F 131 48.01 -27.26 -8.22
N ARG F 132 47.81 -27.81 -7.03
CA ARG F 132 47.32 -29.18 -6.91
C ARG F 132 45.88 -29.30 -7.38
N TYR F 133 45.05 -28.30 -7.07
CA TYR F 133 43.68 -28.30 -7.55
C TYR F 133 43.63 -28.32 -9.08
N LEU F 134 44.52 -27.56 -9.71
CA LEU F 134 44.60 -27.59 -11.17
C LEU F 134 45.03 -28.96 -11.67
N ALA F 135 45.94 -29.61 -10.94
CA ALA F 135 46.40 -30.95 -11.32
C ALA F 135 45.31 -32.00 -11.18
N GLU F 136 44.26 -31.73 -10.38
CA GLU F 136 43.17 -32.68 -10.22
C GLU F 136 42.33 -32.81 -11.48
N VAL F 137 42.33 -31.79 -12.35
CA VAL F 137 41.48 -31.79 -13.53
C VAL F 137 42.26 -31.69 -14.83
N ALA F 138 43.55 -31.41 -14.78
CA ALA F 138 44.33 -31.22 -16.01
C ALA F 138 44.73 -32.56 -16.61
N THR F 139 44.93 -32.55 -17.93
CA THR F 139 45.37 -33.72 -18.68
C THR F 139 46.47 -33.31 -19.65
N GLY F 140 47.09 -34.32 -20.27
CA GLY F 140 48.09 -34.05 -21.28
C GLY F 140 49.35 -33.40 -20.72
N GLU F 141 50.05 -32.68 -21.59
CA GLU F 141 51.30 -32.03 -21.18
C GLU F 141 51.03 -30.90 -20.19
N LYS F 142 49.84 -30.32 -20.21
CA LYS F 142 49.50 -29.27 -19.25
C LYS F 142 49.37 -29.81 -17.84
N ARG F 143 49.06 -31.09 -17.68
CA ARG F 143 48.95 -31.67 -16.34
C ARG F 143 50.32 -31.79 -15.68
N ALA F 144 51.34 -32.16 -16.44
CA ALA F 144 52.67 -32.30 -15.87
C ALA F 144 53.28 -30.96 -15.45
N THR F 145 52.79 -29.85 -16.01
CA THR F 145 53.33 -28.54 -15.68
C THR F 145 52.78 -28.04 -14.34
N VAL F 146 51.47 -28.16 -14.15
CA VAL F 146 50.85 -27.65 -12.92
C VAL F 146 51.26 -28.49 -11.72
N VAL F 147 51.56 -29.77 -11.93
CA VAL F 147 51.99 -30.61 -10.81
C VAL F 147 53.45 -30.36 -10.45
N GLU F 148 54.25 -29.84 -11.38
CA GLU F 148 55.64 -29.51 -11.07
C GLU F 148 55.74 -28.23 -10.26
N SER F 149 54.92 -27.23 -10.59
CA SER F 149 54.90 -26.00 -9.80
C SER F 149 54.31 -26.23 -8.43
N SER F 150 53.40 -27.20 -8.30
CA SER F 150 52.82 -27.50 -6.99
C SER F 150 53.87 -28.08 -6.05
N GLU F 151 54.72 -28.97 -6.55
CA GLU F 151 55.79 -29.54 -5.73
C GLU F 151 56.83 -28.49 -5.37
N LYS F 152 57.17 -27.61 -6.32
CA LYS F 152 58.16 -26.58 -6.07
C LYS F 152 57.68 -25.60 -4.98
N ALA F 153 56.39 -25.29 -4.97
CA ALA F 153 55.85 -24.40 -3.95
C ALA F 153 55.75 -25.10 -2.61
N TYR F 154 55.37 -26.39 -2.62
CA TYR F 154 55.32 -27.15 -1.36
C TYR F 154 56.71 -27.30 -0.76
N SER F 155 57.69 -27.64 -1.58
CA SER F 155 59.05 -27.84 -1.07
C SER F 155 59.64 -26.55 -0.52
N GLU F 156 59.36 -25.42 -1.18
CA GLU F 156 59.87 -24.15 -0.69
C GLU F 156 59.25 -23.76 0.64
N ALA F 157 57.99 -24.11 0.86
CA ALA F 157 57.34 -23.81 2.13
C ALA F 157 57.85 -24.73 3.24
N HIS F 158 58.26 -25.95 2.90
CA HIS F 158 58.75 -26.88 3.91
C HIS F 158 60.11 -26.44 4.45
N GLU F 159 61.01 -26.00 3.57
CA GLU F 159 62.32 -25.56 4.01
C GLU F 159 62.21 -24.32 4.91
N ILE F 160 61.34 -23.39 4.55
CA ILE F 160 61.09 -22.24 5.42
C ILE F 160 60.36 -22.64 6.69
N SER F 161 59.69 -23.80 6.67
CA SER F 161 58.97 -24.26 7.85
C SER F 161 59.89 -25.02 8.81
N LYS F 162 60.75 -25.89 8.27
CA LYS F 162 61.67 -26.63 9.12
C LYS F 162 62.70 -25.73 9.78
N GLU F 163 62.91 -24.52 9.26
CA GLU F 163 63.94 -23.63 9.78
C GLU F 163 63.41 -22.69 10.86
N HIS F 164 62.35 -21.95 10.56
CA HIS F 164 61.90 -20.87 11.44
C HIS F 164 60.85 -21.31 12.45
N MET F 165 59.90 -22.17 12.05
CA MET F 165 58.78 -22.53 12.91
C MET F 165 58.95 -23.94 13.46
N GLN F 166 58.20 -24.21 14.52
CA GLN F 166 58.30 -25.44 15.28
C GLN F 166 57.45 -26.55 14.65
N PRO F 167 57.76 -27.82 14.94
CA PRO F 167 56.95 -28.91 14.41
C PRO F 167 55.54 -28.99 14.98
N THR F 168 55.25 -28.24 16.05
CA THR F 168 53.91 -28.17 16.61
C THR F 168 53.09 -27.02 16.05
N HIS F 169 53.65 -26.26 15.11
CA HIS F 169 52.92 -25.13 14.54
C HIS F 169 51.80 -25.63 13.64
N PRO F 170 50.58 -25.12 13.80
CA PRO F 170 49.48 -25.56 12.91
C PRO F 170 49.74 -25.26 11.44
N ILE F 171 50.48 -24.19 11.14
CA ILE F 171 50.77 -23.85 9.74
C ILE F 171 51.69 -24.88 9.13
N ARG F 172 52.71 -25.33 9.88
CA ARG F 172 53.61 -26.36 9.36
C ARG F 172 52.94 -27.73 9.37
N LEU F 173 52.10 -27.99 10.36
CA LEU F 173 51.39 -29.27 10.41
C LEU F 173 50.43 -29.41 9.23
N GLY F 174 49.65 -28.35 8.97
CA GLY F 174 48.76 -28.37 7.82
C GLY F 174 49.51 -28.43 6.50
N LEU F 175 50.66 -27.76 6.44
CA LEU F 175 51.48 -27.81 5.23
C LEU F 175 51.94 -29.23 4.94
N ALA F 176 52.45 -29.92 5.97
CA ALA F 176 52.87 -31.31 5.78
C ALA F 176 51.68 -32.22 5.48
N LEU F 177 50.50 -31.88 5.98
CA LEU F 177 49.30 -32.66 5.68
C LEU F 177 48.96 -32.60 4.20
N ASN F 178 48.80 -31.38 3.67
CA ASN F 178 48.49 -31.22 2.24
C ASN F 178 49.63 -31.71 1.37
N TYR F 179 50.88 -31.58 1.84
CA TYR F 179 52.01 -32.10 1.08
C TYR F 179 51.90 -33.60 0.88
N SER F 180 51.52 -34.34 1.92
CA SER F 180 51.32 -35.77 1.77
C SER F 180 50.14 -36.09 0.85
N VAL F 181 49.08 -35.28 0.93
CA VAL F 181 47.95 -35.44 0.02
C VAL F 181 48.38 -35.23 -1.42
N PHE F 182 49.35 -34.33 -1.63
CA PHE F 182 49.85 -34.07 -2.98
C PHE F 182 50.51 -35.31 -3.57
N TYR F 183 51.19 -36.11 -2.74
CA TYR F 183 51.92 -37.27 -3.25
C TYR F 183 51.01 -38.48 -3.46
N TYR F 184 49.97 -38.64 -2.63
CA TYR F 184 49.12 -39.81 -2.74
C TYR F 184 48.06 -39.66 -3.82
N GLU F 185 47.42 -38.48 -3.89
CA GLU F 185 46.28 -38.32 -4.78
C GLU F 185 46.70 -38.10 -6.23
N ILE F 186 47.78 -37.37 -6.45
CA ILE F 186 48.21 -37.01 -7.80
C ILE F 186 49.37 -37.88 -8.27
N GLN F 187 50.45 -37.91 -7.50
CA GLN F 187 51.63 -38.68 -7.89
C GLN F 187 51.44 -40.18 -7.73
N ASN F 188 50.38 -40.61 -7.04
CA ASN F 188 50.12 -42.04 -6.81
C ASN F 188 51.31 -42.73 -6.16
N ALA F 189 51.92 -42.05 -5.19
CA ALA F 189 53.10 -42.55 -4.46
C ALA F 189 52.74 -42.64 -2.99
N PRO F 190 52.07 -43.72 -2.57
CA PRO F 190 51.71 -43.84 -1.16
C PRO F 190 52.89 -44.07 -0.23
N GLU F 191 54.04 -44.50 -0.76
CA GLU F 191 55.21 -44.71 0.08
C GLU F 191 55.72 -43.39 0.66
N GLN F 192 56.00 -42.41 -0.22
CA GLN F 192 56.46 -41.11 0.26
C GLN F 192 55.33 -40.32 0.91
N ALA F 193 54.08 -40.60 0.54
CA ALA F 193 52.95 -39.92 1.16
C ALA F 193 52.84 -40.29 2.64
N CYS F 194 52.93 -41.59 2.95
CA CYS F 194 52.91 -42.01 4.34
C CYS F 194 54.21 -41.63 5.06
N HIS F 195 55.31 -41.50 4.31
CA HIS F 195 56.58 -41.13 4.92
C HIS F 195 56.51 -39.73 5.54
N LEU F 196 55.96 -38.76 4.79
CA LEU F 196 55.86 -37.40 5.31
C LEU F 196 54.85 -37.32 6.44
N ALA F 197 53.69 -37.96 6.29
CA ALA F 197 52.65 -37.90 7.30
C ALA F 197 53.15 -38.42 8.64
N LYS F 198 53.91 -39.52 8.63
CA LYS F 198 54.47 -40.05 9.86
C LYS F 198 55.60 -39.16 10.38
N THR F 199 56.38 -38.56 9.48
CA THR F 199 57.50 -37.73 9.89
C THR F 199 57.02 -36.49 10.64
N ALA F 200 56.05 -35.78 10.07
CA ALA F 200 55.52 -34.58 10.72
C ALA F 200 54.79 -34.92 12.02
N PHE F 201 54.13 -36.07 12.07
CA PHE F 201 53.45 -36.46 13.30
C PHE F 201 54.44 -36.89 14.38
N ASP F 202 55.49 -37.62 13.99
CA ASP F 202 56.47 -38.08 14.96
C ASP F 202 57.25 -36.90 15.55
N ASP F 203 57.68 -35.98 14.69
CA ASP F 203 58.42 -34.81 15.18
C ASP F 203 57.54 -33.89 16.01
N ALA F 204 56.22 -33.93 15.83
CA ALA F 204 55.33 -33.12 16.63
C ALA F 204 55.12 -33.71 18.03
N ILE F 205 55.22 -35.03 18.16
CA ILE F 205 55.06 -35.67 19.46
C ILE F 205 56.37 -35.67 20.25
N ALA F 206 57.51 -35.70 19.56
CA ALA F 206 58.80 -35.67 20.27
C ALA F 206 59.02 -34.34 20.98
N GLU F 207 58.51 -33.25 20.40
CA GLU F 207 58.59 -31.93 21.00
C GLU F 207 57.25 -31.50 21.59
N LEU F 208 56.51 -32.46 22.15
CA LEU F 208 55.18 -32.15 22.69
C LEU F 208 55.28 -31.23 23.91
N ASP F 209 56.29 -31.42 24.74
CA ASP F 209 56.47 -30.57 25.92
C ASP F 209 57.31 -29.34 25.60
N SER F 215 46.73 -22.07 21.74
CA SER F 215 47.15 -22.67 20.48
C SER F 215 47.30 -24.18 20.62
N TYR F 216 47.09 -24.68 21.84
CA TYR F 216 47.21 -26.12 22.08
C TYR F 216 46.08 -26.92 21.43
N LYS F 217 44.93 -26.28 21.18
CA LYS F 217 43.79 -27.00 20.62
C LYS F 217 43.99 -27.29 19.13
N ASP F 218 44.35 -26.26 18.36
CA ASP F 218 44.47 -26.43 16.91
C ASP F 218 45.59 -27.38 16.51
N SER F 219 46.59 -27.57 17.39
CA SER F 219 47.69 -28.47 17.06
C SER F 219 47.26 -29.93 17.17
N THR F 220 46.40 -30.25 18.14
CA THR F 220 46.02 -31.65 18.36
C THR F 220 45.21 -32.21 17.20
N LEU F 221 44.29 -31.41 16.65
CA LEU F 221 43.40 -31.91 15.60
C LEU F 221 44.17 -32.26 14.34
N ILE F 222 45.13 -31.42 13.95
CA ILE F 222 45.86 -31.65 12.71
C ILE F 222 46.74 -32.90 12.82
N MET F 223 47.29 -33.15 14.02
CA MET F 223 48.05 -34.38 14.22
C MET F 223 47.16 -35.61 14.05
N GLN F 224 45.91 -35.52 14.49
CA GLN F 224 44.98 -36.62 14.29
C GLN F 224 44.61 -36.78 12.83
N LEU F 225 44.49 -35.66 12.10
CA LEU F 225 44.21 -35.72 10.67
C LEU F 225 45.36 -36.38 9.91
N LEU F 226 46.59 -36.22 10.39
CA LEU F 226 47.71 -36.92 9.80
C LEU F 226 47.61 -38.42 10.02
N ARG F 227 47.21 -38.83 11.22
CA ARG F 227 47.03 -40.25 11.51
C ARG F 227 45.84 -40.83 10.76
N ASP F 228 44.81 -40.01 10.50
CA ASP F 228 43.66 -40.49 9.74
C ASP F 228 44.05 -40.84 8.32
N ASN F 229 44.94 -40.04 7.71
CA ASN F 229 45.41 -40.36 6.37
C ASN F 229 46.41 -41.51 6.39
N LEU F 230 47.14 -41.68 7.49
CA LEU F 230 48.10 -42.78 7.58
C LEU F 230 47.39 -44.12 7.61
N THR F 231 46.41 -44.29 8.49
CA THR F 231 45.67 -45.54 8.56
C THR F 231 44.84 -45.79 7.31
N LEU F 232 44.43 -44.71 6.62
CA LEU F 232 43.66 -44.87 5.40
C LEU F 232 44.54 -45.22 4.20
N TRP F 233 45.80 -44.81 4.21
CA TRP F 233 46.71 -45.07 3.11
C TRP F 233 47.64 -46.26 3.36
N THR F 234 48.04 -46.50 4.60
CA THR F 234 48.91 -47.63 4.92
C THR F 234 48.11 -48.82 5.38
N VAL G 2 -47.69 -2.08 12.74
CA VAL G 2 -47.08 -0.77 12.50
C VAL G 2 -48.12 0.17 11.89
N ASP G 3 -47.97 1.48 12.16
CA ASP G 3 -48.89 2.49 11.67
C ASP G 3 -48.36 3.03 10.35
N ARG G 4 -49.04 2.72 9.26
CA ARG G 4 -48.61 3.20 7.94
C ARG G 4 -48.92 4.67 7.75
N GLU G 5 -50.01 5.16 8.35
CA GLU G 5 -50.37 6.57 8.18
C GLU G 5 -49.34 7.49 8.82
N GLN G 6 -48.79 7.09 9.98
CA GLN G 6 -47.77 7.91 10.63
C GLN G 6 -46.46 7.89 9.86
N LEU G 7 -46.15 6.76 9.21
CA LEU G 7 -44.95 6.71 8.37
C LEU G 7 -45.07 7.65 7.18
N VAL G 8 -46.27 7.72 6.57
CA VAL G 8 -46.47 8.64 5.46
C VAL G 8 -46.48 10.08 5.95
N GLN G 9 -47.06 10.33 7.12
CA GLN G 9 -47.08 11.67 7.67
C GLN G 9 -45.68 12.15 8.05
N LYS G 10 -44.82 11.23 8.50
CA LYS G 10 -43.43 11.61 8.79
C LYS G 10 -42.70 11.98 7.51
N ALA G 11 -43.00 11.29 6.41
CA ALA G 11 -42.41 11.65 5.12
C ALA G 11 -42.85 13.03 4.66
N ARG G 12 -44.08 13.43 4.99
CA ARG G 12 -44.54 14.77 4.65
C ARG G 12 -43.82 15.82 5.49
N LEU G 13 -43.53 15.52 6.75
CA LEU G 13 -42.82 16.45 7.60
C LEU G 13 -41.39 16.65 7.14
N ALA G 14 -40.70 15.56 6.80
CA ALA G 14 -39.33 15.66 6.34
C ALA G 14 -39.22 16.44 5.04
N GLU G 15 -40.23 16.33 4.17
CA GLU G 15 -40.22 17.10 2.92
C GLU G 15 -40.27 18.58 3.20
N GLN G 16 -41.13 19.01 4.14
CA GLN G 16 -41.20 20.43 4.47
C GLN G 16 -39.96 20.90 5.22
N ALA G 17 -39.33 20.02 5.98
CA ALA G 17 -38.07 20.34 6.65
C ALA G 17 -36.87 20.15 5.73
N GLU G 18 -37.08 19.74 4.48
CA GLU G 18 -36.01 19.50 3.51
C GLU G 18 -35.01 18.46 4.02
N ARG G 19 -35.46 17.57 4.90
CA ARG G 19 -34.66 16.45 5.36
C ARG G 19 -34.99 15.21 4.52
N TYR G 20 -34.49 15.23 3.29
CA TYR G 20 -34.83 14.20 2.32
C TYR G 20 -34.23 12.85 2.66
N ASP G 21 -33.19 12.81 3.50
CA ASP G 21 -32.68 11.53 3.96
C ASP G 21 -33.70 10.81 4.85
N ASP G 22 -34.30 11.55 5.78
CA ASP G 22 -35.36 10.97 6.60
C ASP G 22 -36.60 10.68 5.76
N MET G 23 -36.88 11.52 4.77
CA MET G 23 -38.07 11.34 3.95
C MET G 23 -38.00 10.04 3.15
N ALA G 24 -36.84 9.74 2.58
CA ALA G 24 -36.69 8.51 1.81
C ALA G 24 -36.75 7.28 2.70
N ALA G 25 -36.30 7.40 3.96
CA ALA G 25 -36.36 6.26 4.88
C ALA G 25 -37.80 5.91 5.22
N ALA G 26 -38.64 6.92 5.44
CA ALA G 26 -40.04 6.66 5.78
C ALA G 26 -40.78 6.02 4.61
N MET G 27 -40.58 6.56 3.40
CA MET G 27 -41.26 5.99 2.23
C MET G 27 -40.75 4.60 1.91
N LYS G 28 -39.47 4.32 2.21
CA LYS G 28 -38.97 2.95 2.07
C LYS G 28 -39.66 2.03 3.07
N ASN G 29 -39.91 2.52 4.29
CA ASN G 29 -40.65 1.73 5.27
C ASN G 29 -42.08 1.47 4.83
N VAL G 30 -42.72 2.47 4.22
CA VAL G 30 -44.08 2.29 3.72
C VAL G 30 -44.09 1.27 2.58
N THR G 31 -43.12 1.37 1.67
CA THR G 31 -43.05 0.44 0.56
C THR G 31 -42.86 -0.99 1.04
N GLU G 32 -42.09 -1.18 2.12
CA GLU G 32 -41.82 -2.51 2.64
C GLU G 32 -43.03 -3.15 3.31
N LEU G 33 -44.16 -2.46 3.39
CA LEU G 33 -45.38 -3.03 3.94
C LEU G 33 -46.16 -3.84 2.92
N ASN G 34 -45.57 -4.11 1.75
CA ASN G 34 -46.09 -5.03 0.74
C ASN G 34 -47.47 -4.62 0.21
N GLU G 35 -47.86 -3.36 0.42
CA GLU G 35 -49.14 -2.89 -0.09
C GLU G 35 -48.92 -1.75 -1.07
N PRO G 36 -49.71 -1.69 -2.15
CA PRO G 36 -49.46 -0.71 -3.21
C PRO G 36 -49.53 0.73 -2.71
N LEU G 37 -48.86 1.61 -3.44
CA LEU G 37 -48.76 3.02 -3.10
C LEU G 37 -49.78 3.82 -3.89
N SER G 38 -50.41 4.78 -3.22
CA SER G 38 -51.38 5.65 -3.88
C SER G 38 -50.66 6.66 -4.77
N ASN G 39 -51.45 7.55 -5.39
CA ASN G 39 -50.86 8.56 -6.26
C ASN G 39 -49.98 9.52 -5.48
N GLU G 40 -50.36 9.86 -4.25
CA GLU G 40 -49.56 10.75 -3.44
C GLU G 40 -48.33 10.05 -2.87
N GLU G 41 -48.52 8.83 -2.35
CA GLU G 41 -47.38 8.09 -1.79
C GLU G 41 -46.37 7.72 -2.85
N ARG G 42 -46.82 7.49 -4.08
CA ARG G 42 -45.88 7.20 -5.17
C ARG G 42 -44.98 8.40 -5.45
N ASN G 43 -45.54 9.61 -5.44
CA ASN G 43 -44.76 10.81 -5.69
C ASN G 43 -43.91 11.21 -4.50
N LEU G 44 -44.37 10.90 -3.28
CA LEU G 44 -43.55 11.17 -2.10
C LEU G 44 -42.27 10.33 -2.13
N LEU G 45 -42.38 9.07 -2.56
CA LEU G 45 -41.20 8.22 -2.65
C LEU G 45 -40.24 8.71 -3.73
N SER G 46 -40.80 9.13 -4.88
CA SER G 46 -39.95 9.59 -5.97
C SER G 46 -39.26 10.90 -5.64
N VAL G 47 -40.02 11.86 -5.08
CA VAL G 47 -39.44 13.15 -4.74
C VAL G 47 -38.35 13.00 -3.69
N ALA G 48 -38.54 12.06 -2.76
CA ALA G 48 -37.53 11.83 -1.72
C ALA G 48 -36.22 11.36 -2.32
N TYR G 49 -36.25 10.23 -3.03
CA TYR G 49 -35.02 9.67 -3.57
C TYR G 49 -34.45 10.51 -4.71
N LYS G 50 -35.27 11.33 -5.37
CA LYS G 50 -34.74 12.24 -6.38
C LYS G 50 -33.82 13.27 -5.75
N ASN G 51 -34.14 13.72 -4.53
CA ASN G 51 -33.29 14.69 -3.85
C ASN G 51 -32.04 14.05 -3.27
N VAL G 52 -32.16 12.81 -2.78
CA VAL G 52 -31.01 12.12 -2.20
C VAL G 52 -29.95 11.86 -3.26
N VAL G 53 -30.38 11.28 -4.39
CA VAL G 53 -29.43 11.01 -5.46
C VAL G 53 -29.13 12.28 -6.25
N GLY G 54 -30.06 13.23 -6.29
CA GLY G 54 -29.83 14.46 -7.04
C GLY G 54 -28.76 15.33 -6.39
N ALA G 55 -28.73 15.37 -5.06
CA ALA G 55 -27.71 16.15 -4.37
C ALA G 55 -26.32 15.57 -4.58
N ARG G 56 -26.22 14.28 -4.85
CA ARG G 56 -24.93 13.63 -5.08
C ARG G 56 -24.54 13.60 -6.55
N ARG G 57 -25.52 13.58 -7.46
CA ARG G 57 -25.20 13.75 -8.87
C ARG G 57 -24.69 15.15 -9.16
N SER G 58 -25.17 16.15 -8.43
CA SER G 58 -24.64 17.51 -8.57
C SER G 58 -23.25 17.61 -7.96
N SER G 59 -23.03 16.98 -6.81
CA SER G 59 -21.71 17.00 -6.19
C SER G 59 -20.69 16.26 -7.05
N TRP G 60 -21.08 15.11 -7.62
CA TRP G 60 -20.18 14.37 -8.49
C TRP G 60 -19.85 15.17 -9.75
N ARG G 61 -20.84 15.82 -10.34
CA ARG G 61 -20.59 16.62 -11.54
C ARG G 61 -19.73 17.84 -11.23
N VAL G 62 -19.74 18.31 -9.98
CA VAL G 62 -18.90 19.44 -9.59
C VAL G 62 -17.45 18.98 -9.45
N ILE G 63 -17.23 17.86 -8.76
CA ILE G 63 -15.87 17.34 -8.61
C ILE G 63 -15.33 16.89 -9.96
N SER G 64 -16.19 16.34 -10.82
CA SER G 64 -15.74 15.90 -12.14
C SER G 64 -15.28 17.09 -12.98
N SER G 65 -15.98 18.22 -12.88
CA SER G 65 -15.55 19.42 -13.57
C SER G 65 -14.23 19.96 -13.00
N ILE G 66 -14.03 19.81 -11.69
CA ILE G 66 -12.78 20.26 -11.08
C ILE G 66 -11.65 19.28 -11.38
N GLU G 67 -11.96 17.97 -11.38
CA GLU G 67 -10.95 16.97 -11.71
C GLU G 67 -10.48 17.09 -13.15
N GLN G 68 -11.37 17.46 -14.07
CA GLN G 68 -11.00 17.55 -15.48
C GLN G 68 -9.94 18.63 -15.69
N LYS G 69 -10.24 19.86 -15.27
CA LYS G 69 -9.32 20.98 -15.46
C LYS G 69 -8.39 21.10 -14.26
N THR G 70 -7.52 20.10 -14.13
CA THR G 70 -6.54 20.07 -13.05
C THR G 70 -5.34 19.20 -13.42
N LYS G 77 -0.24 16.61 -6.73
CA LYS G 77 -0.57 16.02 -5.44
C LYS G 77 -2.02 16.29 -5.08
N LYS G 78 -2.58 17.38 -5.61
CA LYS G 78 -3.97 17.72 -5.34
C LYS G 78 -4.94 16.70 -5.95
N ILE G 79 -4.52 15.99 -7.00
CA ILE G 79 -5.37 14.99 -7.61
C ILE G 79 -5.59 13.79 -6.70
N GLU G 80 -4.70 13.57 -5.73
CA GLU G 80 -4.86 12.46 -4.81
C GLU G 80 -6.07 12.65 -3.90
N MET G 81 -6.50 13.89 -3.69
CA MET G 81 -7.69 14.16 -2.90
C MET G 81 -8.95 14.38 -3.74
N VAL G 82 -8.80 14.82 -4.99
CA VAL G 82 -9.97 15.15 -5.80
C VAL G 82 -10.74 13.89 -6.21
N ARG G 83 -10.03 12.87 -6.69
CA ARG G 83 -10.68 11.63 -7.12
C ARG G 83 -10.99 10.71 -5.95
N ALA G 84 -10.23 10.82 -4.87
CA ALA G 84 -10.62 10.17 -3.63
C ALA G 84 -11.96 10.71 -3.15
N TYR G 85 -12.14 12.04 -3.25
CA TYR G 85 -13.43 12.64 -2.89
C TYR G 85 -14.49 12.29 -3.92
N ARG G 86 -14.11 12.24 -5.20
CA ARG G 86 -15.10 11.89 -6.23
C ARG G 86 -15.51 10.44 -6.12
N GLU G 87 -14.56 9.53 -5.86
CA GLU G 87 -14.91 8.13 -5.65
C GLU G 87 -15.78 7.94 -4.42
N LYS G 88 -15.62 8.80 -3.41
CA LYS G 88 -16.51 8.74 -2.25
C LYS G 88 -17.94 9.03 -2.63
N ILE G 89 -18.15 10.06 -3.47
CA ILE G 89 -19.50 10.37 -3.94
C ILE G 89 -20.02 9.27 -4.85
N GLU G 90 -19.13 8.63 -5.61
CA GLU G 90 -19.55 7.53 -6.46
C GLU G 90 -20.12 6.37 -5.64
N LYS G 91 -19.47 6.05 -4.52
CA LYS G 91 -19.95 4.95 -3.68
C LYS G 91 -21.32 5.27 -3.09
N GLU G 92 -21.47 6.47 -2.54
CA GLU G 92 -22.76 6.86 -1.97
C GLU G 92 -23.84 6.93 -3.05
N LEU G 93 -23.47 7.40 -4.24
CA LEU G 93 -24.42 7.48 -5.34
C LEU G 93 -24.92 6.11 -5.76
N GLU G 94 -24.01 5.15 -5.89
CA GLU G 94 -24.40 3.80 -6.30
C GLU G 94 -25.20 3.09 -5.21
N ALA G 95 -24.94 3.41 -3.94
CA ALA G 95 -25.67 2.77 -2.86
C ALA G 95 -27.14 3.21 -2.85
N VAL G 96 -27.40 4.49 -3.09
CA VAL G 96 -28.78 4.97 -3.13
C VAL G 96 -29.49 4.43 -4.36
N CYS G 97 -28.79 4.32 -5.49
CA CYS G 97 -29.41 3.78 -6.70
C CYS G 97 -29.77 2.32 -6.52
N GLN G 98 -28.84 1.51 -5.99
CA GLN G 98 -29.14 0.11 -5.75
C GLN G 98 -30.24 -0.05 -4.70
N ASP G 99 -30.39 0.92 -3.81
CA ASP G 99 -31.46 0.88 -2.82
C ASP G 99 -32.83 1.04 -3.48
N VAL G 100 -32.94 1.98 -4.43
CA VAL G 100 -34.21 2.19 -5.11
C VAL G 100 -34.54 1.01 -6.02
N LEU G 101 -33.55 0.53 -6.77
CA LEU G 101 -33.78 -0.58 -7.69
C LEU G 101 -34.24 -1.83 -6.96
N SER G 102 -33.77 -2.03 -5.72
CA SER G 102 -34.25 -3.17 -4.93
C SER G 102 -35.72 -3.00 -4.55
N LEU G 103 -36.11 -1.78 -4.17
CA LEU G 103 -37.50 -1.53 -3.83
C LEU G 103 -38.40 -1.70 -5.05
N LEU G 104 -37.94 -1.26 -6.22
CA LEU G 104 -38.74 -1.35 -7.43
C LEU G 104 -38.94 -2.81 -7.83
N ASP G 105 -37.86 -3.58 -7.89
CA ASP G 105 -37.93 -4.95 -8.41
C ASP G 105 -38.61 -5.91 -7.44
N ASN G 106 -38.48 -5.68 -6.14
CA ASN G 106 -38.95 -6.64 -5.14
C ASN G 106 -40.22 -6.21 -4.41
N TYR G 107 -40.59 -4.95 -4.47
CA TYR G 107 -41.78 -4.49 -3.76
C TYR G 107 -42.76 -3.74 -4.64
N LEU G 108 -42.28 -2.93 -5.58
CA LEU G 108 -43.16 -2.05 -6.35
C LEU G 108 -43.61 -2.68 -7.66
N ILE G 109 -42.66 -3.05 -8.53
CA ILE G 109 -43.03 -3.67 -9.79
C ILE G 109 -43.48 -5.12 -9.57
N LYS G 110 -42.92 -5.80 -8.57
CA LYS G 110 -43.31 -7.18 -8.30
C LYS G 110 -44.74 -7.26 -7.80
N ASN G 111 -45.25 -6.21 -7.15
CA ASN G 111 -46.63 -6.16 -6.68
C ASN G 111 -47.52 -5.37 -7.62
N CYS G 112 -46.98 -4.78 -8.67
CA CYS G 112 -47.76 -3.96 -9.59
C CYS G 112 -48.51 -4.84 -10.57
N SER G 113 -49.81 -4.55 -10.74
CA SER G 113 -50.62 -5.31 -11.69
C SER G 113 -50.21 -5.00 -13.12
N GLU G 114 -50.21 -6.05 -13.96
CA GLU G 114 -49.87 -5.87 -15.36
C GLU G 114 -50.94 -5.07 -16.13
N THR G 115 -52.11 -4.87 -15.54
CA THR G 115 -53.16 -4.08 -16.16
C THR G 115 -53.10 -2.61 -15.77
N GLN G 116 -52.53 -2.29 -14.62
CA GLN G 116 -52.36 -0.91 -14.19
C GLN G 116 -51.23 -0.29 -14.99
N TYR G 117 -51.58 0.17 -16.20
CA TYR G 117 -50.56 0.69 -17.12
C TYR G 117 -49.97 2.00 -16.62
N GLU G 118 -50.75 2.80 -15.89
CA GLU G 118 -50.24 4.07 -15.39
C GLU G 118 -49.17 3.85 -14.32
N SER G 119 -49.44 2.98 -13.36
CA SER G 119 -48.45 2.69 -12.32
C SER G 119 -47.27 1.91 -12.89
N LYS G 120 -47.49 1.11 -13.92
CA LYS G 120 -46.40 0.33 -14.51
C LYS G 120 -45.38 1.24 -15.18
N VAL G 121 -45.85 2.25 -15.92
CA VAL G 121 -44.93 3.16 -16.60
C VAL G 121 -44.13 3.97 -15.59
N PHE G 122 -44.77 4.42 -14.52
CA PHE G 122 -44.08 5.23 -13.52
C PHE G 122 -42.92 4.45 -12.89
N TYR G 123 -43.19 3.23 -12.42
CA TYR G 123 -42.14 2.43 -11.80
C TYR G 123 -41.08 2.02 -12.80
N LEU G 124 -41.49 1.71 -14.04
CA LEU G 124 -40.52 1.34 -15.06
C LEU G 124 -39.66 2.53 -15.47
N LYS G 125 -40.23 3.74 -15.48
CA LYS G 125 -39.43 4.93 -15.77
C LYS G 125 -38.40 5.17 -14.68
N MET G 126 -38.79 4.97 -13.41
CA MET G 126 -37.83 5.09 -12.32
C MET G 126 -36.72 4.05 -12.45
N LYS G 127 -37.05 2.84 -12.89
CA LYS G 127 -36.04 1.81 -13.06
C LYS G 127 -35.01 2.21 -14.11
N GLY G 128 -35.45 2.84 -15.19
CA GLY G 128 -34.51 3.33 -16.18
C GLY G 128 -33.76 4.57 -15.72
N ASP G 129 -34.40 5.41 -14.90
CA ASP G 129 -33.78 6.64 -14.45
C ASP G 129 -32.56 6.35 -13.59
N TYR G 130 -32.74 5.53 -12.55
CA TYR G 130 -31.64 5.26 -11.63
C TYR G 130 -30.58 4.36 -12.27
N TYR G 131 -30.98 3.52 -13.23
CA TYR G 131 -29.98 2.81 -14.03
C TYR G 131 -29.21 3.77 -14.91
N ARG G 132 -29.88 4.82 -15.40
CA ARG G 132 -29.19 5.85 -16.15
C ARG G 132 -28.28 6.67 -15.24
N TYR G 133 -28.72 6.92 -14.00
CA TYR G 133 -27.88 7.63 -13.05
C TYR G 133 -26.60 6.83 -12.75
N LEU G 134 -26.72 5.50 -12.68
CA LEU G 134 -25.53 4.67 -12.55
C LEU G 134 -24.67 4.75 -13.80
N ALA G 135 -25.30 4.80 -14.98
CA ALA G 135 -24.54 4.85 -16.23
C ALA G 135 -23.77 6.15 -16.37
N GLU G 136 -24.25 7.24 -15.76
CA GLU G 136 -23.50 8.50 -15.79
C GLU G 136 -22.18 8.39 -15.06
N VAL G 137 -22.03 7.39 -14.19
CA VAL G 137 -20.80 7.19 -13.44
C VAL G 137 -20.13 5.86 -13.74
N ALA G 138 -20.85 4.87 -14.26
CA ALA G 138 -20.26 3.57 -14.54
C ALA G 138 -19.25 3.67 -15.67
N THR G 139 -18.22 2.81 -15.59
CA THR G 139 -17.14 2.79 -16.57
C THR G 139 -16.92 1.35 -17.02
N GLY G 140 -17.01 1.12 -18.34
CA GLY G 140 -16.61 -0.15 -18.89
C GLY G 140 -17.43 -1.35 -18.42
N GLU G 141 -16.83 -2.15 -17.53
CA GLU G 141 -17.43 -3.38 -17.03
C GLU G 141 -18.91 -3.26 -16.72
N LYS G 142 -19.28 -2.31 -15.85
CA LYS G 142 -20.66 -2.15 -15.45
C LYS G 142 -21.46 -1.26 -16.39
N ARG G 143 -20.81 -0.39 -17.15
CA ARG G 143 -21.54 0.53 -18.03
C ARG G 143 -22.39 -0.22 -19.04
N ALA G 144 -21.80 -1.22 -19.70
CA ALA G 144 -22.57 -2.04 -20.64
C ALA G 144 -23.72 -2.74 -19.94
N THR G 145 -23.56 -3.06 -18.65
CA THR G 145 -24.63 -3.74 -17.92
C THR G 145 -25.78 -2.81 -17.61
N VAL G 146 -25.50 -1.63 -17.06
CA VAL G 146 -26.57 -0.74 -16.61
C VAL G 146 -27.22 -0.01 -17.78
N VAL G 147 -26.46 0.32 -18.83
CA VAL G 147 -27.03 1.01 -19.98
C VAL G 147 -28.08 0.13 -20.66
N GLU G 148 -27.78 -1.17 -20.78
CA GLU G 148 -28.76 -2.09 -21.35
C GLU G 148 -29.96 -2.28 -20.43
N SER G 149 -29.72 -2.34 -19.12
CA SER G 149 -30.82 -2.43 -18.16
C SER G 149 -31.67 -1.17 -18.20
N SER G 150 -31.03 -0.01 -18.36
CA SER G 150 -31.77 1.24 -18.49
C SER G 150 -32.59 1.26 -19.77
N GLU G 151 -31.99 0.83 -20.88
CA GLU G 151 -32.71 0.78 -22.15
C GLU G 151 -33.87 -0.21 -22.08
N LYS G 152 -33.69 -1.32 -21.37
CA LYS G 152 -34.74 -2.32 -21.26
C LYS G 152 -35.95 -1.78 -20.50
N ALA G 153 -35.69 -0.97 -19.46
CA ALA G 153 -36.79 -0.41 -18.69
C ALA G 153 -37.47 0.73 -19.44
N TYR G 154 -36.69 1.57 -20.13
CA TYR G 154 -37.26 2.68 -20.88
C TYR G 154 -38.11 2.17 -22.04
N SER G 155 -37.62 1.16 -22.77
CA SER G 155 -38.36 0.66 -23.93
C SER G 155 -39.63 -0.06 -23.53
N GLU G 156 -39.63 -0.75 -22.37
CA GLU G 156 -40.84 -1.42 -21.92
C GLU G 156 -41.92 -0.43 -21.52
N ALA G 157 -41.52 0.77 -21.09
CA ALA G 157 -42.49 1.79 -20.70
C ALA G 157 -43.01 2.60 -21.88
N HIS G 158 -42.21 2.74 -22.94
CA HIS G 158 -42.66 3.50 -24.10
C HIS G 158 -43.77 2.77 -24.84
N GLU G 159 -43.66 1.44 -24.95
CA GLU G 159 -44.69 0.67 -25.64
C GLU G 159 -45.99 0.64 -24.84
N ILE G 160 -45.89 0.55 -23.51
CA ILE G 160 -47.08 0.55 -22.67
C ILE G 160 -47.75 1.92 -22.68
N SER G 161 -46.94 2.99 -22.66
CA SER G 161 -47.50 4.34 -22.67
C SER G 161 -48.20 4.64 -23.98
N LYS G 162 -47.63 4.21 -25.11
CA LYS G 162 -48.23 4.48 -26.40
C LYS G 162 -49.51 3.68 -26.64
N GLU G 163 -49.68 2.54 -25.95
CA GLU G 163 -50.79 1.65 -26.23
C GLU G 163 -52.00 1.91 -25.36
N HIS G 164 -51.82 2.42 -24.14
CA HIS G 164 -52.93 2.58 -23.21
C HIS G 164 -53.03 3.96 -22.57
N MET G 165 -52.02 4.81 -22.71
CA MET G 165 -52.05 6.15 -22.12
C MET G 165 -52.25 7.18 -23.23
N GLN G 166 -53.02 8.23 -22.91
CA GLN G 166 -53.22 9.30 -23.86
C GLN G 166 -51.90 10.01 -24.12
N PRO G 167 -51.70 10.54 -25.34
CA PRO G 167 -50.43 11.21 -25.65
C PRO G 167 -50.17 12.44 -24.80
N THR G 168 -51.21 13.07 -24.26
CA THR G 168 -51.07 14.26 -23.45
C THR G 168 -50.84 13.94 -21.97
N HIS G 169 -50.61 12.68 -21.63
CA HIS G 169 -50.39 12.31 -20.23
C HIS G 169 -49.02 12.83 -19.78
N PRO G 170 -48.93 13.50 -18.64
CA PRO G 170 -47.64 14.04 -18.20
C PRO G 170 -46.58 12.97 -17.96
N ILE G 171 -46.98 11.80 -17.46
CA ILE G 171 -46.00 10.75 -17.20
C ILE G 171 -45.51 10.12 -18.50
N ARG G 172 -46.38 10.00 -19.50
CA ARG G 172 -45.94 9.51 -20.80
C ARG G 172 -44.98 10.50 -21.46
N LEU G 173 -45.29 11.80 -21.36
CA LEU G 173 -44.37 12.81 -21.86
C LEU G 173 -43.12 12.89 -21.00
N GLY G 174 -43.28 12.75 -19.69
CA GLY G 174 -42.11 12.73 -18.82
C GLY G 174 -41.21 11.55 -19.07
N LEU G 175 -41.79 10.40 -19.43
CA LEU G 175 -41.00 9.23 -19.77
C LEU G 175 -40.17 9.48 -21.04
N ALA G 176 -40.82 10.01 -22.08
CA ALA G 176 -40.12 10.29 -23.32
C ALA G 176 -39.03 11.34 -23.12
N LEU G 177 -39.22 12.27 -22.18
CA LEU G 177 -38.20 13.26 -21.90
C LEU G 177 -36.94 12.62 -21.33
N ASN G 178 -37.09 11.79 -20.29
CA ASN G 178 -35.94 11.09 -19.74
C ASN G 178 -35.42 10.02 -20.68
N TYR G 179 -36.30 9.47 -21.52
CA TYR G 179 -35.86 8.51 -22.54
C TYR G 179 -34.99 9.18 -23.58
N SER G 180 -35.44 10.32 -24.13
CA SER G 180 -34.67 11.02 -25.13
C SER G 180 -33.37 11.58 -24.56
N VAL G 181 -33.36 11.94 -23.27
CA VAL G 181 -32.11 12.36 -22.63
C VAL G 181 -31.17 11.18 -22.51
N PHE G 182 -31.71 9.99 -22.24
CA PHE G 182 -30.88 8.79 -22.20
C PHE G 182 -30.24 8.52 -23.56
N TYR G 183 -30.97 8.81 -24.64
CA TYR G 183 -30.42 8.58 -25.97
C TYR G 183 -29.31 9.58 -26.32
N TYR G 184 -29.33 10.77 -25.71
CA TYR G 184 -28.39 11.81 -26.08
C TYR G 184 -27.12 11.80 -25.24
N GLU G 185 -27.25 11.85 -23.92
CA GLU G 185 -26.10 11.98 -23.04
C GLU G 185 -25.59 10.64 -22.50
N ILE G 186 -26.21 9.52 -22.88
CA ILE G 186 -25.72 8.21 -22.45
C ILE G 186 -25.39 7.37 -23.68
N GLN G 187 -26.38 7.14 -24.54
CA GLN G 187 -26.17 6.39 -25.77
C GLN G 187 -25.49 7.22 -26.85
N ASN G 188 -25.39 8.53 -26.67
CA ASN G 188 -24.72 9.42 -27.63
C ASN G 188 -25.32 9.29 -29.02
N ALA G 189 -26.64 9.10 -29.08
CA ALA G 189 -27.37 8.98 -30.35
C ALA G 189 -28.29 10.18 -30.51
N PRO G 190 -27.81 11.29 -31.06
CA PRO G 190 -28.66 12.48 -31.19
C PRO G 190 -29.81 12.29 -32.17
N GLU G 191 -29.63 11.47 -33.22
CA GLU G 191 -30.70 11.26 -34.18
C GLU G 191 -31.89 10.56 -33.53
N GLN G 192 -31.63 9.57 -32.69
CA GLN G 192 -32.73 8.91 -31.98
C GLN G 192 -33.27 9.78 -30.86
N ALA G 193 -32.41 10.58 -30.22
CA ALA G 193 -32.86 11.46 -29.16
C ALA G 193 -33.83 12.51 -29.69
N CYS G 194 -33.49 13.12 -30.84
CA CYS G 194 -34.38 14.12 -31.43
C CYS G 194 -35.66 13.47 -31.96
N HIS G 195 -35.54 12.30 -32.59
CA HIS G 195 -36.72 11.64 -33.15
C HIS G 195 -37.70 11.24 -32.05
N LEU G 196 -37.18 10.82 -30.89
CA LEU G 196 -38.05 10.42 -29.80
C LEU G 196 -38.70 11.63 -29.12
N ALA G 197 -37.96 12.73 -29.02
CA ALA G 197 -38.54 13.95 -28.43
C ALA G 197 -39.54 14.59 -29.38
N LYS G 198 -39.26 14.58 -30.68
CA LYS G 198 -40.18 15.18 -31.65
C LYS G 198 -41.44 14.35 -31.79
N THR G 199 -41.33 13.03 -31.72
CA THR G 199 -42.51 12.18 -31.84
C THR G 199 -43.46 12.37 -30.67
N ALA G 200 -42.92 12.40 -29.44
CA ALA G 200 -43.75 12.61 -28.27
C ALA G 200 -44.42 13.98 -28.31
N PHE G 201 -43.73 14.99 -28.83
CA PHE G 201 -44.31 16.32 -28.95
C PHE G 201 -45.46 16.32 -29.96
N ASP G 202 -45.22 15.78 -31.16
CA ASP G 202 -46.26 15.77 -32.18
C ASP G 202 -47.42 14.88 -31.80
N ASP G 203 -47.19 13.86 -30.96
CA ASP G 203 -48.27 12.98 -30.54
C ASP G 203 -49.25 13.72 -29.62
N ALA G 204 -48.73 14.49 -28.66
CA ALA G 204 -49.60 15.26 -27.77
C ALA G 204 -50.17 16.49 -28.48
N ILE G 205 -49.38 17.12 -29.35
CA ILE G 205 -49.87 18.27 -30.12
C ILE G 205 -51.04 17.88 -31.00
N ALA G 206 -51.10 16.61 -31.40
CA ALA G 206 -52.17 16.15 -32.28
C ALA G 206 -53.50 16.16 -31.52
N GLU G 207 -54.24 17.25 -31.64
CA GLU G 207 -55.51 17.42 -30.96
C GLU G 207 -56.61 17.60 -32.01
N LEU G 208 -57.65 16.78 -31.91
CA LEU G 208 -58.76 16.83 -32.86
C LEU G 208 -59.88 17.74 -32.36
N TYR G 216 -55.29 20.88 -18.31
CA TYR G 216 -53.90 20.63 -18.70
C TYR G 216 -52.95 21.46 -17.84
N LYS G 217 -52.23 22.37 -18.50
CA LYS G 217 -51.28 23.30 -17.87
C LYS G 217 -50.06 22.57 -17.33
N ASP G 218 -50.06 21.24 -17.41
CA ASP G 218 -48.94 20.41 -16.99
C ASP G 218 -48.25 19.75 -18.16
N SER G 219 -49.01 19.13 -19.06
CA SER G 219 -48.42 18.48 -20.23
C SER G 219 -47.64 19.47 -21.08
N THR G 220 -48.13 20.71 -21.17
CA THR G 220 -47.42 21.74 -21.93
C THR G 220 -46.07 22.08 -21.33
N LEU G 221 -45.87 21.84 -20.03
CA LEU G 221 -44.59 22.15 -19.41
C LEU G 221 -43.51 21.16 -19.85
N ILE G 222 -43.82 19.87 -19.81
CA ILE G 222 -42.85 18.88 -20.28
C ILE G 222 -42.69 18.95 -21.79
N MET G 223 -43.76 19.30 -22.51
CA MET G 223 -43.64 19.56 -23.94
C MET G 223 -42.65 20.68 -24.20
N GLN G 224 -42.67 21.72 -23.36
CA GLN G 224 -41.69 22.79 -23.48
C GLN G 224 -40.28 22.29 -23.21
N LEU G 225 -40.12 21.42 -22.21
CA LEU G 225 -38.82 20.82 -21.96
C LEU G 225 -38.37 19.95 -23.12
N LEU G 226 -39.33 19.28 -23.78
CA LEU G 226 -39.01 18.51 -24.97
C LEU G 226 -38.56 19.43 -26.11
N ARG G 227 -39.29 20.53 -26.33
CA ARG G 227 -38.92 21.48 -27.36
C ARG G 227 -37.63 22.19 -27.03
N ASP G 228 -37.34 22.39 -25.73
CA ASP G 228 -36.08 23.02 -25.35
C ASP G 228 -34.90 22.12 -25.67
N ASN G 229 -35.05 20.81 -25.47
CA ASN G 229 -33.98 19.87 -25.81
C ASN G 229 -33.84 19.71 -27.31
N LEU G 230 -34.96 19.74 -28.04
CA LEU G 230 -34.89 19.65 -29.49
C LEU G 230 -34.14 20.84 -30.09
N THR G 231 -34.34 22.04 -29.52
CA THR G 231 -33.60 23.21 -29.99
C THR G 231 -32.11 23.06 -29.73
N LEU G 232 -31.74 22.50 -28.57
CA LEU G 232 -30.34 22.32 -28.25
C LEU G 232 -29.71 21.23 -29.10
N TRP G 233 -30.38 20.07 -29.21
CA TRP G 233 -29.77 18.92 -29.85
C TRP G 233 -29.70 19.06 -31.36
N THR G 234 -30.68 19.72 -31.97
CA THR G 234 -30.70 19.88 -33.43
C THR G 234 -29.80 21.03 -33.87
N VAL H 2 -42.18 20.10 34.24
CA VAL H 2 -41.09 19.16 34.47
C VAL H 2 -41.02 18.78 35.95
N ASP H 3 -40.89 17.49 36.23
CA ASP H 3 -40.77 16.96 37.58
C ASP H 3 -39.38 16.36 37.73
N ARG H 4 -38.53 17.03 38.51
CA ARG H 4 -37.17 16.53 38.72
C ARG H 4 -37.17 15.16 39.37
N GLU H 5 -38.18 14.87 40.20
CA GLU H 5 -38.26 13.56 40.83
C GLU H 5 -38.47 12.45 39.80
N GLN H 6 -39.37 12.69 38.85
CA GLN H 6 -39.65 11.66 37.84
C GLN H 6 -38.49 11.51 36.86
N LEU H 7 -37.70 12.55 36.65
CA LEU H 7 -36.55 12.44 35.77
C LEU H 7 -35.52 11.46 36.31
N VAL H 8 -35.30 11.48 37.63
CA VAL H 8 -34.34 10.56 38.24
C VAL H 8 -34.89 9.14 38.25
N GLN H 9 -36.21 8.98 38.38
CA GLN H 9 -36.79 7.64 38.35
C GLN H 9 -36.64 6.99 36.99
N LYS H 10 -36.65 7.78 35.92
CA LYS H 10 -36.40 7.22 34.59
C LYS H 10 -34.96 6.74 34.45
N ALA H 11 -34.01 7.43 35.09
CA ALA H 11 -32.63 6.97 35.06
C ALA H 11 -32.45 5.71 35.88
N ARG H 12 -33.13 5.61 37.03
CA ARG H 12 -33.06 4.39 37.83
C ARG H 12 -33.63 3.20 37.08
N LEU H 13 -34.74 3.41 36.37
CA LEU H 13 -35.32 2.33 35.57
C LEU H 13 -34.41 1.97 34.40
N ALA H 14 -33.80 2.97 33.76
CA ALA H 14 -32.91 2.69 32.64
C ALA H 14 -31.67 1.93 33.08
N GLU H 15 -31.19 2.17 34.30
CA GLU H 15 -30.04 1.43 34.80
C GLU H 15 -30.40 -0.04 35.01
N GLN H 16 -31.56 -0.32 35.61
CA GLN H 16 -31.99 -1.70 35.79
C GLN H 16 -32.30 -2.36 34.44
N ALA H 17 -32.87 -1.60 33.50
CA ALA H 17 -33.15 -2.12 32.17
C ALA H 17 -31.92 -2.15 31.27
N GLU H 18 -30.75 -1.80 31.80
CA GLU H 18 -29.49 -1.80 31.06
C GLU H 18 -29.51 -0.91 29.83
N ARG H 19 -30.39 0.09 29.81
CA ARG H 19 -30.45 1.06 28.71
C ARG H 19 -29.74 2.33 29.17
N TYR H 20 -28.41 2.31 29.03
CA TYR H 20 -27.58 3.39 29.54
C TYR H 20 -27.62 4.63 28.66
N ASP H 21 -28.07 4.51 27.41
CA ASP H 21 -28.24 5.68 26.57
C ASP H 21 -29.41 6.53 27.07
N ASP H 22 -30.54 5.89 27.37
CA ASP H 22 -31.66 6.61 27.98
C ASP H 22 -31.30 7.09 29.39
N MET H 23 -30.38 6.40 30.07
CA MET H 23 -29.97 6.82 31.40
C MET H 23 -29.14 8.09 31.34
N ALA H 24 -28.22 8.18 30.37
CA ALA H 24 -27.42 9.39 30.22
C ALA H 24 -28.29 10.56 29.76
N ALA H 25 -29.27 10.30 28.91
CA ALA H 25 -30.19 11.36 28.48
C ALA H 25 -31.05 11.83 29.64
N ALA H 26 -31.46 10.90 30.53
CA ALA H 26 -32.25 11.29 31.68
C ALA H 26 -31.45 12.15 32.65
N MET H 27 -30.20 11.77 32.90
CA MET H 27 -29.36 12.56 33.79
C MET H 27 -28.90 13.86 33.16
N LYS H 28 -28.85 13.94 31.83
CA LYS H 28 -28.53 15.20 31.17
C LYS H 28 -29.64 16.23 31.38
N ASN H 29 -30.90 15.77 31.40
CA ASN H 29 -32.00 16.68 31.66
C ASN H 29 -31.96 17.22 33.09
N VAL H 30 -31.56 16.38 34.04
CA VAL H 30 -31.45 16.85 35.42
C VAL H 30 -30.30 17.83 35.57
N THR H 31 -29.21 17.64 34.81
CA THR H 31 -28.09 18.57 34.88
C THR H 31 -28.44 19.92 34.28
N GLU H 32 -29.27 19.94 33.24
CA GLU H 32 -29.64 21.18 32.55
C GLU H 32 -30.65 22.02 33.34
N LEU H 33 -30.99 21.63 34.56
CA LEU H 33 -31.78 22.47 35.45
C LEU H 33 -30.94 23.50 36.19
N ASN H 34 -29.62 23.48 36.00
CA ASN H 34 -28.70 24.45 36.59
C ASN H 34 -28.81 24.48 38.12
N GLU H 35 -28.98 23.31 38.71
CA GLU H 35 -29.02 23.17 40.15
C GLU H 35 -28.04 22.09 40.58
N PRO H 36 -27.46 22.22 41.77
CA PRO H 36 -26.51 21.20 42.24
C PRO H 36 -27.18 19.84 42.37
N LEU H 37 -26.39 18.79 42.10
CA LEU H 37 -26.87 17.42 42.13
C LEU H 37 -26.57 16.79 43.49
N SER H 38 -27.47 15.91 43.93
CA SER H 38 -27.23 15.15 45.14
C SER H 38 -26.19 14.07 44.89
N ASN H 39 -25.78 13.40 45.98
CA ASN H 39 -24.79 12.33 45.85
C ASN H 39 -25.30 11.18 44.99
N GLU H 40 -26.59 10.87 45.12
CA GLU H 40 -27.18 9.83 44.27
C GLU H 40 -27.22 10.27 42.80
N GLU H 41 -27.55 11.54 42.56
CA GLU H 41 -27.57 12.04 41.19
C GLU H 41 -26.18 12.13 40.59
N ARG H 42 -25.17 12.43 41.42
CA ARG H 42 -23.80 12.49 40.92
C ARG H 42 -23.33 11.12 40.44
N ASN H 43 -23.73 10.06 41.13
CA ASN H 43 -23.34 8.71 40.73
C ASN H 43 -24.16 8.22 39.54
N LEU H 44 -25.46 8.49 39.54
CA LEU H 44 -26.31 8.08 38.41
C LEU H 44 -25.82 8.71 37.11
N LEU H 45 -25.34 9.95 37.16
CA LEU H 45 -24.80 10.59 35.97
C LEU H 45 -23.48 9.94 35.56
N SER H 46 -22.62 9.62 36.53
CA SER H 46 -21.32 9.04 36.19
C SER H 46 -21.46 7.61 35.69
N VAL H 47 -22.32 6.81 36.33
CA VAL H 47 -22.51 5.43 35.90
C VAL H 47 -23.10 5.39 34.50
N ALA H 48 -24.00 6.33 34.18
CA ALA H 48 -24.64 6.35 32.87
C ALA H 48 -23.63 6.61 31.76
N TYR H 49 -22.91 7.73 31.84
CA TYR H 49 -21.99 8.09 30.79
C TYR H 49 -20.76 7.19 30.74
N LYS H 50 -20.39 6.55 31.85
CA LYS H 50 -19.29 5.59 31.82
C LYS H 50 -19.66 4.37 31.00
N ASN H 51 -20.92 3.93 31.08
CA ASN H 51 -21.36 2.78 30.29
C ASN H 51 -21.49 3.13 28.81
N VAL H 52 -21.97 4.33 28.51
CA VAL H 52 -22.11 4.74 27.11
C VAL H 52 -20.74 4.94 26.47
N VAL H 53 -19.80 5.50 27.22
CA VAL H 53 -18.45 5.68 26.70
C VAL H 53 -17.71 4.34 26.65
N GLY H 54 -17.82 3.54 27.71
CA GLY H 54 -17.15 2.26 27.75
C GLY H 54 -17.65 1.29 26.70
N ALA H 55 -18.92 1.40 26.31
CA ALA H 55 -19.43 0.56 25.22
C ALA H 55 -18.73 0.87 23.91
N ARG H 56 -18.50 2.15 23.63
CA ARG H 56 -17.81 2.55 22.41
C ARG H 56 -16.29 2.46 22.54
N ARG H 57 -15.76 2.44 23.76
CA ARG H 57 -14.35 2.16 23.94
C ARG H 57 -14.04 0.70 23.61
N SER H 58 -14.82 -0.22 24.19
CA SER H 58 -14.63 -1.64 23.89
C SER H 58 -14.85 -1.92 22.41
N SER H 59 -15.78 -1.21 21.79
CA SER H 59 -15.98 -1.37 20.35
C SER H 59 -14.77 -0.86 19.57
N TRP H 60 -14.32 0.36 19.88
CA TRP H 60 -13.23 0.98 19.11
C TRP H 60 -11.94 0.18 19.25
N ARG H 61 -11.69 -0.39 20.43
CA ARG H 61 -10.46 -1.15 20.63
C ARG H 61 -10.41 -2.39 19.75
N VAL H 62 -11.57 -3.00 19.47
CA VAL H 62 -11.60 -4.16 18.59
C VAL H 62 -11.33 -3.76 17.15
N ILE H 63 -11.80 -2.57 16.74
CA ILE H 63 -11.61 -2.15 15.37
C ILE H 63 -10.17 -1.73 15.11
N SER H 64 -9.52 -1.12 16.11
CA SER H 64 -8.13 -0.70 15.93
C SER H 64 -7.21 -1.90 15.78
N SER H 65 -7.45 -2.96 16.55
CA SER H 65 -6.64 -4.17 16.41
C SER H 65 -6.83 -4.80 15.04
N ILE H 66 -8.05 -4.80 14.52
CA ILE H 66 -8.31 -5.32 13.18
C ILE H 66 -7.71 -4.40 12.12
N GLU H 67 -7.73 -3.09 12.36
CA GLU H 67 -7.15 -2.16 11.41
C GLU H 67 -5.64 -2.32 11.32
N GLN H 68 -4.98 -2.60 12.45
CA GLN H 68 -3.55 -2.83 12.45
C GLN H 68 -3.15 -4.12 11.76
N LYS H 69 -4.10 -5.00 11.44
CA LYS H 69 -3.83 -6.23 10.72
C LYS H 69 -4.25 -6.18 9.26
N THR H 70 -5.35 -5.48 8.96
CA THR H 70 -5.77 -5.32 7.57
C THR H 70 -4.83 -4.40 6.79
N SER H 71 -4.07 -3.56 7.48
CA SER H 71 -3.13 -2.66 6.80
C SER H 71 -2.08 -3.45 6.05
N ALA H 72 -1.61 -4.57 6.63
CA ALA H 72 -0.62 -5.41 5.99
C ALA H 72 -1.22 -6.41 5.01
N ASP H 73 -2.52 -6.67 5.10
CA ASP H 73 -3.14 -7.66 4.23
C ASP H 73 -3.23 -7.19 2.78
N GLY H 74 -3.16 -5.88 2.54
CA GLY H 74 -3.12 -5.35 1.19
C GLY H 74 -4.46 -5.20 0.52
N ASN H 75 -5.56 -5.60 1.15
CA ASN H 75 -6.87 -5.45 0.55
C ASN H 75 -7.31 -3.99 0.60
N GLU H 76 -6.99 -3.23 -0.45
CA GLU H 76 -7.22 -1.79 -0.42
C GLU H 76 -8.72 -1.45 -0.42
N LYS H 77 -9.55 -2.29 -1.05
CA LYS H 77 -10.98 -2.04 -1.02
C LYS H 77 -11.56 -2.29 0.37
N LYS H 78 -11.08 -3.34 1.04
CA LYS H 78 -11.51 -3.61 2.41
C LYS H 78 -10.88 -2.65 3.40
N ILE H 79 -9.72 -2.07 3.07
CA ILE H 79 -9.06 -1.13 3.97
C ILE H 79 -9.92 0.10 4.19
N GLU H 80 -10.58 0.58 3.14
CA GLU H 80 -11.36 1.80 3.25
C GLU H 80 -12.54 1.63 4.21
N MET H 81 -13.15 0.44 4.22
CA MET H 81 -14.34 0.25 5.05
C MET H 81 -13.99 -0.04 6.50
N VAL H 82 -12.86 -0.72 6.77
CA VAL H 82 -12.48 -0.97 8.16
C VAL H 82 -11.98 0.30 8.81
N ARG H 83 -11.34 1.19 8.05
CA ARG H 83 -10.91 2.48 8.59
C ARG H 83 -12.09 3.41 8.78
N ALA H 84 -13.01 3.45 7.81
CA ALA H 84 -14.18 4.31 7.93
C ALA H 84 -15.07 3.85 9.08
N TYR H 85 -15.23 2.55 9.26
CA TYR H 85 -15.97 2.05 10.41
C TYR H 85 -15.25 2.37 11.72
N ARG H 86 -13.92 2.40 11.69
CA ARG H 86 -13.18 2.83 12.88
C ARG H 86 -13.46 4.30 13.19
N GLU H 87 -13.52 5.14 12.15
CA GLU H 87 -13.81 6.54 12.37
C GLU H 87 -15.27 6.77 12.75
N LYS H 88 -16.17 5.90 12.28
CA LYS H 88 -17.58 6.02 12.64
C LYS H 88 -17.76 5.83 14.16
N ILE H 89 -17.21 4.75 14.70
CA ILE H 89 -17.24 4.56 16.14
C ILE H 89 -16.37 5.59 16.84
N GLU H 90 -15.35 6.10 16.15
CA GLU H 90 -14.50 7.14 16.73
C GLU H 90 -15.29 8.42 16.96
N LYS H 91 -15.86 8.97 15.89
CA LYS H 91 -16.64 10.21 16.01
C LYS H 91 -17.80 10.05 16.98
N GLU H 92 -18.35 8.84 17.08
CA GLU H 92 -19.37 8.59 18.10
C GLU H 92 -18.78 8.68 19.50
N LEU H 93 -17.55 8.16 19.68
CA LEU H 93 -16.94 8.15 21.00
C LEU H 93 -16.63 9.57 21.47
N GLU H 94 -16.04 10.39 20.60
CA GLU H 94 -15.68 11.75 20.99
C GLU H 94 -16.92 12.61 21.23
N ALA H 95 -18.02 12.30 20.57
CA ALA H 95 -19.26 13.06 20.79
C ALA H 95 -19.80 12.83 22.19
N VAL H 96 -19.72 11.61 22.70
CA VAL H 96 -20.16 11.34 24.06
C VAL H 96 -19.25 12.04 25.06
N CYS H 97 -17.94 12.08 24.78
CA CYS H 97 -17.02 12.72 25.70
C CYS H 97 -17.24 14.23 25.76
N GLN H 98 -17.48 14.86 24.61
CA GLN H 98 -17.73 16.29 24.58
C GLN H 98 -19.03 16.66 25.29
N ASP H 99 -19.98 15.71 25.40
CA ASP H 99 -21.22 16.00 26.09
C ASP H 99 -21.02 16.04 27.60
N VAL H 100 -20.23 15.11 28.14
CA VAL H 100 -19.97 15.11 29.57
C VAL H 100 -19.14 16.34 29.95
N LEU H 101 -18.08 16.61 29.18
CA LEU H 101 -17.25 17.77 29.45
C LEU H 101 -18.05 19.07 29.35
N SER H 102 -19.02 19.12 28.44
CA SER H 102 -19.89 20.28 28.35
C SER H 102 -20.77 20.41 29.59
N LEU H 103 -21.33 19.30 30.06
CA LEU H 103 -22.17 19.35 31.24
C LEU H 103 -21.36 19.72 32.49
N LEU H 104 -20.11 19.26 32.55
CA LEU H 104 -19.27 19.56 33.71
C LEU H 104 -18.86 21.03 33.73
N ASP H 105 -18.40 21.55 32.60
CA ASP H 105 -17.89 22.93 32.56
C ASP H 105 -19.02 23.94 32.65
N ASN H 106 -20.13 23.70 31.97
CA ASN H 106 -21.19 24.69 31.88
C ASN H 106 -22.17 24.65 33.05
N TYR H 107 -22.41 23.47 33.63
CA TYR H 107 -23.42 23.33 34.67
C TYR H 107 -22.86 22.85 36.00
N LEU H 108 -22.05 21.79 35.99
CA LEU H 108 -21.68 21.12 37.23
C LEU H 108 -20.58 21.86 37.99
N ILE H 109 -19.42 22.03 37.36
CA ILE H 109 -18.33 22.73 38.04
C ILE H 109 -18.66 24.20 38.21
N LYS H 110 -19.40 24.79 37.27
CA LYS H 110 -19.75 26.20 37.37
C LYS H 110 -20.68 26.46 38.55
N ASN H 111 -21.52 25.50 38.91
CA ASN H 111 -22.43 25.65 40.04
C ASN H 111 -21.84 25.13 41.35
N CYS H 112 -20.54 24.83 41.38
CA CYS H 112 -19.90 24.36 42.59
C CYS H 112 -19.52 25.54 43.49
N SER H 113 -19.74 25.36 44.78
CA SER H 113 -19.39 26.39 45.76
C SER H 113 -17.96 26.19 46.25
N GLU H 114 -17.41 27.26 46.83
CA GLU H 114 -16.06 27.20 47.38
C GLU H 114 -15.99 26.34 48.64
N THR H 115 -17.13 26.14 49.31
CA THR H 115 -17.14 25.32 50.53
C THR H 115 -17.08 23.83 50.21
N GLN H 116 -17.99 23.37 49.36
CA GLN H 116 -18.06 21.94 49.02
C GLN H 116 -16.89 21.58 48.12
N TYR H 117 -15.88 20.93 48.70
CA TYR H 117 -14.74 20.45 47.94
C TYR H 117 -14.87 19.00 47.50
N GLU H 118 -15.87 18.27 48.03
CA GLU H 118 -16.07 16.89 47.62
C GLU H 118 -16.60 16.82 46.20
N SER H 119 -17.62 17.63 45.89
CA SER H 119 -18.16 17.66 44.54
C SER H 119 -17.15 18.22 43.54
N LYS H 120 -16.27 19.11 44.01
CA LYS H 120 -15.24 19.67 43.11
C LYS H 120 -14.25 18.59 42.68
N VAL H 121 -13.83 17.74 43.62
CA VAL H 121 -12.88 16.69 43.28
C VAL H 121 -13.57 15.59 42.47
N PHE H 122 -14.88 15.42 42.65
CA PHE H 122 -15.60 14.40 41.89
C PHE H 122 -15.76 14.81 40.43
N TYR H 123 -16.22 16.04 40.19
CA TYR H 123 -16.40 16.51 38.81
C TYR H 123 -15.07 16.65 38.10
N LEU H 124 -14.04 17.13 38.80
CA LEU H 124 -12.74 17.31 38.18
C LEU H 124 -12.11 15.97 37.82
N LYS H 125 -12.27 14.96 38.69
CA LYS H 125 -11.83 13.62 38.36
C LYS H 125 -12.56 13.10 37.12
N MET H 126 -13.86 13.34 37.06
CA MET H 126 -14.63 12.97 35.86
C MET H 126 -14.09 13.69 34.63
N LYS H 127 -13.78 14.98 34.77
CA LYS H 127 -13.25 15.73 33.62
C LYS H 127 -11.92 15.16 33.15
N GLY H 128 -11.09 14.70 34.08
CA GLY H 128 -9.85 14.05 33.69
C GLY H 128 -10.07 12.68 33.08
N ASP H 129 -11.17 12.01 33.43
CA ASP H 129 -11.45 10.69 32.88
C ASP H 129 -11.85 10.78 31.41
N TYR H 130 -12.80 11.66 31.09
CA TYR H 130 -13.28 11.76 29.71
C TYR H 130 -12.30 12.46 28.80
N TYR H 131 -11.37 13.25 29.35
CA TYR H 131 -10.27 13.75 28.55
C TYR H 131 -9.21 12.67 28.34
N ARG H 132 -9.11 11.71 29.27
CA ARG H 132 -8.20 10.59 29.08
C ARG H 132 -8.71 9.65 27.99
N TYR H 133 -10.04 9.44 27.93
CA TYR H 133 -10.60 8.58 26.89
C TYR H 133 -10.38 9.17 25.51
N LEU H 134 -10.39 10.51 25.40
CA LEU H 134 -10.05 11.15 24.13
C LEU H 134 -8.58 10.98 23.81
N ALA H 135 -7.72 10.91 24.83
CA ALA H 135 -6.30 10.73 24.61
C ALA H 135 -5.99 9.34 24.06
N GLU H 136 -6.71 8.33 24.54
CA GLU H 136 -6.50 6.95 24.08
C GLU H 136 -6.80 6.77 22.59
N VAL H 137 -7.41 7.77 21.94
CA VAL H 137 -7.91 7.60 20.59
C VAL H 137 -7.26 8.61 19.65
N ALA H 138 -6.88 9.77 20.17
CA ALA H 138 -6.31 10.82 19.34
C ALA H 138 -4.85 10.52 19.02
N THR H 139 -4.33 11.24 18.02
CA THR H 139 -2.94 11.12 17.60
C THR H 139 -2.39 12.50 17.27
N GLY H 140 -1.07 12.61 17.32
CA GLY H 140 -0.41 13.83 16.87
C GLY H 140 -0.64 15.00 17.80
N GLU H 141 -0.75 16.19 17.21
CA GLU H 141 -0.94 17.40 18.01
C GLU H 141 -2.27 17.39 18.73
N LYS H 142 -3.30 16.81 18.10
CA LYS H 142 -4.59 16.65 18.78
C LYS H 142 -4.45 15.80 20.03
N ARG H 143 -3.56 14.81 20.01
CA ARG H 143 -3.38 13.95 21.17
C ARG H 143 -2.77 14.71 22.34
N ALA H 144 -1.80 15.58 22.08
CA ALA H 144 -1.17 16.33 23.15
C ALA H 144 -2.13 17.29 23.83
N THR H 145 -3.09 17.83 23.08
CA THR H 145 -4.01 18.81 23.63
C THR H 145 -4.94 18.19 24.67
N VAL H 146 -5.50 17.02 24.36
CA VAL H 146 -6.39 16.36 25.31
C VAL H 146 -5.64 15.77 26.49
N VAL H 147 -4.34 15.49 26.33
CA VAL H 147 -3.53 15.10 27.48
C VAL H 147 -3.35 16.28 28.42
N GLU H 148 -3.21 17.48 27.86
CA GLU H 148 -3.08 18.68 28.69
C GLU H 148 -4.31 18.87 29.58
N SER H 149 -5.50 18.80 28.98
CA SER H 149 -6.73 18.99 29.75
C SER H 149 -6.94 17.86 30.74
N SER H 150 -6.45 16.66 30.44
CA SER H 150 -6.60 15.54 31.36
C SER H 150 -5.76 15.75 32.61
N GLU H 151 -4.50 16.12 32.44
CA GLU H 151 -3.63 16.39 33.60
C GLU H 151 -4.06 17.66 34.31
N LYS H 152 -4.49 18.68 33.56
CA LYS H 152 -4.96 19.92 34.19
C LYS H 152 -6.17 19.66 35.07
N ALA H 153 -7.06 18.76 34.63
CA ALA H 153 -8.21 18.39 35.46
C ALA H 153 -7.82 17.45 36.59
N TYR H 154 -6.77 16.64 36.39
CA TYR H 154 -6.34 15.70 37.43
C TYR H 154 -5.47 16.38 38.48
N SER H 155 -4.52 17.22 38.04
CA SER H 155 -3.63 17.87 39.00
C SER H 155 -4.39 18.80 39.93
N GLU H 156 -5.44 19.47 39.43
CA GLU H 156 -6.26 20.31 40.30
C GLU H 156 -7.12 19.46 41.22
N ALA H 157 -7.62 18.33 40.71
CA ALA H 157 -8.39 17.42 41.57
C ALA H 157 -7.51 16.77 42.63
N HIS H 158 -6.25 16.50 42.29
CA HIS H 158 -5.35 15.90 43.26
C HIS H 158 -4.93 16.89 44.35
N GLU H 159 -4.84 18.17 44.00
CA GLU H 159 -4.47 19.18 44.99
C GLU H 159 -5.64 19.51 45.92
N ILE H 160 -6.87 19.54 45.38
CA ILE H 160 -8.03 19.82 46.22
C ILE H 160 -8.35 18.62 47.10
N SER H 161 -8.14 17.40 46.60
CA SER H 161 -8.39 16.21 47.41
C SER H 161 -7.35 16.04 48.50
N LYS H 162 -6.13 16.52 48.28
CA LYS H 162 -5.07 16.41 49.27
C LYS H 162 -5.20 17.42 50.40
N GLU H 163 -6.12 18.38 50.29
CA GLU H 163 -6.27 19.44 51.28
C GLU H 163 -7.53 19.30 52.12
N HIS H 164 -8.68 19.06 51.49
CA HIS H 164 -9.96 19.04 52.19
C HIS H 164 -10.62 17.67 52.17
N MET H 165 -9.93 16.62 51.74
CA MET H 165 -10.48 15.27 51.71
C MET H 165 -9.56 14.34 52.49
N GLN H 166 -10.14 13.58 53.41
CA GLN H 166 -9.36 12.64 54.20
C GLN H 166 -8.87 11.49 53.32
N PRO H 167 -7.71 10.90 53.65
CA PRO H 167 -7.20 9.79 52.84
C PRO H 167 -8.12 8.57 52.84
N THR H 168 -8.94 8.40 53.87
CA THR H 168 -9.90 7.29 53.93
C THR H 168 -11.22 7.67 53.28
N HIS H 169 -11.16 8.13 52.03
CA HIS H 169 -12.35 8.54 51.29
C HIS H 169 -12.33 7.87 49.92
N PRO H 170 -13.47 7.34 49.46
CA PRO H 170 -13.48 6.67 48.14
C PRO H 170 -13.21 7.62 47.00
N ILE H 171 -13.61 8.89 47.11
CA ILE H 171 -13.38 9.84 46.03
C ILE H 171 -11.90 10.23 45.97
N ARG H 172 -11.26 10.35 47.14
CA ARG H 172 -9.83 10.67 47.18
C ARG H 172 -9.01 9.52 46.61
N LEU H 173 -9.30 8.29 47.04
CA LEU H 173 -8.59 7.14 46.48
C LEU H 173 -9.01 6.86 45.04
N GLY H 174 -10.24 7.23 44.67
CA GLY H 174 -10.67 7.04 43.30
C GLY H 174 -9.89 7.89 42.32
N LEU H 175 -9.56 9.13 42.72
CA LEU H 175 -8.76 9.99 41.87
C LEU H 175 -7.32 9.50 41.78
N ALA H 176 -6.75 9.05 42.90
CA ALA H 176 -5.38 8.55 42.88
C ALA H 176 -5.27 7.29 42.03
N LEU H 177 -6.26 6.39 42.13
CA LEU H 177 -6.30 5.24 41.25
C LEU H 177 -6.52 5.66 39.80
N ASN H 178 -7.26 6.75 39.58
CA ASN H 178 -7.50 7.24 38.24
C ASN H 178 -6.45 8.24 37.77
N TYR H 179 -5.58 8.71 38.67
CA TYR H 179 -4.43 9.51 38.22
C TYR H 179 -3.29 8.62 37.77
N SER H 180 -3.18 7.41 38.33
CA SER H 180 -2.11 6.49 37.95
C SER H 180 -2.38 5.83 36.60
N VAL H 181 -3.64 5.53 36.29
CA VAL H 181 -3.94 4.94 34.99
C VAL H 181 -3.62 5.91 33.87
N PHE H 182 -3.74 7.23 34.14
CA PHE H 182 -3.43 8.21 33.12
C PHE H 182 -1.93 8.28 32.84
N TYR H 183 -1.11 8.28 33.90
CA TYR H 183 0.33 8.34 33.72
C TYR H 183 0.93 7.02 33.27
N TYR H 184 0.23 5.90 33.51
CA TYR H 184 0.75 4.59 33.13
C TYR H 184 0.36 4.18 31.72
N GLU H 185 -0.77 4.67 31.21
CA GLU H 185 -1.25 4.30 29.88
C GLU H 185 -1.11 5.42 28.86
N ILE H 186 -1.28 6.68 29.26
CA ILE H 186 -1.21 7.78 28.31
C ILE H 186 0.19 8.38 28.22
N GLN H 187 0.94 8.40 29.32
CA GLN H 187 2.25 9.03 29.34
C GLN H 187 3.41 8.03 29.25
N ASN H 188 3.15 6.74 29.41
CA ASN H 188 4.18 5.71 29.39
C ASN H 188 5.26 5.99 30.43
N ALA H 189 4.85 6.49 31.59
CA ALA H 189 5.74 6.80 32.70
C ALA H 189 5.44 5.87 33.86
N PRO H 190 6.03 4.67 33.90
CA PRO H 190 5.69 3.74 34.99
C PRO H 190 6.14 4.20 36.35
N GLU H 191 7.33 4.80 36.44
CA GLU H 191 7.85 5.26 37.73
C GLU H 191 6.99 6.38 38.30
N GLN H 192 6.59 7.34 37.46
CA GLN H 192 5.75 8.43 37.93
C GLN H 192 4.35 7.95 38.27
N ALA H 193 3.85 6.93 37.57
CA ALA H 193 2.53 6.40 37.87
C ALA H 193 2.55 5.51 39.10
N CYS H 194 3.58 4.67 39.25
CA CYS H 194 3.68 3.83 40.44
C CYS H 194 3.93 4.65 41.69
N HIS H 195 4.68 5.75 41.58
CA HIS H 195 4.91 6.61 42.74
C HIS H 195 3.62 7.30 43.19
N LEU H 196 2.79 7.72 42.23
CA LEU H 196 1.52 8.34 42.58
C LEU H 196 0.56 7.34 43.21
N ALA H 197 0.66 6.06 42.82
CA ALA H 197 -0.25 5.06 43.36
C ALA H 197 0.24 4.50 44.70
N LYS H 198 1.56 4.41 44.88
CA LYS H 198 2.10 3.85 46.12
C LYS H 198 1.96 4.81 47.29
N THR H 199 1.97 6.12 47.04
CA THR H 199 1.82 7.09 48.12
C THR H 199 0.45 6.99 48.77
N ALA H 200 -0.59 6.67 47.99
CA ALA H 200 -1.93 6.53 48.53
C ALA H 200 -2.10 5.21 49.25
N TYR H 216 -22.15 0.40 53.79
CA TYR H 216 -21.07 0.12 54.72
C TYR H 216 -19.81 0.90 54.35
N LYS H 217 -18.90 0.22 53.63
CA LYS H 217 -17.65 0.83 53.21
C LYS H 217 -17.40 0.48 51.74
N ASP H 218 -16.69 1.38 51.06
CA ASP H 218 -16.33 1.18 49.66
C ASP H 218 -14.87 1.49 49.34
N SER H 219 -14.13 2.10 50.26
CA SER H 219 -12.74 2.43 50.00
C SER H 219 -11.81 1.23 50.08
N THR H 220 -12.27 0.12 50.66
CA THR H 220 -11.45 -1.07 50.75
C THR H 220 -11.29 -1.77 49.40
N LEU H 221 -12.18 -1.51 48.44
CA LEU H 221 -12.05 -2.09 47.12
C LEU H 221 -11.09 -1.28 46.25
N ILE H 222 -11.09 0.04 46.40
CA ILE H 222 -10.18 0.88 45.64
C ILE H 222 -8.76 0.72 46.15
N MET H 223 -8.58 0.60 47.46
CA MET H 223 -7.25 0.38 48.03
C MET H 223 -6.70 -0.97 47.60
N GLN H 224 -7.56 -2.00 47.55
CA GLN H 224 -7.11 -3.30 47.06
C GLN H 224 -6.78 -3.24 45.57
N LEU H 225 -7.60 -2.53 44.79
CA LEU H 225 -7.29 -2.35 43.37
C LEU H 225 -6.06 -1.47 43.19
N LEU H 226 -5.78 -0.58 44.14
CA LEU H 226 -4.55 0.20 44.08
C LEU H 226 -3.32 -0.68 44.29
N ARG H 227 -3.37 -1.54 45.30
CA ARG H 227 -2.24 -2.45 45.54
C ARG H 227 -2.12 -3.52 44.45
N ASP H 228 -3.25 -3.91 43.86
CA ASP H 228 -3.23 -4.90 42.78
C ASP H 228 -2.85 -4.30 41.44
N ASN H 229 -2.83 -2.96 41.31
CA ASN H 229 -2.44 -2.33 40.06
C ASN H 229 -0.95 -2.03 39.98
N LEU H 230 -0.33 -1.68 41.11
CA LEU H 230 1.11 -1.42 41.12
C LEU H 230 1.94 -2.70 41.03
N THR H 231 1.29 -3.87 41.00
CA THR H 231 2.03 -5.11 40.82
C THR H 231 2.59 -5.22 39.41
N LEU H 232 1.72 -5.12 38.40
CA LEU H 232 2.14 -5.20 37.00
C LEU H 232 2.89 -3.94 36.58
N VAL I 1 16.07 0.15 -38.29
CA VAL I 1 16.55 1.52 -38.13
C VAL I 1 15.93 2.16 -36.89
N GLU I 2 15.04 1.42 -36.22
CA GLU I 2 14.42 1.83 -34.96
C GLU I 2 13.68 3.16 -35.12
N HIS I 3 12.61 3.10 -35.92
CA HIS I 3 11.78 4.28 -36.20
C HIS I 3 10.74 4.56 -35.12
N SEP I 4 11.06 4.23 -33.86
CA SEP I 4 10.12 4.43 -32.77
CB SEP I 4 10.32 3.34 -31.71
OG SEP I 4 11.61 3.46 -31.12
C SEP I 4 10.27 5.81 -32.13
O SEP I 4 11.15 6.58 -32.50
P SEP I 4 11.85 2.28 -30.06
O1P SEP I 4 13.20 2.60 -29.23
O2P SEP I 4 12.03 0.88 -30.84
O3P SEP I 4 10.60 2.19 -29.05
N LEU I 5 9.40 6.10 -31.16
CA LEU I 5 9.46 7.34 -30.41
C LEU I 5 10.73 7.43 -29.58
N ASP I 6 11.30 8.62 -29.48
CA ASP I 6 12.52 8.83 -28.70
C ASP I 6 12.24 9.69 -27.47
N SEP J 4 42.10 17.61 -22.42
CA SEP J 4 43.07 16.53 -22.37
CB SEP J 4 42.94 15.76 -21.04
OG SEP J 4 41.66 15.18 -20.90
C SEP J 4 42.89 15.57 -23.54
O SEP J 4 42.19 15.88 -24.51
P SEP J 4 41.55 14.43 -19.49
O1P SEP J 4 41.61 15.52 -18.30
O2P SEP J 4 42.78 13.39 -19.33
O3P SEP J 4 40.16 13.63 -19.40
N LEU J 5 43.55 14.41 -23.47
CA LEU J 5 43.50 13.42 -24.53
C LEU J 5 42.13 12.78 -24.65
N ASP J 6 41.94 12.00 -25.71
CA ASP J 6 40.68 11.31 -25.94
C ASP J 6 40.91 9.81 -26.12
N SEP K 4 7.10 -24.49 6.59
CA SEP K 4 7.12 -24.50 5.12
CB SEP K 4 8.03 -23.40 4.58
OG SEP K 4 8.02 -23.38 3.17
C SEP K 4 7.58 -25.86 4.60
O SEP K 4 7.63 -26.84 5.34
P SEP K 4 8.90 -22.16 2.59
O1P SEP K 4 8.59 -21.97 1.02
O2P SEP K 4 8.53 -20.80 3.38
O3P SEP K 4 10.47 -22.47 2.79
N LEU K 5 7.90 -25.92 3.31
CA LEU K 5 8.41 -27.14 2.70
C LEU K 5 9.91 -27.04 2.49
N ASP K 6 10.43 -27.79 1.52
CA ASP K 6 11.84 -27.77 1.20
C ASP K 6 12.12 -28.35 -0.19
N SEP L 4 42.58 -33.68 3.09
CA SEP L 4 43.35 -32.44 3.14
CB SEP L 4 43.26 -31.70 1.80
OG SEP L 4 41.94 -31.24 1.57
C SEP L 4 42.88 -31.55 4.27
O SEP L 4 41.84 -31.80 4.88
P SEP L 4 41.89 -30.37 0.22
O1P SEP L 4 40.45 -29.66 0.08
O2P SEP L 4 43.04 -29.24 0.26
O3P SEP L 4 42.14 -31.33 -1.05
N LEU L 5 43.64 -30.50 4.55
CA LEU L 5 43.29 -29.55 5.60
C LEU L 5 42.12 -28.67 5.18
N ASP L 6 41.10 -28.59 6.04
CA ASP L 6 39.92 -27.80 5.75
C ASP L 6 39.46 -27.03 6.98
N VAL M 1 -37.83 35.67 10.84
CA VAL M 1 -36.84 36.31 9.99
C VAL M 1 -35.51 36.44 10.73
N GLU M 2 -34.44 35.93 10.13
CA GLU M 2 -33.11 36.02 10.72
C GLU M 2 -32.46 37.33 10.28
N HIS M 3 -32.17 38.19 11.24
CA HIS M 3 -31.60 39.51 10.95
C HIS M 3 -30.10 39.53 11.18
N SEP M 4 -29.51 38.36 11.38
CA SEP M 4 -28.06 38.25 11.61
CB SEP M 4 -27.74 36.95 12.35
OG SEP M 4 -27.87 35.83 11.49
C SEP M 4 -27.29 38.32 10.30
O SEP M 4 -27.87 38.35 9.22
P SEP M 4 -27.81 34.47 12.33
O1P SEP M 4 -27.92 33.21 11.33
O2P SEP M 4 -29.05 34.43 13.36
O3P SEP M 4 -26.42 34.40 13.14
N LEU M 5 -25.97 38.34 10.41
CA LEU M 5 -25.11 38.31 9.23
C LEU M 5 -24.91 36.86 8.78
N ASP M 6 -25.29 36.57 7.55
CA ASP M 6 -25.17 35.23 7.00
C ASP M 6 -23.80 35.05 6.36
N ASN M 7 -23.13 33.95 6.70
CA ASN M 7 -21.82 33.64 6.14
C ASN M 7 -21.87 32.36 5.30
N GLU N 2 -28.04 19.24 -17.27
CA GLU N 2 -29.13 18.27 -17.18
C GLU N 2 -30.39 18.81 -17.84
N HIS N 3 -31.01 17.99 -18.69
CA HIS N 3 -32.22 18.38 -19.41
C HIS N 3 -33.36 17.40 -19.14
N SEP N 4 -33.27 16.67 -18.03
CA SEP N 4 -34.27 15.67 -17.68
CB SEP N 4 -33.65 14.59 -16.80
OG SEP N 4 -33.15 15.16 -15.60
C SEP N 4 -35.46 16.31 -16.96
O SEP N 4 -35.47 17.50 -16.66
P SEP N 4 -32.52 14.00 -14.67
O1P SEP N 4 -31.29 13.33 -15.44
O2P SEP N 4 -33.65 12.90 -14.35
O3P SEP N 4 -32.01 14.66 -13.30
N LEU N 5 -36.48 15.49 -16.70
CA LEU N 5 -37.67 15.95 -15.99
C LEU N 5 -37.36 16.15 -14.51
N ASP N 6 -36.95 17.36 -14.16
CA ASP N 6 -36.60 17.69 -12.78
C ASP N 6 -37.80 18.30 -12.05
#